data_4L0C
#
_entry.id   4L0C
#
_cell.length_a   89.412
_cell.length_b   87.268
_cell.length_c   130.879
_cell.angle_alpha   90.00
_cell.angle_beta   94.42
_cell.angle_gamma   90.00
#
_symmetry.space_group_name_H-M   'P 1 21 1'
#
loop_
_entity.id
_entity.type
_entity.pdbx_description
1 polymer Deformylase
2 non-polymer 'ACETIC ACID'
3 non-polymer DI(HYDROXYETHYL)ETHER
4 water water
#
_entity_poly.entity_id   1
_entity_poly.type   'polypeptide(L)'
_entity_poly.pdbx_seq_one_letter_code
;(MSE)KGYNVYANGIRQHIIHFPGTGSPLLLIPGITSPAVTWGFVAERLAKYFDVHVVDVRGRGLSESGDLDYSLDA
(MSE)ADDLVALAQR(MSE)EGVVVLGHA(MSE)GARIAIRAARKDSQVFSRLILVDPPVSGPGRRPYPAKWSWYAESIR
LAQRGCTA(MSE)E(MSE)RSYCPTWTDEQIELRAEWLHTCQYTAVKTAFDGFHTDDIHTDLAQLTLPIQLVVAGGAEVI
QPDDIAEIISLAPQTTTYVVEEAGH(MSE)IPWDNLEGFITAVSNR
;
_entity_poly.pdbx_strand_id   A,B,C,D,E,F,G,H
#
loop_
_chem_comp.id
_chem_comp.type
_chem_comp.name
_chem_comp.formula
ACY non-polymer 'ACETIC ACID' 'C2 H4 O2'
PEG non-polymer DI(HYDROXYETHYL)ETHER 'C4 H10 O3'
#
# COMPACT_ATOMS: atom_id res chain seq x y z
N MSE A 1 -10.52 24.68 -0.90
CA MSE A 1 -9.20 25.09 -0.44
C MSE A 1 -8.39 23.85 -0.29
O MSE A 1 -8.88 22.86 0.26
CB MSE A 1 -9.36 25.76 0.90
CG MSE A 1 -8.14 26.56 1.24
SE MSE A 1 -8.24 26.97 3.15
CE MSE A 1 -9.66 28.33 3.23
N LYS A 2 -7.16 23.87 -0.80
CA LYS A 2 -6.24 22.76 -0.59
C LYS A 2 -4.83 23.27 -0.35
N GLY A 3 -4.27 22.94 0.82
CA GLY A 3 -2.90 23.33 1.11
C GLY A 3 -1.86 22.34 0.61
N TYR A 4 -0.69 22.85 0.25
CA TYR A 4 0.40 21.98 -0.21
C TYR A 4 1.73 22.63 0.10
N ASN A 5 2.79 21.81 0.14
CA ASN A 5 4.12 22.34 0.41
C ASN A 5 5.03 22.12 -0.76
N VAL A 6 5.90 23.10 -1.00
CA VAL A 6 6.92 22.90 -2.00
CA VAL A 6 6.91 23.07 -2.06
C VAL A 6 8.28 23.16 -1.42
N TYR A 7 9.28 22.51 -2.02
CA TYR A 7 10.65 22.77 -1.63
C TYR A 7 11.25 23.72 -2.69
N ALA A 8 11.49 24.96 -2.30
CA ALA A 8 11.90 26.03 -3.23
C ALA A 8 12.74 27.06 -2.49
N ASN A 9 13.82 27.52 -3.12
CA ASN A 9 14.81 28.37 -2.43
C ASN A 9 15.37 27.74 -1.14
N GLY A 10 15.41 26.41 -1.13
CA GLY A 10 16.06 25.66 -0.06
C GLY A 10 15.25 25.60 1.22
N ILE A 11 13.98 26.01 1.16
CA ILE A 11 13.07 25.93 2.31
C ILE A 11 11.72 25.30 1.95
N ARG A 12 10.99 24.87 2.97
CA ARG A 12 9.63 24.43 2.79
C ARG A 12 8.70 25.65 2.74
N GLN A 13 8.03 25.83 1.60
CA GLN A 13 7.04 26.89 1.46
C GLN A 13 5.66 26.29 1.40
N HIS A 14 4.80 26.70 2.34
CA HIS A 14 3.42 26.23 2.40
C HIS A 14 2.54 27.20 1.63
N ILE A 15 1.66 26.64 0.80
CA ILE A 15 0.82 27.42 -0.11
C ILE A 15 -0.60 26.87 0.02
N ILE A 16 -1.60 27.76 -0.04
CA ILE A 16 -3.00 27.30 -0.06
C ILE A 16 -3.59 27.62 -1.43
N HIS A 17 -4.08 26.57 -2.10
CA HIS A 17 -4.69 26.72 -3.41
C HIS A 17 -6.18 26.94 -3.28
N PHE A 18 -6.67 28.02 -3.91
CA PHE A 18 -8.10 28.26 -4.05
C PHE A 18 -8.35 28.19 -5.53
N PRO A 19 -8.91 27.06 -5.99
CA PRO A 19 -8.89 26.81 -7.44
C PRO A 19 -9.78 27.74 -8.24
N GLY A 20 -9.27 28.10 -9.41
CA GLY A 20 -10.00 28.93 -10.37
C GLY A 20 -9.53 28.53 -11.76
N THR A 21 -10.22 29.00 -12.78
CA THR A 21 -9.88 28.67 -14.16
C THR A 21 -9.09 29.78 -14.86
N GLY A 22 -8.99 30.96 -14.23
CA GLY A 22 -8.29 32.10 -14.82
C GLY A 22 -6.77 32.01 -14.71
N SER A 23 -6.08 33.13 -14.93
CA SER A 23 -4.61 33.16 -14.86
C SER A 23 -4.14 32.80 -13.44
N PRO A 24 -2.99 32.13 -13.31
CA PRO A 24 -2.47 31.85 -11.96
C PRO A 24 -2.07 33.13 -11.24
N LEU A 25 -2.35 33.19 -9.95
CA LEU A 25 -2.02 34.33 -9.14
C LEU A 25 -1.35 33.85 -7.85
N LEU A 26 -0.22 34.45 -7.51
CA LEU A 26 0.44 34.19 -6.22
C LEU A 26 0.09 35.35 -5.33
N LEU A 27 -0.50 35.05 -4.17
CA LEU A 27 -0.92 36.09 -3.25
C LEU A 27 0.08 36.09 -2.09
N ILE A 28 0.78 37.21 -1.92
CA ILE A 28 1.78 37.38 -0.86
C ILE A 28 1.25 38.32 0.22
N PRO A 29 0.94 37.77 1.40
CA PRO A 29 0.34 38.62 2.45
C PRO A 29 1.33 39.51 3.20
N GLY A 30 0.77 40.24 4.17
CA GLY A 30 1.53 41.18 4.99
C GLY A 30 2.23 40.52 6.17
N ILE A 31 2.84 41.38 6.97
CA ILE A 31 3.80 41.00 8.00
C ILE A 31 3.35 39.92 9.00
N THR A 32 2.09 39.95 9.41
CA THR A 32 1.57 38.97 10.38
C THR A 32 0.30 38.27 9.87
N SER A 33 0.33 37.90 8.60
CA SER A 33 -0.84 37.36 7.94
C SER A 33 -0.53 36.01 7.30
N PRO A 34 -0.68 34.92 8.06
CA PRO A 34 -0.56 33.60 7.45
C PRO A 34 -1.57 33.44 6.30
N ALA A 35 -1.24 32.61 5.32
CA ALA A 35 -2.07 32.45 4.12
C ALA A 35 -3.54 32.24 4.43
N VAL A 36 -3.82 31.41 5.43
CA VAL A 36 -5.19 31.07 5.78
C VAL A 36 -6.04 32.31 6.10
N THR A 37 -5.40 33.37 6.63
CA THR A 37 -6.13 34.58 7.03
C THR A 37 -6.61 35.39 5.82
N TRP A 38 -6.10 35.04 4.64
CA TRP A 38 -6.55 35.64 3.36
C TRP A 38 -7.59 34.82 2.65
N GLY A 39 -8.06 33.75 3.30
CA GLY A 39 -9.00 32.83 2.67
C GLY A 39 -10.29 33.50 2.19
N PHE A 40 -10.84 34.39 3.02
CA PHE A 40 -12.09 35.06 2.67
C PHE A 40 -11.96 35.90 1.42
N VAL A 41 -10.75 36.39 1.16
CA VAL A 41 -10.48 37.18 -0.02
C VAL A 41 -10.17 36.26 -1.18
N ALA A 42 -9.32 35.27 -0.92
CA ALA A 42 -8.88 34.37 -1.97
C ALA A 42 -10.04 33.62 -2.61
N GLU A 43 -11.05 33.25 -1.83
CA GLU A 43 -12.17 32.50 -2.42
C GLU A 43 -12.93 33.40 -3.41
N ARG A 44 -12.98 34.71 -3.13
CA ARG A 44 -13.60 35.67 -4.04
C ARG A 44 -12.73 35.88 -5.27
N LEU A 45 -11.43 35.99 -5.07
CA LEU A 45 -10.52 36.20 -6.20
C LEU A 45 -10.48 34.99 -7.12
N ALA A 46 -10.78 33.80 -6.59
CA ALA A 46 -10.72 32.55 -7.36
C ALA A 46 -11.82 32.47 -8.41
N LYS A 47 -12.83 33.33 -8.30
CA LYS A 47 -13.80 33.44 -9.37
C LYS A 47 -13.11 33.91 -10.65
N TYR A 48 -11.99 34.63 -10.51
CA TYR A 48 -11.32 35.26 -11.66
C TYR A 48 -9.92 34.74 -11.99
N PHE A 49 -9.19 34.31 -10.97
CA PHE A 49 -7.81 33.85 -11.10
C PHE A 49 -7.73 32.45 -10.49
N ASP A 50 -6.67 31.71 -10.80
CA ASP A 50 -6.35 30.47 -10.08
C ASP A 50 -5.42 30.87 -8.94
N VAL A 51 -5.91 30.86 -7.70
CA VAL A 51 -5.23 31.57 -6.60
C VAL A 51 -4.38 30.67 -5.73
N HIS A 52 -3.13 31.10 -5.50
CA HIS A 52 -2.20 30.38 -4.63
C HIS A 52 -1.70 31.35 -3.59
N VAL A 53 -2.13 31.17 -2.34
CA VAL A 53 -1.79 32.09 -1.26
C VAL A 53 -0.60 31.54 -0.48
N VAL A 54 0.45 32.36 -0.35
CA VAL A 54 1.73 31.89 0.19
C VAL A 54 1.83 32.20 1.69
N ASP A 55 2.20 31.19 2.48
CA ASP A 55 2.75 31.43 3.82
C ASP A 55 4.19 31.89 3.60
N VAL A 56 4.48 33.15 3.87
CA VAL A 56 5.84 33.66 3.81
C VAL A 56 6.68 32.94 4.88
N ARG A 57 7.99 32.77 4.61
CA ARG A 57 8.86 32.11 5.58
C ARG A 57 8.69 32.75 6.98
N GLY A 58 8.70 31.91 8.00
CA GLY A 58 8.44 32.37 9.36
C GLY A 58 7.00 32.64 9.71
N ARG A 59 6.07 32.26 8.83
CA ARG A 59 4.62 32.40 9.11
C ARG A 59 3.89 31.09 8.76
N GLY A 60 2.78 30.85 9.46
CA GLY A 60 1.93 29.71 9.13
C GLY A 60 2.64 28.39 9.23
N LEU A 61 2.59 27.62 8.14
CA LEU A 61 3.24 26.30 8.11
C LEU A 61 4.52 26.29 7.29
N SER A 62 4.95 27.45 6.80
CA SER A 62 6.23 27.51 6.08
C SER A 62 7.43 27.40 7.04
N GLU A 63 8.57 27.06 6.46
CA GLU A 63 9.78 26.91 7.25
C GLU A 63 10.03 28.11 8.15
N SER A 64 10.44 27.84 9.40
CA SER A 64 10.76 28.89 10.36
C SER A 64 12.09 28.60 11.02
N GLY A 65 12.33 29.17 12.19
CA GLY A 65 13.61 28.95 12.87
C GLY A 65 14.64 30.00 12.50
N ASP A 66 15.92 29.63 12.52
CA ASP A 66 16.99 30.66 12.43
C ASP A 66 17.35 31.04 10.99
N LEU A 67 16.33 31.50 10.27
CA LEU A 67 16.43 31.81 8.84
C LEU A 67 16.78 33.27 8.61
N ASP A 68 17.20 33.58 7.39
CA ASP A 68 17.30 34.96 6.91
C ASP A 68 15.87 35.46 6.63
N TYR A 69 15.44 36.47 7.39
CA TYR A 69 14.07 37.00 7.21
C TYR A 69 14.08 38.36 6.53
N SER A 70 15.21 38.69 5.88
CA SER A 70 15.30 39.93 5.11
C SER A 70 14.41 39.92 3.87
N LEU A 71 14.16 41.11 3.35
CA LEU A 71 13.42 41.28 2.10
C LEU A 71 14.10 40.50 0.96
N ASP A 72 15.43 40.51 0.93
CA ASP A 72 16.17 39.75 -0.09
C ASP A 72 15.82 38.26 -0.10
N ALA A 73 15.83 37.64 1.08
CA ALA A 73 15.50 36.21 1.16
C ALA A 73 14.04 35.93 0.79
N MSE A 74 13.13 36.76 1.26
CA MSE A 74 11.71 36.54 0.96
C MSE A 74 11.49 36.74 -0.53
O MSE A 74 10.67 36.03 -1.14
CB MSE A 74 10.87 37.51 1.73
CG MSE A 74 11.09 37.14 3.15
SE MSE A 74 9.88 38.06 4.27
CE MSE A 74 10.56 39.90 4.15
N ALA A 75 12.20 37.68 -1.13
CA ALA A 75 12.14 37.90 -2.57
C ALA A 75 12.65 36.66 -3.33
N ASP A 76 13.79 36.11 -2.87
CA ASP A 76 14.32 34.89 -3.47
C ASP A 76 13.30 33.74 -3.39
N ASP A 77 12.59 33.66 -2.28
CA ASP A 77 11.58 32.62 -2.11
C ASP A 77 10.53 32.73 -3.21
N LEU A 78 10.07 33.97 -3.45
CA LEU A 78 9.01 34.24 -4.42
C LEU A 78 9.49 33.96 -5.86
N VAL A 79 10.69 34.42 -6.19
CA VAL A 79 11.29 34.07 -7.50
C VAL A 79 11.28 32.54 -7.72
N ALA A 80 11.70 31.79 -6.69
CA ALA A 80 11.75 30.34 -6.79
C ALA A 80 10.37 29.73 -7.02
N LEU A 81 9.34 30.25 -6.35
CA LEU A 81 7.99 29.75 -6.63
C LEU A 81 7.55 30.05 -8.04
N ALA A 82 7.79 31.29 -8.47
CA ALA A 82 7.26 31.77 -9.75
C ALA A 82 7.93 31.07 -10.93
N GLN A 83 9.16 30.62 -10.73
CA GLN A 83 9.91 29.87 -11.73
C GLN A 83 9.13 28.63 -12.19
N ARG A 84 8.32 28.08 -11.30
CA ARG A 84 7.53 26.88 -11.55
C ARG A 84 6.19 27.10 -12.25
N MSE A 85 5.79 28.35 -12.40
CA MSE A 85 4.50 28.67 -12.94
C MSE A 85 4.73 29.41 -14.25
O MSE A 85 5.83 29.84 -14.54
CB MSE A 85 3.70 29.49 -11.93
N GLU A 86 3.71 29.49 -15.08
CA GLU A 86 3.86 30.22 -16.34
C GLU A 86 3.04 31.48 -16.26
N GLY A 87 3.68 32.63 -16.43
CA GLY A 87 2.97 33.89 -16.49
C GLY A 87 2.18 34.28 -15.26
N VAL A 88 2.75 34.05 -14.11
CA VAL A 88 2.03 34.32 -12.88
C VAL A 88 1.84 35.80 -12.56
N VAL A 89 0.63 36.17 -12.12
CA VAL A 89 0.35 37.49 -11.56
C VAL A 89 0.73 37.45 -10.08
N VAL A 90 1.43 38.47 -9.60
CA VAL A 90 1.68 38.56 -8.15
C VAL A 90 0.87 39.68 -7.53
N LEU A 91 0.10 39.33 -6.50
CA LEU A 91 -0.59 40.30 -5.69
C LEU A 91 0.06 40.28 -4.32
N GLY A 92 0.69 41.41 -3.96
CA GLY A 92 1.38 41.52 -2.67
C GLY A 92 0.66 42.55 -1.83
N HIS A 93 0.40 42.20 -0.58
CA HIS A 93 -0.15 43.18 0.37
C HIS A 93 0.88 43.61 1.37
N ALA A 94 1.17 44.93 1.39
CA ALA A 94 1.98 45.55 2.44
C ALA A 94 3.41 45.02 2.37
N MSE A 95 3.85 44.28 3.39
CA MSE A 95 5.17 43.61 3.28
C MSE A 95 5.23 42.79 2.01
O MSE A 95 6.25 42.80 1.28
CB MSE A 95 5.42 42.74 4.51
CG MSE A 95 6.69 41.94 4.26
SE MSE A 95 7.00 40.52 5.59
CE MSE A 95 5.62 39.26 5.00
N GLY A 96 4.13 42.09 1.69
CA GLY A 96 4.06 41.27 0.47
C GLY A 96 4.23 42.08 -0.81
N ALA A 97 3.80 43.33 -0.82
CA ALA A 97 4.07 44.23 -1.97
C ALA A 97 5.57 44.58 -2.09
N ARG A 98 6.23 44.79 -0.94
CA ARG A 98 7.68 45.04 -0.93
C ARG A 98 8.41 43.81 -1.43
N ILE A 99 7.95 42.63 -1.03
CA ILE A 99 8.54 41.37 -1.52
C ILE A 99 8.40 41.29 -3.05
N ALA A 100 7.19 41.58 -3.54
CA ALA A 100 6.92 41.55 -4.97
C ALA A 100 7.84 42.49 -5.76
N ILE A 101 8.05 43.69 -5.23
CA ILE A 101 8.92 44.69 -5.89
C ILE A 101 10.34 44.16 -5.99
N ARG A 102 10.88 43.68 -4.86
CA ARG A 102 12.25 43.19 -4.88
CA ARG A 102 12.25 43.16 -4.82
C ARG A 102 12.41 41.93 -5.73
N ALA A 103 11.43 41.01 -5.67
CA ALA A 103 11.51 39.82 -6.49
C ALA A 103 11.52 40.14 -8.01
N ALA A 104 10.67 41.09 -8.40
CA ALA A 104 10.59 41.49 -9.81
C ALA A 104 11.87 42.17 -10.25
N ARG A 105 12.54 42.86 -9.32
CA ARG A 105 13.84 43.46 -9.67
C ARG A 105 14.86 42.35 -9.90
N LYS A 106 14.80 41.31 -9.07
CA LYS A 106 15.74 40.20 -9.17
C LYS A 106 15.53 39.40 -10.45
N ASP A 107 14.28 39.11 -10.80
CA ASP A 107 13.97 38.31 -11.99
C ASP A 107 12.56 38.63 -12.47
N SER A 108 12.44 39.60 -13.38
CA SER A 108 11.17 40.04 -13.94
CA SER A 108 11.12 39.98 -13.85
C SER A 108 10.55 39.01 -14.87
N GLN A 109 11.41 38.19 -15.47
CA GLN A 109 10.99 37.26 -16.51
C GLN A 109 9.93 36.26 -16.02
N VAL A 110 9.97 35.90 -14.74
CA VAL A 110 9.06 34.89 -14.21
C VAL A 110 7.68 35.44 -13.79
N PHE A 111 7.47 36.75 -13.86
CA PHE A 111 6.22 37.34 -13.44
C PHE A 111 5.56 38.00 -14.62
N SER A 112 4.24 37.92 -14.70
CA SER A 112 3.51 38.60 -15.77
CA SER A 112 3.54 38.61 -15.77
C SER A 112 3.30 40.08 -15.42
N ARG A 113 2.88 40.34 -14.20
CA ARG A 113 2.58 41.71 -13.75
C ARG A 113 2.46 41.71 -12.23
N LEU A 114 2.47 42.89 -11.63
CA LEU A 114 2.35 43.02 -10.19
C LEU A 114 1.13 43.83 -9.79
N ILE A 115 0.52 43.39 -8.71
CA ILE A 115 -0.54 44.18 -8.06
C ILE A 115 -0.01 44.48 -6.68
N LEU A 116 0.30 45.75 -6.42
CA LEU A 116 0.95 46.14 -5.18
C LEU A 116 -0.05 46.83 -4.29
N VAL A 117 -0.45 46.17 -3.19
CA VAL A 117 -1.50 46.69 -2.34
C VAL A 117 -0.93 47.33 -1.09
N ASP A 118 -1.01 48.66 -1.05
CA ASP A 118 -0.58 49.48 0.09
C ASP A 118 0.79 49.10 0.68
N PRO A 119 1.85 49.06 -0.16
CA PRO A 119 3.18 48.79 0.39
C PRO A 119 3.63 49.94 1.31
N PRO A 120 4.29 49.60 2.45
CA PRO A 120 5.00 50.67 3.15
C PRO A 120 5.96 51.36 2.17
N VAL A 121 6.02 52.68 2.25
CA VAL A 121 6.93 53.46 1.41
C VAL A 121 8.11 54.00 2.21
N SER A 122 8.23 53.49 3.42
CA SER A 122 9.39 53.77 4.26
C SER A 122 10.70 53.18 3.69
N GLY A 123 11.82 53.60 4.28
CA GLY A 123 13.14 53.14 3.86
C GLY A 123 14.17 54.17 4.32
N PRO A 124 15.44 53.94 3.97
CA PRO A 124 16.51 54.85 4.43
C PRO A 124 16.24 56.30 4.01
N GLY A 125 16.25 57.23 4.96
CA GLY A 125 16.01 58.65 4.73
C GLY A 125 14.56 59.01 4.43
N ARG A 126 13.65 58.04 4.60
CA ARG A 126 12.24 58.25 4.26
C ARG A 126 11.33 58.29 5.49
N ARG A 127 10.09 58.74 5.30
CA ARG A 127 9.07 58.76 6.34
C ARG A 127 8.93 57.34 6.92
N PRO A 128 8.99 57.22 8.26
CA PRO A 128 8.82 55.89 8.86
C PRO A 128 7.43 55.34 8.63
N TYR A 129 7.31 54.01 8.66
CA TYR A 129 6.01 53.35 8.55
C TYR A 129 5.10 53.72 9.74
N PRO A 130 3.88 54.22 9.47
CA PRO A 130 3.06 54.75 10.57
C PRO A 130 2.28 53.70 11.34
N ALA A 131 2.99 52.87 12.08
CA ALA A 131 2.39 51.84 12.91
C ALA A 131 3.22 51.67 14.16
N LYS A 132 2.57 51.30 15.26
CA LYS A 132 3.26 51.10 16.53
C LYS A 132 3.81 49.68 16.61
N TRP A 133 5.12 49.56 16.82
CA TRP A 133 5.73 48.25 16.98
C TRP A 133 5.06 47.45 18.08
N SER A 134 4.70 48.11 19.18
CA SER A 134 4.15 47.40 20.33
C SER A 134 2.88 46.59 20.02
N TRP A 135 2.10 47.03 19.03
CA TRP A 135 0.88 46.33 18.66
C TRP A 135 1.20 44.94 18.17
N TYR A 136 2.23 44.82 17.34
CA TYR A 136 2.65 43.51 16.86
C TYR A 136 3.27 42.69 17.99
N ALA A 137 4.16 43.31 18.75
CA ALA A 137 4.92 42.60 19.78
C ALA A 137 4.02 42.01 20.85
N GLU A 138 3.09 42.84 21.35
CA GLU A 138 2.22 42.43 22.46
C GLU A 138 1.22 41.37 22.01
N SER A 139 0.65 41.55 20.81
CA SER A 139 -0.33 40.57 20.31
C SER A 139 0.32 39.22 19.95
N ILE A 140 1.54 39.25 19.41
CA ILE A 140 2.25 37.99 19.11
C ILE A 140 2.54 37.21 20.42
N ARG A 141 3.02 37.89 21.45
CA ARG A 141 3.36 37.17 22.69
C ARG A 141 2.09 36.61 23.33
N LEU A 142 1.00 37.37 23.26
CA LEU A 142 -0.32 36.92 23.73
C LEU A 142 -0.76 35.65 23.01
N ALA A 143 -0.61 35.68 21.68
CA ALA A 143 -1.05 34.57 20.85
C ALA A 143 -0.18 33.34 21.11
N GLN A 144 1.12 33.55 21.29
CA GLN A 144 2.03 32.46 21.67
C GLN A 144 1.62 31.74 22.95
N ARG A 145 1.15 32.51 23.92
CA ARG A 145 0.70 31.91 25.19
C ARG A 145 -0.54 31.04 24.96
N GLY A 146 -1.42 31.50 24.10
CA GLY A 146 -2.71 30.89 23.87
C GLY A 146 -3.78 31.85 24.35
N CYS A 147 -4.56 32.36 23.43
CA CYS A 147 -5.55 33.37 23.78
C CYS A 147 -6.83 33.16 23.01
N THR A 148 -7.90 33.76 23.52
CA THR A 148 -9.21 33.64 22.92
C THR A 148 -9.40 34.71 21.86
N ALA A 149 -10.43 34.51 21.04
CA ALA A 149 -10.87 35.54 20.11
C ALA A 149 -11.19 36.84 20.85
N MSE A 150 -11.81 36.77 22.04
CA MSE A 150 -12.16 38.00 22.75
C MSE A 150 -10.92 38.74 23.20
O MSE A 150 -10.88 39.97 23.16
CB MSE A 150 -13.15 37.75 23.90
CG MSE A 150 -14.45 37.17 23.33
SE MSE A 150 -15.35 38.39 22.08
CE MSE A 150 -14.59 37.85 20.37
N GLU A 151 -9.87 38.01 23.60
CA GLU A 151 -8.62 38.66 23.95
C GLU A 151 -7.95 39.31 22.74
N MSE A 152 -8.04 38.65 21.58
CA MSE A 152 -7.43 39.18 20.37
C MSE A 152 -8.23 40.36 19.84
O MSE A 152 -7.69 41.23 19.19
CB MSE A 152 -7.24 38.07 19.32
CG MSE A 152 -6.62 38.48 17.97
SE MSE A 152 -4.75 39.15 18.12
CE MSE A 152 -3.99 37.49 18.84
N ARG A 153 -9.52 40.41 20.17
CA ARG A 153 -10.37 41.46 19.62
C ARG A 153 -9.90 42.89 20.00
N SER A 154 -9.17 43.02 21.11
CA SER A 154 -8.66 44.33 21.55
C SER A 154 -7.70 44.91 20.50
N TYR A 155 -7.01 44.02 19.80
CA TYR A 155 -6.05 44.42 18.75
C TYR A 155 -6.69 44.67 17.40
N CYS A 156 -7.75 43.93 17.10
CA CYS A 156 -8.46 44.12 15.82
C CYS A 156 -9.94 44.33 16.08
N PRO A 157 -10.29 45.44 16.75
CA PRO A 157 -11.69 45.58 17.19
C PRO A 157 -12.68 45.79 16.08
N THR A 158 -12.23 46.13 14.87
CA THR A 158 -13.16 46.40 13.76
C THR A 158 -13.41 45.17 12.87
N TRP A 159 -12.74 44.06 13.16
CA TRP A 159 -12.86 42.87 12.33
C TRP A 159 -14.09 42.04 12.65
N THR A 160 -14.41 41.09 11.77
CA THR A 160 -15.53 40.19 12.04
C THR A 160 -15.12 39.14 13.08
N ASP A 161 -16.13 38.51 13.69
CA ASP A 161 -15.87 37.47 14.67
C ASP A 161 -14.96 36.36 14.12
N GLU A 162 -15.25 35.91 12.90
CA GLU A 162 -14.50 34.84 12.27
C GLU A 162 -13.06 35.26 11.99
N GLN A 163 -12.88 36.50 11.55
CA GLN A 163 -11.53 37.00 11.29
C GLN A 163 -10.68 37.06 12.56
N ILE A 164 -11.28 37.53 13.65
CA ILE A 164 -10.62 37.59 14.94
C ILE A 164 -10.31 36.19 15.48
N GLU A 165 -11.25 35.26 15.34
CA GLU A 165 -11.01 33.88 15.80
C GLU A 165 -9.83 33.28 15.06
N LEU A 166 -9.78 33.53 13.76
CA LEU A 166 -8.70 32.99 12.95
C LEU A 166 -7.35 33.57 13.32
N ARG A 167 -7.32 34.88 13.64
CA ARG A 167 -6.09 35.52 14.07
C ARG A 167 -5.64 34.99 15.45
N ALA A 168 -6.59 34.82 16.37
CA ALA A 168 -6.26 34.19 17.65
C ALA A 168 -5.68 32.80 17.49
N GLU A 169 -6.16 32.08 16.48
CA GLU A 169 -5.70 30.72 16.20
C GLU A 169 -4.30 30.68 15.59
N TRP A 170 -4.00 31.60 14.68
CA TRP A 170 -2.82 31.51 13.80
C TRP A 170 -1.72 32.53 14.02
N LEU A 171 -1.98 33.60 14.78
CA LEU A 171 -0.97 34.66 14.90
C LEU A 171 0.34 34.14 15.47
N HIS A 172 0.26 33.18 16.39
CA HIS A 172 1.49 32.67 17.02
C HIS A 172 2.42 31.99 16.05
N THR A 173 1.91 31.61 14.86
CA THR A 173 2.78 31.00 13.86
C THR A 173 3.64 32.03 13.15
N CYS A 174 3.42 33.31 13.43
CA CYS A 174 4.27 34.39 12.89
C CYS A 174 5.43 34.58 13.86
N GLN A 175 6.56 33.98 13.53
CA GLN A 175 7.71 33.96 14.43
C GLN A 175 8.12 35.39 14.79
N TYR A 176 8.30 35.63 16.09
CA TYR A 176 8.61 37.00 16.57
C TYR A 176 9.83 37.60 15.86
N THR A 177 10.93 36.86 15.82
CA THR A 177 12.15 37.38 15.18
C THR A 177 11.92 37.69 13.69
N ALA A 178 11.07 36.90 13.04
CA ALA A 178 10.74 37.13 11.62
C ALA A 178 9.94 38.44 11.47
N VAL A 179 8.98 38.67 12.36
CA VAL A 179 8.13 39.86 12.29
C VAL A 179 8.94 41.13 12.63
N LYS A 180 9.78 41.04 13.67
CA LYS A 180 10.69 42.14 14.00
C LYS A 180 11.61 42.52 12.83
N THR A 181 12.17 41.51 12.17
CA THR A 181 13.05 41.71 11.02
C THR A 181 12.32 42.40 9.87
N ALA A 182 11.09 41.98 9.62
CA ALA A 182 10.30 42.60 8.57
C ALA A 182 10.00 44.06 8.90
N PHE A 183 9.68 44.36 10.16
CA PHE A 183 9.33 45.71 10.54
C PHE A 183 10.56 46.62 10.40
N ASP A 184 11.72 46.11 10.83
CA ASP A 184 12.97 46.84 10.59
C ASP A 184 13.24 47.00 9.11
N GLY A 185 12.94 45.97 8.32
CA GLY A 185 13.12 46.02 6.87
C GLY A 185 12.33 47.14 6.22
N PHE A 186 11.15 47.44 6.76
CA PHE A 186 10.38 48.56 6.25
C PHE A 186 11.23 49.82 6.30
N HIS A 187 12.16 49.86 7.25
CA HIS A 187 12.99 51.06 7.44
C HIS A 187 14.37 50.97 6.86
N THR A 188 14.89 49.76 6.72
CA THR A 188 16.26 49.57 6.23
C THR A 188 16.37 49.23 4.74
N ASP A 189 15.34 48.63 4.15
CA ASP A 189 15.34 48.31 2.71
C ASP A 189 14.87 49.50 1.88
N ASP A 190 15.52 49.71 0.74
CA ASP A 190 15.09 50.74 -0.20
C ASP A 190 14.36 50.02 -1.35
N ILE A 191 13.04 50.16 -1.38
CA ILE A 191 12.23 49.60 -2.48
C ILE A 191 12.10 50.59 -3.64
N HIS A 192 12.45 51.85 -3.40
CA HIS A 192 12.40 52.84 -4.47
C HIS A 192 13.47 52.67 -5.52
N THR A 193 14.66 52.28 -5.09
CA THR A 193 15.70 51.94 -6.06
CA THR A 193 15.76 51.90 -6.00
C THR A 193 15.34 50.66 -6.81
N ASP A 194 14.50 49.80 -6.23
CA ASP A 194 14.00 48.64 -6.97
C ASP A 194 12.95 49.06 -7.99
N LEU A 195 12.00 49.90 -7.58
CA LEU A 195 10.94 50.39 -8.47
C LEU A 195 11.51 51.04 -9.72
N ALA A 196 12.59 51.80 -9.53
CA ALA A 196 13.27 52.48 -10.62
C ALA A 196 13.77 51.53 -11.71
N GLN A 197 13.90 50.24 -11.38
CA GLN A 197 14.39 49.24 -12.34
C GLN A 197 13.31 48.37 -12.96
N LEU A 198 12.07 48.50 -12.49
CA LEU A 198 10.98 47.64 -12.94
C LEU A 198 10.33 48.17 -14.21
N THR A 199 10.15 47.27 -15.18
CA THR A 199 9.53 47.63 -16.45
C THR A 199 8.26 46.82 -16.76
N LEU A 200 7.96 45.80 -15.96
CA LEU A 200 6.71 45.01 -16.14
C LEU A 200 5.46 45.81 -15.69
N PRO A 201 4.24 45.37 -16.08
CA PRO A 201 3.05 46.12 -15.68
C PRO A 201 2.89 46.11 -14.16
N ILE A 202 2.50 47.26 -13.60
CA ILE A 202 2.28 47.44 -12.16
C ILE A 202 0.96 48.16 -11.93
N GLN A 203 0.10 47.57 -11.10
CA GLN A 203 -1.06 48.29 -10.55
C GLN A 203 -0.79 48.56 -9.09
N LEU A 204 -0.86 49.82 -8.70
CA LEU A 204 -0.72 50.22 -7.30
C LEU A 204 -2.11 50.41 -6.74
N VAL A 205 -2.43 49.69 -5.65
CA VAL A 205 -3.76 49.78 -5.03
C VAL A 205 -3.56 50.41 -3.65
N VAL A 206 -4.16 51.59 -3.45
CA VAL A 206 -3.87 52.42 -2.26
C VAL A 206 -5.05 52.39 -1.30
N ALA A 207 -4.76 52.23 -0.01
CA ALA A 207 -5.79 52.39 1.00
C ALA A 207 -6.00 53.89 1.22
N GLY A 208 -7.09 54.43 0.68
CA GLY A 208 -7.29 55.88 0.70
C GLY A 208 -7.47 56.46 2.09
N GLY A 209 -8.00 55.65 2.99
CA GLY A 209 -8.27 56.12 4.36
C GLY A 209 -7.07 55.93 5.30
N ALA A 210 -5.99 55.35 4.82
CA ALA A 210 -4.80 55.10 5.68
C ALA A 210 -3.75 56.17 5.38
N GLU A 211 -2.72 56.23 6.22
CA GLU A 211 -1.61 57.17 6.03
C GLU A 211 -0.36 56.47 5.51
N VAL A 212 -0.47 55.21 5.10
CA VAL A 212 0.69 54.44 4.63
C VAL A 212 1.25 55.07 3.36
N ILE A 213 0.36 55.44 2.45
CA ILE A 213 0.76 56.05 1.18
C ILE A 213 0.06 57.39 1.03
N GLN A 214 0.82 58.47 0.98
CA GLN A 214 0.26 59.80 0.83
C GLN A 214 0.31 60.17 -0.66
N PRO A 215 -0.44 61.20 -1.09
CA PRO A 215 -0.40 61.52 -2.52
C PRO A 215 0.99 61.76 -3.14
N ASP A 216 1.90 62.45 -2.43
CA ASP A 216 3.26 62.65 -2.97
C ASP A 216 4.05 61.35 -3.07
N ASP A 217 3.68 60.35 -2.28
CA ASP A 217 4.30 59.02 -2.39
C ASP A 217 3.84 58.33 -3.67
N ILE A 218 2.57 58.52 -4.05
CA ILE A 218 2.06 58.00 -5.33
C ILE A 218 2.83 58.66 -6.46
N ALA A 219 2.97 59.99 -6.40
CA ALA A 219 3.72 60.73 -7.41
C ALA A 219 5.17 60.21 -7.53
N GLU A 220 5.81 59.91 -6.40
CA GLU A 220 7.16 59.39 -6.49
C GLU A 220 7.21 58.03 -7.18
N ILE A 221 6.26 57.17 -6.83
CA ILE A 221 6.19 55.84 -7.45
C ILE A 221 6.02 55.97 -8.97
N ILE A 222 5.10 56.83 -9.40
CA ILE A 222 4.91 57.12 -10.84
C ILE A 222 6.19 57.61 -11.52
N SER A 223 6.89 58.50 -10.86
CA SER A 223 8.15 59.03 -11.42
C SER A 223 9.18 57.93 -11.62
N LEU A 224 9.16 56.94 -10.73
CA LEU A 224 10.13 55.87 -10.80
C LEU A 224 9.74 54.75 -11.76
N ALA A 225 8.44 54.46 -11.84
CA ALA A 225 7.91 53.39 -12.71
C ALA A 225 6.70 53.97 -13.45
N PRO A 226 6.96 54.71 -14.53
CA PRO A 226 5.91 55.48 -15.20
C PRO A 226 4.79 54.65 -15.84
N GLN A 227 4.97 53.34 -15.94
CA GLN A 227 3.92 52.47 -16.43
C GLN A 227 2.83 52.23 -15.39
N THR A 228 3.11 52.54 -14.13
CA THR A 228 2.22 52.19 -13.02
C THR A 228 0.85 52.83 -13.17
N THR A 229 -0.19 52.02 -13.00
CA THR A 229 -1.55 52.54 -12.85
C THR A 229 -1.92 52.51 -11.36
N THR A 230 -2.78 53.44 -10.95
CA THR A 230 -3.17 53.58 -9.54
C THR A 230 -4.67 53.46 -9.35
N TYR A 231 -5.07 52.62 -8.40
CA TYR A 231 -6.44 52.52 -7.97
C TYR A 231 -6.45 52.90 -6.50
N VAL A 232 -7.26 53.88 -6.13
CA VAL A 232 -7.38 54.24 -4.71
C VAL A 232 -8.72 53.71 -4.23
N VAL A 233 -8.69 52.81 -3.24
CA VAL A 233 -9.91 52.40 -2.55
C VAL A 233 -10.23 53.50 -1.54
N GLU A 234 -11.14 54.40 -1.90
CA GLU A 234 -11.33 55.61 -1.11
C GLU A 234 -11.85 55.25 0.26
N GLU A 235 -11.28 55.91 1.28
CA GLU A 235 -11.70 55.78 2.69
C GLU A 235 -11.33 54.47 3.37
N ALA A 236 -10.75 53.53 2.61
CA ALA A 236 -10.40 52.22 3.21
C ALA A 236 -9.10 52.27 4.00
N GLY A 237 -9.06 51.56 5.12
CA GLY A 237 -7.81 51.45 5.87
C GLY A 237 -6.83 50.49 5.26
N HIS A 238 -5.66 50.41 5.89
CA HIS A 238 -4.54 49.63 5.37
C HIS A 238 -4.87 48.17 5.13
N MSE A 239 -5.66 47.56 6.01
CA MSE A 239 -6.07 46.17 5.81
C MSE A 239 -7.29 46.22 4.92
O MSE A 239 -8.41 45.97 5.38
CB MSE A 239 -6.37 45.52 7.18
CG MSE A 239 -5.16 45.58 8.12
SE MSE A 239 -3.55 44.59 7.47
CE MSE A 239 -4.24 42.78 7.84
N ILE A 240 -7.09 46.55 3.64
CA ILE A 240 -8.22 46.95 2.78
C ILE A 240 -9.39 45.96 2.77
N PRO A 241 -9.13 44.65 2.53
CA PRO A 241 -10.31 43.76 2.43
C PRO A 241 -11.01 43.46 3.77
N TRP A 242 -10.35 43.76 4.88
CA TRP A 242 -11.01 43.73 6.18
C TRP A 242 -11.94 44.91 6.33
N ASP A 243 -11.53 46.08 5.84
CA ASP A 243 -12.36 47.30 5.97
C ASP A 243 -13.47 47.34 4.93
N ASN A 244 -13.14 46.93 3.70
CA ASN A 244 -14.06 47.05 2.58
C ASN A 244 -13.76 45.96 1.57
N LEU A 245 -14.31 44.78 1.82
CA LEU A 245 -14.06 43.62 0.97
C LEU A 245 -14.50 43.85 -0.48
N GLU A 246 -15.72 44.35 -0.65
CA GLU A 246 -16.22 44.55 -2.00
C GLU A 246 -15.38 45.58 -2.72
N GLY A 247 -14.96 46.62 -2.00
CA GLY A 247 -14.11 47.67 -2.58
C GLY A 247 -12.78 47.11 -3.06
N PHE A 248 -12.23 46.18 -2.29
CA PHE A 248 -10.97 45.56 -2.65
C PHE A 248 -11.13 44.69 -3.89
N ILE A 249 -12.18 43.86 -3.89
CA ILE A 249 -12.38 42.96 -5.02
C ILE A 249 -12.57 43.76 -6.31
N THR A 250 -13.33 44.85 -6.23
CA THR A 250 -13.53 45.75 -7.38
C THR A 250 -12.21 46.28 -7.91
N ALA A 251 -11.27 46.54 -7.00
CA ALA A 251 -9.99 47.13 -7.35
C ALA A 251 -9.12 46.18 -8.17
N VAL A 252 -9.23 44.89 -7.92
CA VAL A 252 -8.38 43.91 -8.59
C VAL A 252 -9.09 43.01 -9.62
N SER A 253 -10.32 43.33 -9.99
CA SER A 253 -11.06 42.58 -11.01
C SER A 253 -11.65 43.55 -12.03
N ASN A 254 -11.91 43.09 -13.25
CA ASN A 254 -12.33 43.95 -14.35
C ASN A 254 -11.44 45.18 -14.45
N ARG A 255 -10.13 44.96 -14.55
CA ARG A 255 -9.22 46.11 -14.69
C ARG A 255 -8.51 46.14 -16.04
N MSE B 1 -19.84 -56.49 8.75
CA MSE B 1 -18.55 -56.06 9.39
CA MSE B 1 -18.57 -56.06 9.39
C MSE B 1 -17.69 -57.28 9.59
O MSE B 1 -18.13 -58.28 10.17
CB MSE B 1 -18.81 -55.38 10.75
CB MSE B 1 -19.03 -55.42 10.69
CG MSE B 1 -17.55 -54.72 11.29
CG MSE B 1 -17.91 -54.85 11.54
SE MSE B 1 -17.71 -54.09 13.16
SE MSE B 1 -16.95 -56.36 12.33
CE MSE B 1 -16.39 -55.29 13.99
CE MSE B 1 -16.71 -55.62 14.14
N LYS B 2 -16.45 -57.21 9.09
CA LYS B 2 -15.51 -58.34 9.20
C LYS B 2 -14.10 -57.86 9.54
N GLY B 3 -13.65 -58.17 10.75
CA GLY B 3 -12.30 -57.77 11.15
C GLY B 3 -11.24 -58.76 10.70
N TYR B 4 -10.05 -58.27 10.40
CA TYR B 4 -8.96 -59.14 9.97
C TYR B 4 -7.61 -58.50 10.25
N ASN B 5 -6.57 -59.33 10.32
CA ASN B 5 -5.23 -58.81 10.56
C ASN B 5 -4.32 -59.05 9.38
N VAL B 6 -3.43 -58.09 9.15
CA VAL B 6 -2.43 -58.14 8.10
CA VAL B 6 -2.40 -58.28 8.14
C VAL B 6 -1.05 -57.98 8.73
N TYR B 7 -0.04 -58.63 8.17
CA TYR B 7 1.32 -58.38 8.57
C TYR B 7 1.90 -57.45 7.50
N ALA B 8 2.13 -56.19 7.88
CA ALA B 8 2.54 -55.15 6.94
C ALA B 8 3.39 -54.11 7.67
N ASN B 9 4.48 -53.67 7.03
CA ASN B 9 5.49 -52.83 7.70
C ASN B 9 6.05 -53.46 8.99
N GLY B 10 6.13 -54.78 9.02
CA GLY B 10 6.75 -55.48 10.12
C GLY B 10 5.91 -55.60 11.39
N ILE B 11 4.64 -55.20 11.31
CA ILE B 11 3.73 -55.27 12.47
C ILE B 11 2.37 -55.88 12.08
N ARG B 12 1.62 -56.31 13.10
CA ARG B 12 0.24 -56.74 12.94
C ARG B 12 -0.67 -55.52 12.89
N GLN B 13 -1.34 -55.33 11.75
CA GLN B 13 -2.29 -54.22 11.59
C GLN B 13 -3.69 -54.83 11.49
N HIS B 14 -4.57 -54.42 12.41
CA HIS B 14 -5.94 -54.89 12.47
C HIS B 14 -6.79 -53.94 11.71
N ILE B 15 -7.66 -54.51 10.86
CA ILE B 15 -8.50 -53.74 9.95
C ILE B 15 -9.93 -54.25 10.09
N ILE B 16 -10.91 -53.35 9.98
CA ILE B 16 -12.30 -53.78 9.93
C ILE B 16 -12.88 -53.46 8.55
N HIS B 17 -13.35 -54.52 7.87
CA HIS B 17 -13.91 -54.40 6.54
C HIS B 17 -15.41 -54.21 6.61
N PHE B 18 -15.89 -53.12 5.99
CA PHE B 18 -17.31 -52.90 5.77
C PHE B 18 -17.51 -52.92 4.26
N PRO B 19 -17.95 -54.07 3.71
CA PRO B 19 -17.92 -54.23 2.26
C PRO B 19 -18.86 -53.30 1.52
N GLY B 20 -18.41 -52.88 0.35
CA GLY B 20 -19.15 -51.98 -0.55
C GLY B 20 -18.68 -52.22 -1.96
N THR B 21 -19.40 -51.69 -2.95
CA THR B 21 -19.04 -51.97 -4.35
C THR B 21 -18.11 -50.95 -4.99
N GLY B 22 -17.95 -49.79 -4.37
CA GLY B 22 -17.12 -48.72 -4.93
C GLY B 22 -15.61 -48.93 -4.81
N SER B 23 -14.88 -47.82 -4.93
CA SER B 23 -13.43 -47.85 -4.82
CA SER B 23 -13.43 -47.83 -4.81
C SER B 23 -13.04 -48.27 -3.40
N PRO B 24 -11.90 -48.98 -3.27
CA PRO B 24 -11.45 -49.30 -1.91
C PRO B 24 -11.06 -48.02 -1.18
N LEU B 25 -11.42 -47.96 0.09
CA LEU B 25 -11.07 -46.82 0.92
C LEU B 25 -10.43 -47.32 2.22
N LEU B 26 -9.29 -46.76 2.55
CA LEU B 26 -8.64 -46.95 3.86
C LEU B 26 -9.03 -45.77 4.72
N LEU B 27 -9.69 -46.05 5.85
CA LEU B 27 -10.09 -45.02 6.80
C LEU B 27 -9.12 -45.03 7.98
N ILE B 28 -8.42 -43.91 8.16
CA ILE B 28 -7.43 -43.76 9.22
C ILE B 28 -7.97 -42.80 10.27
N PRO B 29 -8.35 -43.35 11.45
CA PRO B 29 -8.95 -42.51 12.50
C PRO B 29 -7.96 -41.62 13.23
N GLY B 30 -8.50 -40.88 14.20
CA GLY B 30 -7.73 -39.95 15.02
C GLY B 30 -7.06 -40.60 16.21
N ILE B 31 -6.45 -39.76 17.02
CA ILE B 31 -5.47 -40.12 18.05
C ILE B 31 -5.92 -41.20 19.05
N THR B 32 -7.19 -41.15 19.46
CA THR B 32 -7.73 -42.11 20.41
C THR B 32 -8.98 -42.82 19.89
N SER B 33 -8.96 -43.18 18.62
CA SER B 33 -10.13 -43.74 17.97
C SER B 33 -9.82 -45.09 17.32
N PRO B 34 -9.96 -46.18 18.09
CA PRO B 34 -9.86 -47.51 17.48
C PRO B 34 -10.88 -47.67 16.34
N ALA B 35 -10.55 -48.51 15.37
CA ALA B 35 -11.38 -48.70 14.17
C ALA B 35 -12.86 -48.93 14.49
N VAL B 36 -13.13 -49.70 15.55
CA VAL B 36 -14.50 -50.05 15.87
C VAL B 36 -15.34 -48.79 16.17
N THR B 37 -14.69 -47.73 16.65
CA THR B 37 -15.43 -46.53 17.05
C THR B 37 -15.92 -45.75 15.81
N TRP B 38 -15.39 -46.11 14.64
CA TRP B 38 -15.84 -45.54 13.37
C TRP B 38 -16.88 -46.39 12.64
N GLY B 39 -17.31 -47.48 13.26
CA GLY B 39 -18.26 -48.41 12.67
C GLY B 39 -19.55 -47.74 12.19
N PHE B 40 -20.08 -46.82 12.99
CA PHE B 40 -21.36 -46.18 12.67
C PHE B 40 -21.23 -45.33 11.41
N VAL B 41 -20.02 -44.83 11.17
CA VAL B 41 -19.74 -44.05 9.97
C VAL B 41 -19.49 -44.98 8.80
N ALA B 42 -18.68 -46.02 9.03
CA ALA B 42 -18.25 -46.90 7.96
C ALA B 42 -19.42 -47.64 7.33
N GLU B 43 -20.41 -47.99 8.15
CA GLU B 43 -21.61 -48.67 7.70
C GLU B 43 -22.27 -47.80 6.62
N ARG B 44 -22.26 -46.49 6.86
CA ARG B 44 -22.88 -45.54 5.93
C ARG B 44 -22.02 -45.29 4.71
N LEU B 45 -20.70 -45.23 4.91
CA LEU B 45 -19.78 -44.96 3.80
C LEU B 45 -19.69 -46.13 2.83
N ALA B 46 -20.08 -47.31 3.28
CA ALA B 46 -20.06 -48.52 2.44
C ALA B 46 -21.03 -48.43 1.24
N LYS B 47 -21.94 -47.46 1.27
CA LYS B 47 -22.78 -47.13 0.12
C LYS B 47 -21.93 -46.60 -1.06
N TYR B 48 -20.79 -46.00 -0.74
CA TYR B 48 -20.01 -45.26 -1.74
C TYR B 48 -18.63 -45.85 -2.00
N PHE B 49 -18.09 -46.56 -1.01
CA PHE B 49 -16.73 -47.11 -1.05
C PHE B 49 -16.72 -48.55 -0.51
N ASP B 50 -15.66 -49.30 -0.81
CA ASP B 50 -15.41 -50.57 -0.12
C ASP B 50 -14.51 -50.21 1.07
N VAL B 51 -15.07 -50.22 2.28
CA VAL B 51 -14.44 -49.53 3.41
C VAL B 51 -13.58 -50.45 4.28
N HIS B 52 -12.34 -50.02 4.52
CA HIS B 52 -11.42 -50.73 5.42
C HIS B 52 -10.94 -49.78 6.46
N VAL B 53 -11.45 -49.91 7.69
CA VAL B 53 -11.11 -49.00 8.78
C VAL B 53 -9.90 -49.57 9.54
N VAL B 54 -8.87 -48.74 9.68
CA VAL B 54 -7.59 -49.22 10.25
C VAL B 54 -7.49 -48.92 11.75
N ASP B 55 -7.08 -49.93 12.55
CA ASP B 55 -6.56 -49.67 13.89
C ASP B 55 -5.10 -49.23 13.69
N VAL B 56 -4.82 -47.97 13.97
CA VAL B 56 -3.46 -47.47 13.88
C VAL B 56 -2.60 -48.17 14.98
N ARG B 57 -1.32 -48.35 14.70
CA ARG B 57 -0.45 -49.02 15.68
C ARG B 57 -0.62 -48.37 17.06
N GLY B 58 -0.62 -49.22 18.09
CA GLY B 58 -0.88 -48.74 19.45
C GLY B 58 -2.33 -48.47 19.81
N ARG B 59 -3.26 -48.82 18.90
CA ARG B 59 -4.70 -48.70 19.18
C ARG B 59 -5.44 -50.00 18.84
N GLY B 60 -6.53 -50.26 19.55
CA GLY B 60 -7.45 -51.36 19.21
C GLY B 60 -6.74 -52.70 19.29
N LEU B 61 -6.82 -53.46 18.20
CA LEU B 61 -6.17 -54.77 18.18
C LEU B 61 -4.87 -54.78 17.40
N SER B 62 -4.42 -53.62 16.93
CA SER B 62 -3.14 -53.60 16.20
C SER B 62 -1.95 -53.74 17.15
N GLU B 63 -0.80 -54.07 16.58
CA GLU B 63 0.41 -54.24 17.39
C GLU B 63 0.69 -53.04 18.29
N SER B 64 1.09 -53.32 19.54
CA SER B 64 1.38 -52.27 20.50
C SER B 64 2.74 -52.55 21.15
N GLY B 65 2.97 -51.98 22.32
CA GLY B 65 4.26 -52.18 22.99
C GLY B 65 5.29 -51.12 22.63
N ASP B 66 6.58 -51.48 22.65
CA ASP B 66 7.65 -50.46 22.54
CA ASP B 66 7.69 -50.52 22.52
C ASP B 66 8.00 -50.11 21.08
N LEU B 67 6.97 -49.74 20.32
CA LEU B 67 7.09 -49.39 18.91
C LEU B 67 7.44 -47.93 18.69
N ASP B 68 7.86 -47.62 17.47
CA ASP B 68 7.96 -46.24 17.00
C ASP B 68 6.54 -45.73 16.70
N TYR B 69 6.10 -44.73 17.49
CA TYR B 69 4.76 -44.14 17.29
C TYR B 69 4.78 -42.79 16.61
N SER B 70 5.90 -42.49 15.95
CA SER B 70 6.03 -41.25 15.19
C SER B 70 5.12 -41.25 13.96
N LEU B 71 4.87 -40.07 13.45
CA LEU B 71 4.12 -39.90 12.21
C LEU B 71 4.82 -40.66 11.08
N ASP B 72 6.15 -40.66 11.06
CA ASP B 72 6.89 -41.41 10.05
C ASP B 72 6.54 -42.90 10.02
N ALA B 73 6.52 -43.51 11.21
CA ALA B 73 6.23 -44.94 11.28
C ALA B 73 4.78 -45.24 10.89
N MSE B 74 3.86 -44.39 11.36
CA MSE B 74 2.44 -44.59 11.03
C MSE B 74 2.20 -44.42 9.54
O MSE B 74 1.40 -45.16 8.94
CB MSE B 74 1.63 -43.60 11.84
CG MSE B 74 1.84 -44.01 13.26
SE MSE B 74 0.62 -43.09 14.37
CE MSE B 74 1.26 -41.25 14.24
N ALA B 75 2.92 -43.47 8.95
CA ALA B 75 2.84 -43.28 7.50
C ALA B 75 3.38 -44.51 6.77
N ASP B 76 4.50 -45.06 7.24
CA ASP B 76 5.05 -46.28 6.65
C ASP B 76 4.04 -47.43 6.72
N ASP B 77 3.30 -47.52 7.83
CA ASP B 77 2.28 -48.56 7.96
C ASP B 77 1.25 -48.42 6.86
N LEU B 78 0.82 -47.18 6.60
CA LEU B 78 -0.23 -46.92 5.64
C LEU B 78 0.26 -47.21 4.21
N VAL B 79 1.48 -46.78 3.90
CA VAL B 79 2.08 -47.08 2.58
C VAL B 79 2.06 -48.60 2.36
N ALA B 80 2.42 -49.35 3.41
CA ALA B 80 2.47 -50.81 3.32
C ALA B 80 1.09 -51.43 3.08
N LEU B 81 0.05 -50.89 3.72
CA LEU B 81 -1.30 -51.36 3.44
C LEU B 81 -1.70 -51.05 2.01
N ALA B 82 -1.42 -49.81 1.58
CA ALA B 82 -1.90 -49.34 0.29
C ALA B 82 -1.26 -50.08 -0.88
N GLN B 83 -0.05 -50.56 -0.67
CA GLN B 83 0.68 -51.34 -1.68
C GLN B 83 -0.11 -52.55 -2.11
N ARG B 84 -0.96 -53.03 -1.23
CA ARG B 84 -1.73 -54.24 -1.48
C ARG B 84 -3.10 -54.00 -2.16
N MSE B 85 -3.53 -52.88 -2.34
CA MSE B 85 -4.76 -52.37 -2.88
C MSE B 85 -4.57 -51.43 -4.02
O MSE B 85 -4.57 -50.23 -3.69
CB MSE B 85 -5.48 -51.62 -1.80
CG MSE B 85 -5.37 -52.45 -0.56
SE MSE B 85 -6.66 -51.67 0.66
CE MSE B 85 -8.19 -52.72 0.11
N GLU B 86 -5.36 -51.75 -4.98
CA GLU B 86 -5.28 -50.92 -6.18
C GLU B 86 -6.15 -49.67 -6.14
N GLY B 87 -5.55 -48.51 -6.40
CA GLY B 87 -6.29 -47.25 -6.51
C GLY B 87 -6.99 -46.81 -5.23
N VAL B 88 -6.37 -47.09 -4.09
CA VAL B 88 -7.07 -46.87 -2.82
C VAL B 88 -7.25 -45.38 -2.52
N VAL B 89 -8.42 -45.02 -2.02
CA VAL B 89 -8.71 -43.69 -1.49
C VAL B 89 -8.39 -43.70 0.01
N VAL B 90 -7.71 -42.67 0.50
CA VAL B 90 -7.47 -42.60 1.96
C VAL B 90 -8.31 -41.49 2.57
N LEU B 91 -9.09 -41.83 3.60
CA LEU B 91 -9.79 -40.84 4.37
C LEU B 91 -9.13 -40.84 5.74
N GLY B 92 -8.51 -39.73 6.10
CA GLY B 92 -7.82 -39.61 7.39
C GLY B 92 -8.56 -38.58 8.21
N HIS B 93 -8.87 -38.92 9.47
CA HIS B 93 -9.40 -37.94 10.41
C HIS B 93 -8.36 -37.50 11.40
N ALA B 94 -8.11 -36.18 11.42
CA ALA B 94 -7.27 -35.55 12.45
C ALA B 94 -5.84 -36.10 12.40
N MSE B 95 -5.43 -36.85 13.43
CA MSE B 95 -4.13 -37.53 13.36
C MSE B 95 -4.06 -38.33 12.10
O MSE B 95 -3.04 -38.30 11.42
CB MSE B 95 -3.90 -38.43 14.59
CG MSE B 95 -2.55 -39.12 14.36
SE MSE B 95 -2.29 -40.57 15.66
CE MSE B 95 -3.62 -41.83 15.02
N GLY B 96 -5.13 -39.03 11.74
CA GLY B 96 -5.20 -39.83 10.50
C GLY B 96 -4.97 -39.03 9.24
N ALA B 97 -5.42 -37.77 9.22
CA ALA B 97 -5.15 -36.88 8.08
C ALA B 97 -3.67 -36.54 7.98
N ARG B 98 -3.02 -36.32 9.13
CA ARG B 98 -1.58 -36.07 9.16
C ARG B 98 -0.82 -37.31 8.69
N ILE B 99 -1.27 -38.48 9.11
CA ILE B 99 -0.70 -39.73 8.60
C ILE B 99 -0.83 -39.83 7.07
N ALA B 100 -2.02 -39.50 6.56
CA ALA B 100 -2.25 -39.58 5.11
C ALA B 100 -1.31 -38.64 4.35
N ILE B 101 -1.13 -37.44 4.88
CA ILE B 101 -0.27 -36.43 4.26
C ILE B 101 1.16 -36.93 4.15
N ARG B 102 1.71 -37.42 5.25
CA ARG B 102 3.07 -37.94 5.21
CA ARG B 102 3.07 -37.96 5.28
C ARG B 102 3.21 -39.21 4.39
N ALA B 103 2.20 -40.10 4.44
CA ALA B 103 2.24 -41.30 3.61
C ALA B 103 2.28 -40.97 2.12
N ALA B 104 1.46 -40.00 1.70
CA ALA B 104 1.43 -39.60 0.29
C ALA B 104 2.73 -38.93 -0.12
N ARG B 105 3.37 -38.23 0.80
CA ARG B 105 4.68 -37.65 0.49
C ARG B 105 5.73 -38.75 0.28
N LYS B 106 5.65 -39.79 1.11
CA LYS B 106 6.58 -40.93 0.99
C LYS B 106 6.40 -41.73 -0.29
N ASP B 107 5.16 -42.01 -0.68
CA ASP B 107 4.89 -42.80 -1.87
C ASP B 107 3.50 -42.48 -2.37
N SER B 108 3.43 -41.51 -3.28
CA SER B 108 2.16 -41.06 -3.84
CA SER B 108 2.13 -41.10 -3.80
C SER B 108 1.53 -42.09 -4.77
N GLN B 109 2.38 -42.92 -5.37
CA GLN B 109 1.95 -43.88 -6.39
C GLN B 109 0.89 -44.88 -5.93
N VAL B 110 0.88 -45.19 -4.63
CA VAL B 110 -0.02 -46.23 -4.13
C VAL B 110 -1.39 -45.70 -3.72
N PHE B 111 -1.57 -44.39 -3.75
CA PHE B 111 -2.84 -43.77 -3.37
C PHE B 111 -3.48 -43.11 -4.57
N SER B 112 -4.80 -43.23 -4.67
CA SER B 112 -5.53 -42.53 -5.72
CA SER B 112 -5.51 -42.53 -5.74
C SER B 112 -5.79 -41.06 -5.39
N ARG B 113 -6.23 -40.81 -4.16
CA ARG B 113 -6.52 -39.44 -3.70
C ARG B 113 -6.69 -39.43 -2.18
N LEU B 114 -6.71 -38.25 -1.60
CA LEU B 114 -6.83 -38.10 -0.17
C LEU B 114 -8.06 -37.30 0.22
N ILE B 115 -8.69 -37.74 1.29
CA ILE B 115 -9.75 -36.99 1.95
C ILE B 115 -9.21 -36.69 3.33
N LEU B 116 -8.90 -35.42 3.59
CA LEU B 116 -8.29 -35.01 4.85
C LEU B 116 -9.30 -34.31 5.72
N VAL B 117 -9.72 -34.97 6.79
CA VAL B 117 -10.74 -34.37 7.64
C VAL B 117 -10.13 -33.78 8.92
N ASP B 118 -10.25 -32.47 8.99
CA ASP B 118 -9.83 -31.66 10.14
C ASP B 118 -8.44 -32.03 10.70
N PRO B 119 -7.39 -32.09 9.85
CA PRO B 119 -6.05 -32.30 10.42
C PRO B 119 -5.63 -31.16 11.34
N PRO B 120 -4.99 -31.50 12.48
CA PRO B 120 -4.29 -30.44 13.21
C PRO B 120 -3.31 -29.75 12.24
N VAL B 121 -3.25 -28.42 12.31
CA VAL B 121 -2.33 -27.66 11.47
C VAL B 121 -1.15 -27.09 12.29
N SER B 122 -1.02 -27.61 13.49
CA SER B 122 0.12 -27.32 14.35
C SER B 122 1.43 -27.88 13.78
N GLY B 123 2.54 -27.44 14.34
CA GLY B 123 3.87 -27.94 13.97
C GLY B 123 4.92 -26.94 14.44
N PRO B 124 6.19 -27.16 14.05
CA PRO B 124 7.24 -26.24 14.54
C PRO B 124 6.97 -24.79 14.13
N GLY B 125 6.87 -23.91 15.13
CA GLY B 125 6.65 -22.49 14.90
C GLY B 125 5.23 -22.11 14.57
N ARG B 126 4.31 -23.04 14.74
CA ARG B 126 2.91 -22.84 14.35
C ARG B 126 2.01 -22.82 15.57
N ARG B 127 0.78 -22.34 15.38
CA ARG B 127 -0.22 -22.30 16.43
C ARG B 127 -0.39 -23.72 16.98
N PRO B 128 -0.33 -23.86 18.32
CA PRO B 128 -0.54 -25.20 18.87
C PRO B 128 -1.95 -25.76 18.64
N TYR B 129 -2.07 -27.08 18.69
CA TYR B 129 -3.35 -27.74 18.60
C TYR B 129 -4.21 -27.34 19.80
N PRO B 130 -5.43 -26.83 19.55
CA PRO B 130 -6.27 -26.30 20.64
C PRO B 130 -7.03 -27.39 21.40
N ALA B 131 -6.28 -28.29 22.04
CA ALA B 131 -6.87 -29.30 22.93
C ALA B 131 -5.99 -29.42 24.17
N LYS B 132 -6.60 -29.78 25.29
CA LYS B 132 -5.86 -30.00 26.52
C LYS B 132 -5.37 -31.43 26.60
N TRP B 133 -4.07 -31.57 26.84
CA TRP B 133 -3.47 -32.89 26.99
C TRP B 133 -4.13 -33.67 28.11
N SER B 134 -4.47 -33.00 29.20
CA SER B 134 -5.07 -33.68 30.35
C SER B 134 -6.34 -34.46 30.03
N TRP B 135 -7.09 -33.98 29.05
CA TRP B 135 -8.32 -34.66 28.64
C TRP B 135 -8.02 -36.06 28.18
N TYR B 136 -6.96 -36.20 27.39
CA TYR B 136 -6.52 -37.51 26.90
C TYR B 136 -5.89 -38.32 28.03
N ALA B 137 -4.98 -37.70 28.79
CA ALA B 137 -4.24 -38.43 29.82
C ALA B 137 -5.15 -39.01 30.90
N GLU B 138 -6.06 -38.18 31.39
CA GLU B 138 -6.95 -38.61 32.47
C GLU B 138 -7.95 -39.66 32.01
N SER B 139 -8.52 -39.46 30.83
CA SER B 139 -9.51 -40.40 30.33
C SER B 139 -8.88 -41.76 30.00
N ILE B 140 -7.65 -41.75 29.49
CA ILE B 140 -6.97 -43.02 29.20
C ILE B 140 -6.68 -43.78 30.48
N ARG B 141 -6.14 -43.10 31.49
CA ARG B 141 -5.83 -43.77 32.77
C ARG B 141 -7.11 -44.33 33.39
N LEU B 142 -8.21 -43.57 33.31
CA LEU B 142 -9.51 -44.04 33.81
C LEU B 142 -9.97 -45.31 33.08
N ALA B 143 -9.82 -45.32 31.75
CA ALA B 143 -10.26 -46.43 30.93
C ALA B 143 -9.36 -47.66 31.19
N GLN B 144 -8.07 -47.42 31.39
CA GLN B 144 -7.14 -48.52 31.73
C GLN B 144 -7.55 -49.25 33.01
N ARG B 145 -7.97 -48.49 34.02
CA ARG B 145 -8.46 -49.06 35.28
C ARG B 145 -9.71 -49.91 35.06
N GLY B 146 -10.59 -49.44 34.18
CA GLY B 146 -11.87 -50.05 33.97
C GLY B 146 -12.93 -49.08 34.47
N CYS B 147 -13.68 -48.53 33.54
CA CYS B 147 -14.68 -47.51 33.88
C CYS B 147 -15.99 -47.73 33.15
N THR B 148 -17.07 -47.15 33.70
CA THR B 148 -18.39 -47.24 33.07
C THR B 148 -18.58 -46.19 32.00
N ALA B 149 -19.61 -46.40 31.18
CA ALA B 149 -20.08 -45.39 30.25
C ALA B 149 -20.36 -44.06 30.97
N MSE B 150 -21.00 -44.13 32.14
CA MSE B 150 -21.31 -42.89 32.88
C MSE B 150 -20.06 -42.14 33.31
O MSE B 150 -20.02 -40.91 33.27
CB MSE B 150 -22.29 -43.13 34.03
CG MSE B 150 -23.62 -43.68 33.48
SE MSE B 150 -24.45 -42.43 32.19
CE MSE B 150 -23.85 -43.22 30.50
N GLU B 151 -19.00 -42.86 33.68
CA GLU B 151 -17.75 -42.20 34.02
C GLU B 151 -17.10 -41.57 32.79
N MSE B 152 -17.21 -42.23 31.66
CA MSE B 152 -16.61 -41.72 30.42
C MSE B 152 -17.38 -40.55 29.88
O MSE B 152 -16.86 -39.71 29.17
CB MSE B 152 -16.46 -42.86 29.40
CG MSE B 152 -15.83 -42.43 28.06
SE MSE B 152 -13.94 -41.83 28.15
CE MSE B 152 -13.20 -43.49 28.94
N ARG B 153 -18.67 -40.47 30.22
CA ARG B 153 -19.51 -39.42 29.68
C ARG B 153 -19.04 -38.01 30.05
N SER B 154 -18.30 -37.88 31.16
CA SER B 154 -17.77 -36.57 31.59
C SER B 154 -16.83 -36.01 30.52
N TYR B 155 -16.17 -36.91 29.80
CA TYR B 155 -15.24 -36.55 28.73
C TYR B 155 -15.89 -36.32 27.38
N CYS B 156 -16.97 -37.05 27.10
CA CYS B 156 -17.66 -36.90 25.82
C CYS B 156 -19.15 -36.67 26.09
N PRO B 157 -19.49 -35.54 26.73
CA PRO B 157 -20.88 -35.36 27.20
C PRO B 157 -21.90 -35.17 26.08
N THR B 158 -21.45 -34.85 24.86
CA THR B 158 -22.39 -34.61 23.77
C THR B 158 -22.67 -35.86 22.90
N TRP B 159 -21.99 -36.96 23.18
CA TRP B 159 -22.13 -38.17 22.38
C TRP B 159 -23.37 -38.97 22.70
N THR B 160 -23.70 -39.94 21.85
CA THR B 160 -24.82 -40.85 22.13
C THR B 160 -24.41 -41.86 23.19
N ASP B 161 -25.40 -42.48 23.83
CA ASP B 161 -25.16 -43.53 24.81
C ASP B 161 -24.24 -44.62 24.26
N GLU B 162 -24.52 -45.07 23.05
CA GLU B 162 -23.78 -46.19 22.47
C GLU B 162 -22.35 -45.79 22.16
N GLN B 163 -22.16 -44.56 21.67
CA GLN B 163 -20.81 -44.07 21.39
C GLN B 163 -19.97 -43.98 22.66
N ILE B 164 -20.59 -43.52 23.75
CA ILE B 164 -19.90 -43.40 25.02
C ILE B 164 -19.56 -44.79 25.59
N GLU B 165 -20.50 -45.72 25.50
CA GLU B 165 -20.28 -47.09 25.97
C GLU B 165 -19.10 -47.69 25.22
N LEU B 166 -19.07 -47.48 23.91
CA LEU B 166 -18.02 -48.06 23.10
C LEU B 166 -16.66 -47.45 23.45
N ARG B 167 -16.62 -46.15 23.72
CA ARG B 167 -15.36 -45.53 24.16
C ARG B 167 -14.90 -46.05 25.53
N ALA B 168 -15.83 -46.20 26.48
CA ALA B 168 -15.49 -46.78 27.78
C ALA B 168 -14.93 -48.17 27.62
N GLU B 169 -15.43 -48.91 26.63
CA GLU B 169 -14.96 -50.27 26.37
C GLU B 169 -13.56 -50.32 25.72
N TRP B 170 -13.27 -49.39 24.82
CA TRP B 170 -12.12 -49.49 23.92
C TRP B 170 -11.00 -48.50 24.12
N LEU B 171 -11.23 -47.42 24.85
CA LEU B 171 -10.22 -46.37 24.97
C LEU B 171 -8.90 -46.90 25.53
N HIS B 172 -8.98 -47.84 26.47
CA HIS B 172 -7.77 -48.38 27.09
C HIS B 172 -6.85 -49.08 26.12
N THR B 173 -7.39 -49.47 24.96
CA THR B 173 -6.53 -50.08 23.92
C THR B 173 -5.65 -49.05 23.22
N CYS B 174 -5.85 -47.76 23.52
CA CYS B 174 -5.01 -46.70 22.94
C CYS B 174 -3.87 -46.47 23.91
N GLN B 175 -2.74 -47.12 23.61
CA GLN B 175 -1.60 -47.12 24.53
C GLN B 175 -1.19 -45.69 24.88
N TYR B 176 -1.03 -45.44 26.17
CA TYR B 176 -0.70 -44.08 26.63
C TYR B 176 0.51 -43.49 25.92
N THR B 177 1.60 -44.26 25.85
CA THR B 177 2.82 -43.73 25.23
C THR B 177 2.62 -43.43 23.74
N ALA B 178 1.78 -44.23 23.07
CA ALA B 178 1.46 -43.96 21.66
C ALA B 178 0.68 -42.64 21.51
N VAL B 179 -0.29 -42.42 22.38
CA VAL B 179 -1.12 -41.21 22.32
C VAL B 179 -0.28 -39.96 22.67
N LYS B 180 0.59 -40.09 23.68
CA LYS B 180 1.47 -38.96 24.04
C LYS B 180 2.38 -38.61 22.87
N THR B 181 2.89 -39.63 22.20
CA THR B 181 3.80 -39.41 21.07
C THR B 181 3.07 -38.71 19.93
N ALA B 182 1.81 -39.09 19.73
CA ALA B 182 1.01 -38.49 18.65
C ALA B 182 0.74 -37.04 18.94
N PHE B 183 0.38 -36.75 20.19
CA PHE B 183 0.06 -35.39 20.60
C PHE B 183 1.31 -34.50 20.44
N ASP B 184 2.46 -35.02 20.84
CA ASP B 184 3.73 -34.32 20.63
C ASP B 184 4.02 -34.12 19.15
N GLY B 185 3.70 -35.16 18.36
CA GLY B 185 3.86 -35.10 16.90
C GLY B 185 3.08 -33.95 16.28
N PHE B 186 1.91 -33.66 16.82
CA PHE B 186 1.12 -32.53 16.31
C PHE B 186 1.95 -31.27 16.38
N HIS B 187 2.89 -31.22 17.33
CA HIS B 187 3.72 -30.03 17.54
C HIS B 187 5.11 -30.12 16.99
N THR B 188 5.62 -31.33 16.79
CA THR B 188 6.99 -31.50 16.30
C THR B 188 7.09 -31.83 14.83
N ASP B 189 6.05 -32.45 14.26
CA ASP B 189 6.07 -32.78 12.83
C ASP B 189 5.58 -31.60 12.00
N ASP B 190 6.24 -31.38 10.87
CA ASP B 190 5.83 -30.34 9.93
C ASP B 190 5.13 -31.03 8.75
N ILE B 191 3.81 -30.90 8.70
CA ILE B 191 3.02 -31.48 7.61
C ILE B 191 2.85 -30.50 6.45
N HIS B 192 3.23 -29.25 6.68
CA HIS B 192 3.13 -28.23 5.64
C HIS B 192 4.19 -28.40 4.59
N THR B 193 5.39 -28.77 5.01
CA THR B 193 6.46 -29.11 4.07
C THR B 193 6.12 -30.38 3.28
N ASP B 194 5.32 -31.29 3.84
CA ASP B 194 4.80 -32.45 3.09
C ASP B 194 3.76 -32.04 2.08
N LEU B 195 2.80 -31.21 2.51
CA LEU B 195 1.74 -30.73 1.62
C LEU B 195 2.29 -30.05 0.38
N ALA B 196 3.37 -29.27 0.55
CA ALA B 196 4.02 -28.57 -0.55
C ALA B 196 4.56 -29.51 -1.63
N GLN B 197 4.69 -30.80 -1.30
CA GLN B 197 5.20 -31.81 -2.24
C GLN B 197 4.10 -32.68 -2.85
N LEU B 198 2.87 -32.54 -2.39
CA LEU B 198 1.81 -33.43 -2.83
C LEU B 198 1.16 -32.93 -4.12
N THR B 199 1.00 -33.84 -5.08
CA THR B 199 0.40 -33.47 -6.34
C THR B 199 -0.86 -34.26 -6.68
N LEU B 200 -1.17 -35.28 -5.86
CA LEU B 200 -2.39 -36.06 -6.05
C LEU B 200 -3.67 -35.29 -5.59
N PRO B 201 -4.87 -35.76 -6.01
CA PRO B 201 -6.08 -35.01 -5.62
C PRO B 201 -6.26 -35.03 -4.10
N ILE B 202 -6.69 -33.91 -3.56
CA ILE B 202 -6.91 -33.75 -2.12
C ILE B 202 -8.22 -33.02 -1.90
N GLN B 203 -9.08 -33.61 -1.06
CA GLN B 203 -10.27 -32.91 -0.55
C GLN B 203 -10.00 -32.61 0.90
N LEU B 204 -10.09 -31.32 1.27
CA LEU B 204 -9.97 -30.93 2.67
C LEU B 204 -11.36 -30.77 3.25
N VAL B 205 -11.67 -31.51 4.33
CA VAL B 205 -12.99 -31.43 4.97
C VAL B 205 -12.81 -30.78 6.34
N VAL B 206 -13.42 -29.62 6.53
CA VAL B 206 -13.15 -28.78 7.72
C VAL B 206 -14.34 -28.80 8.66
N ALA B 207 -14.06 -28.95 9.95
CA ALA B 207 -15.08 -28.76 10.97
C ALA B 207 -15.30 -27.27 11.18
N GLY B 208 -16.40 -26.75 10.65
CA GLY B 208 -16.63 -25.31 10.66
C GLY B 208 -16.81 -24.70 12.04
N GLY B 209 -17.36 -25.51 12.94
CA GLY B 209 -17.58 -25.07 14.32
C GLY B 209 -16.37 -25.22 15.22
N ALA B 210 -15.28 -25.83 14.75
CA ALA B 210 -14.12 -26.05 15.61
C ALA B 210 -13.07 -24.98 15.34
N GLU B 211 -12.03 -24.93 16.18
CA GLU B 211 -10.93 -23.98 15.99
C GLU B 211 -9.67 -24.67 15.47
N VAL B 212 -9.78 -25.95 15.12
CA VAL B 212 -8.62 -26.73 14.63
C VAL B 212 -8.05 -26.10 13.36
N ILE B 213 -8.94 -25.77 12.43
CA ILE B 213 -8.54 -25.15 11.16
C ILE B 213 -9.27 -23.82 10.98
N GLN B 214 -8.51 -22.73 10.96
CA GLN B 214 -9.06 -21.38 10.82
C GLN B 214 -9.00 -20.97 9.35
N PRO B 215 -9.72 -19.90 8.98
CA PRO B 215 -9.71 -19.55 7.54
C PRO B 215 -8.32 -19.32 6.93
N ASP B 216 -7.40 -18.66 7.65
CA ASP B 216 -6.05 -18.41 7.14
C ASP B 216 -5.29 -19.74 7.00
N ASP B 217 -5.67 -20.74 7.80
CA ASP B 217 -5.07 -22.07 7.67
C ASP B 217 -5.52 -22.77 6.41
N ILE B 218 -6.78 -22.58 6.02
CA ILE B 218 -7.27 -23.12 4.77
C ILE B 218 -6.51 -22.43 3.65
N ALA B 219 -6.35 -21.11 3.75
CA ALA B 219 -5.61 -20.36 2.74
C ALA B 219 -4.19 -20.92 2.57
N GLU B 220 -3.52 -21.23 3.68
CA GLU B 220 -2.16 -21.74 3.61
C GLU B 220 -2.12 -23.09 2.93
N ILE B 221 -3.09 -23.96 3.24
CA ILE B 221 -3.12 -25.28 2.63
C ILE B 221 -3.26 -25.17 1.11
N ILE B 222 -4.19 -24.32 0.68
CA ILE B 222 -4.39 -24.00 -0.74
C ILE B 222 -3.11 -23.49 -1.41
N SER B 223 -2.40 -22.58 -0.74
CA SER B 223 -1.16 -22.04 -1.28
C SER B 223 -0.09 -23.11 -1.49
N LEU B 224 -0.07 -24.10 -0.61
CA LEU B 224 0.90 -25.19 -0.69
C LEU B 224 0.51 -26.31 -1.65
N ALA B 225 -0.79 -26.62 -1.72
CA ALA B 225 -1.31 -27.70 -2.55
C ALA B 225 -2.52 -27.13 -3.31
N PRO B 226 -2.25 -26.38 -4.38
CA PRO B 226 -3.32 -25.64 -5.07
C PRO B 226 -4.42 -26.49 -5.72
N GLN B 227 -4.21 -27.80 -5.85
CA GLN B 227 -5.26 -28.68 -6.35
C GLN B 227 -6.37 -28.93 -5.33
N THR B 228 -6.13 -28.55 -4.08
CA THR B 228 -7.01 -28.94 -2.99
C THR B 228 -8.38 -28.33 -3.15
N THR B 229 -9.42 -29.16 -3.00
CA THR B 229 -10.77 -28.63 -2.86
C THR B 229 -11.15 -28.62 -1.38
N THR B 230 -12.03 -27.71 -0.99
CA THR B 230 -12.40 -27.61 0.43
C THR B 230 -13.91 -27.74 0.61
N TYR B 231 -14.31 -28.58 1.57
CA TYR B 231 -15.68 -28.67 2.00
C TYR B 231 -15.70 -28.31 3.47
N VAL B 232 -16.51 -27.32 3.84
CA VAL B 232 -16.64 -26.98 5.26
C VAL B 232 -18.00 -27.49 5.74
N VAL B 233 -17.97 -28.36 6.75
CA VAL B 233 -19.20 -28.82 7.39
C VAL B 233 -19.55 -27.73 8.41
N GLU B 234 -20.46 -26.84 8.04
CA GLU B 234 -20.67 -25.65 8.83
C GLU B 234 -21.17 -26.00 10.21
N GLU B 235 -20.63 -25.30 11.21
CA GLU B 235 -21.03 -25.41 12.63
C GLU B 235 -20.67 -26.73 13.32
N ALA B 236 -20.11 -27.68 12.58
CA ALA B 236 -19.73 -28.98 13.17
C ALA B 236 -18.41 -28.90 13.94
N GLY B 237 -18.36 -29.62 15.07
CA GLY B 237 -17.12 -29.69 15.84
C GLY B 237 -16.14 -30.67 15.22
N HIS B 238 -14.96 -30.72 15.83
CA HIS B 238 -13.82 -31.51 15.33
C HIS B 238 -14.15 -32.98 15.08
N MSE B 239 -14.92 -33.60 15.96
CA MSE B 239 -15.33 -35.00 15.78
C MSE B 239 -16.55 -34.97 14.89
O MSE B 239 -17.65 -35.23 15.37
CB MSE B 239 -15.67 -35.64 17.14
CG MSE B 239 -14.49 -35.58 18.12
SE MSE B 239 -12.85 -36.50 17.47
CE MSE B 239 -13.56 -38.32 17.68
N ILE B 240 -16.37 -34.66 13.61
CA ILE B 240 -17.50 -34.27 12.76
C ILE B 240 -18.68 -35.26 12.75
N PRO B 241 -18.43 -36.57 12.51
CA PRO B 241 -19.60 -37.46 12.43
C PRO B 241 -20.30 -37.69 13.77
N TRP B 242 -19.66 -37.33 14.87
CA TRP B 242 -20.30 -37.41 16.19
C TRP B 242 -21.22 -36.24 16.34
N ASP B 243 -20.87 -35.10 15.76
CA ASP B 243 -21.72 -33.91 15.86
C ASP B 243 -22.80 -33.85 14.79
N ASN B 244 -22.46 -34.26 13.57
CA ASN B 244 -23.36 -34.14 12.43
C ASN B 244 -23.03 -35.25 11.45
N LEU B 245 -23.56 -36.43 11.73
CA LEU B 245 -23.31 -37.60 10.89
C LEU B 245 -23.74 -37.39 9.44
N GLU B 246 -24.93 -36.84 9.24
CA GLU B 246 -25.42 -36.66 7.86
C GLU B 246 -24.56 -35.64 7.13
N GLY B 247 -24.18 -34.58 7.83
CA GLY B 247 -23.29 -33.54 7.29
C GLY B 247 -21.96 -34.11 6.87
N PHE B 248 -21.44 -35.03 7.69
CA PHE B 248 -20.17 -35.67 7.34
C PHE B 248 -20.32 -36.56 6.11
N ILE B 249 -21.36 -37.38 6.09
CA ILE B 249 -21.53 -38.30 4.96
C ILE B 249 -21.68 -37.53 3.65
N THR B 250 -22.47 -36.46 3.69
CA THR B 250 -22.62 -35.57 2.52
C THR B 250 -21.28 -35.01 2.02
N ALA B 251 -20.40 -34.62 2.95
CA ALA B 251 -19.12 -34.01 2.61
C ALA B 251 -18.21 -34.97 1.87
N VAL B 252 -18.27 -36.24 2.22
CA VAL B 252 -17.40 -37.23 1.61
C VAL B 252 -18.04 -38.12 0.55
N SER B 253 -19.25 -37.79 0.10
CA SER B 253 -19.98 -38.57 -0.91
C SER B 253 -20.64 -37.68 -1.97
N ASN B 254 -20.95 -38.27 -3.13
CA ASN B 254 -21.41 -37.49 -4.29
C ASN B 254 -20.59 -36.20 -4.38
N ARG B 255 -19.28 -36.34 -4.47
N ARG B 255 -19.27 -36.33 -4.47
CA ARG B 255 -18.37 -35.21 -4.66
CA ARG B 255 -18.38 -35.18 -4.66
C ARG B 255 -17.70 -35.28 -6.03
C ARG B 255 -17.78 -35.16 -6.07
N MSE C 1 26.85 -2.09 -16.86
CA MSE C 1 27.65 -2.33 -15.63
C MSE C 1 27.95 -1.03 -14.92
O MSE C 1 27.96 0.03 -15.53
CB MSE C 1 28.96 -3.06 -15.95
CG MSE C 1 29.82 -2.32 -16.96
SE MSE C 1 31.22 -1.27 -16.05
CE MSE C 1 32.64 -2.17 -17.09
N LYS C 2 28.22 -1.14 -13.62
CA LYS C 2 28.56 0.03 -12.81
C LYS C 2 29.64 -0.35 -11.80
N GLY C 3 30.80 0.30 -11.90
CA GLY C 3 31.85 0.10 -10.91
C GLY C 3 31.66 0.97 -9.68
N TYR C 4 32.10 0.46 -8.53
CA TYR C 4 31.97 1.16 -7.26
C TYR C 4 33.01 0.68 -6.27
N ASN C 5 33.30 1.51 -5.26
CA ASN C 5 34.32 1.16 -4.27
C ASN C 5 33.72 1.12 -2.90
N VAL C 6 34.13 0.16 -2.11
CA VAL C 6 33.65 0.07 -0.75
C VAL C 6 34.85 -0.04 0.19
N TYR C 7 34.77 0.58 1.37
CA TYR C 7 35.81 0.36 2.38
C TYR C 7 35.36 -0.82 3.23
N ALA C 8 36.08 -1.93 3.12
CA ALA C 8 35.74 -3.17 3.84
C ALA C 8 37.01 -3.92 4.18
N ASN C 9 37.12 -4.41 5.41
CA ASN C 9 38.36 -5.05 5.92
C ASN C 9 39.54 -4.07 5.88
N GLY C 10 39.22 -2.80 6.05
CA GLY C 10 40.22 -1.74 6.17
C GLY C 10 40.94 -1.36 4.90
N ILE C 11 40.41 -1.78 3.76
CA ILE C 11 40.96 -1.41 2.46
C ILE C 11 39.86 -0.99 1.48
N ARG C 12 40.27 -0.29 0.42
CA ARG C 12 39.34 0.05 -0.66
C ARG C 12 39.20 -1.16 -1.56
N GLN C 13 37.97 -1.66 -1.69
CA GLN C 13 37.71 -2.78 -2.60
C GLN C 13 36.85 -2.29 -3.77
N HIS C 14 37.38 -2.42 -4.98
CA HIS C 14 36.66 -2.01 -6.19
C HIS C 14 35.87 -3.19 -6.71
N ILE C 15 34.62 -2.94 -7.08
CA ILE C 15 33.68 -4.02 -7.48
C ILE C 15 32.95 -3.56 -8.73
N ILE C 16 32.67 -4.47 -9.66
CA ILE C 16 31.88 -4.09 -10.82
C ILE C 16 30.55 -4.81 -10.78
N HIS C 17 29.48 -4.01 -10.77
CA HIS C 17 28.12 -4.53 -10.70
C HIS C 17 27.59 -4.78 -12.08
N PHE C 18 27.14 -6.01 -12.33
CA PHE C 18 26.39 -6.37 -13.53
C PHE C 18 25.01 -6.79 -13.03
N PRO C 19 24.04 -5.85 -13.09
CA PRO C 19 22.75 -6.05 -12.42
C PRO C 19 21.92 -7.18 -12.98
N GLY C 20 21.27 -7.90 -12.08
CA GLY C 20 20.37 -9.00 -12.41
C GLY C 20 19.41 -9.19 -11.25
N THR C 21 18.41 -10.03 -11.44
CA THR C 21 17.34 -10.16 -10.45
C THR C 21 17.52 -11.35 -9.51
N GLY C 22 18.44 -12.25 -9.84
CA GLY C 22 18.64 -13.46 -9.01
C GLY C 22 19.36 -13.20 -7.69
N SER C 23 19.78 -14.27 -7.01
CA SER C 23 20.59 -14.15 -5.80
C SER C 23 21.85 -13.31 -6.07
N PRO C 24 22.32 -12.56 -5.06
CA PRO C 24 23.59 -11.87 -5.24
C PRO C 24 24.72 -12.88 -5.39
N LEU C 25 25.65 -12.56 -6.29
CA LEU C 25 26.80 -13.39 -6.55
C LEU C 25 28.04 -12.49 -6.47
N LEU C 26 29.01 -12.90 -5.65
CA LEU C 26 30.33 -12.27 -5.64
C LEU C 26 31.25 -13.15 -6.48
N LEU C 27 31.84 -12.55 -7.51
CA LEU C 27 32.71 -13.29 -8.45
C LEU C 27 34.13 -12.90 -8.13
N ILE C 28 34.91 -13.90 -7.70
CA ILE C 28 36.29 -13.69 -7.27
C ILE C 28 37.20 -14.28 -8.34
N PRO C 29 37.87 -13.41 -9.10
CA PRO C 29 38.71 -13.90 -10.21
C PRO C 29 40.03 -14.53 -9.76
N GLY C 30 40.81 -14.99 -10.74
CA GLY C 30 42.11 -15.61 -10.48
C GLY C 30 43.24 -14.63 -10.32
N ILE C 31 44.45 -15.17 -10.21
CA ILE C 31 45.64 -14.46 -9.75
C ILE C 31 46.01 -13.17 -10.50
N THR C 32 45.78 -13.13 -11.82
CA THR C 32 46.12 -11.96 -12.64
C THR C 32 44.91 -11.50 -13.47
N SER C 33 43.73 -11.55 -12.85
CA SER C 33 42.49 -11.19 -13.53
C SER C 33 41.71 -10.08 -12.83
N PRO C 34 42.02 -8.81 -13.16
CA PRO C 34 41.14 -7.75 -12.69
C PRO C 34 39.69 -8.00 -13.07
N ALA C 35 38.78 -7.44 -12.28
CA ALA C 35 37.35 -7.67 -12.44
C ALA C 35 36.89 -7.44 -13.90
N VAL C 36 37.44 -6.41 -14.55
CA VAL C 36 36.99 -6.01 -15.89
C VAL C 36 37.17 -7.16 -16.88
N THR C 37 38.15 -8.01 -16.61
CA THR C 37 38.46 -9.08 -17.56
C THR C 37 37.42 -10.18 -17.56
N TRP C 38 36.56 -10.20 -16.53
CA TRP C 38 35.44 -11.15 -16.44
C TRP C 38 34.14 -10.56 -16.94
N GLY C 39 34.20 -9.35 -17.50
CA GLY C 39 32.98 -8.67 -17.96
C GLY C 39 32.12 -9.51 -18.90
N PHE C 40 32.79 -10.10 -19.89
CA PHE C 40 32.10 -10.92 -20.91
C PHE C 40 31.36 -12.09 -20.30
N VAL C 41 31.85 -12.62 -19.18
CA VAL C 41 31.18 -13.70 -18.47
C VAL C 41 30.09 -13.14 -17.57
N ALA C 42 30.42 -12.06 -16.84
CA ALA C 42 29.46 -11.47 -15.90
C ALA C 42 28.21 -10.97 -16.61
N GLU C 43 28.35 -10.50 -17.84
CA GLU C 43 27.19 -10.06 -18.62
C GLU C 43 26.21 -11.21 -18.77
N ARG C 44 26.74 -12.41 -19.01
CA ARG C 44 25.94 -13.62 -19.21
C ARG C 44 25.42 -14.19 -17.90
N LEU C 45 26.23 -14.12 -16.84
CA LEU C 45 25.79 -14.60 -15.52
C LEU C 45 24.66 -13.75 -14.92
N ALA C 46 24.54 -12.51 -15.39
CA ALA C 46 23.56 -11.56 -14.85
C ALA C 46 22.13 -11.99 -15.21
N LYS C 47 22.01 -12.95 -16.12
CA LYS C 47 20.70 -13.53 -16.45
C LYS C 47 20.22 -14.41 -15.31
N TYR C 48 21.14 -14.85 -14.44
CA TYR C 48 20.84 -15.81 -13.39
C TYR C 48 21.07 -15.26 -11.98
N PHE C 49 21.99 -14.30 -11.85
CA PHE C 49 22.37 -13.75 -10.55
C PHE C 49 22.45 -12.25 -10.66
N ASP C 50 22.47 -11.57 -9.51
CA ASP C 50 22.85 -10.16 -9.45
C ASP C 50 24.36 -10.16 -9.21
N VAL C 51 25.13 -9.77 -10.22
CA VAL C 51 26.57 -10.11 -10.26
C VAL C 51 27.45 -8.98 -9.79
N HIS C 52 28.34 -9.28 -8.84
CA HIS C 52 29.31 -8.30 -8.34
C HIS C 52 30.67 -8.87 -8.47
N VAL C 53 31.44 -8.37 -9.44
CA VAL C 53 32.77 -8.90 -9.75
C VAL C 53 33.83 -8.10 -8.98
N VAL C 54 34.64 -8.78 -8.19
CA VAL C 54 35.57 -8.11 -7.30
C VAL C 54 36.99 -7.98 -7.87
N ASP C 55 37.55 -6.78 -7.76
CA ASP C 55 39.00 -6.62 -7.94
C ASP C 55 39.63 -7.07 -6.62
N VAL C 56 40.37 -8.16 -6.64
CA VAL C 56 41.05 -8.62 -5.42
C VAL C 56 42.14 -7.59 -5.05
N ARG C 57 42.44 -7.48 -3.75
CA ARG C 57 43.48 -6.54 -3.34
C ARG C 57 44.76 -6.74 -4.17
N GLY C 58 45.38 -5.63 -4.56
CA GLY C 58 46.56 -5.69 -5.41
C GLY C 58 46.24 -5.86 -6.89
N ARG C 59 44.96 -5.82 -7.26
CA ARG C 59 44.57 -5.89 -8.69
C ARG C 59 43.58 -4.81 -9.05
N GLY C 60 43.60 -4.43 -10.32
CA GLY C 60 42.58 -3.51 -10.85
C GLY C 60 42.63 -2.18 -10.14
N LEU C 61 41.47 -1.72 -9.67
CA LEU C 61 41.39 -0.45 -8.95
C LEU C 61 41.30 -0.64 -7.43
N SER C 62 41.41 -1.88 -6.96
CA SER C 62 41.42 -2.08 -5.50
C SER C 62 42.72 -1.62 -4.86
N GLU C 63 42.68 -1.44 -3.54
CA GLU C 63 43.87 -1.01 -2.82
C GLU C 63 45.07 -1.90 -3.13
N SER C 64 46.22 -1.25 -3.31
CA SER C 64 47.48 -1.93 -3.56
CA SER C 64 47.48 -1.96 -3.54
C SER C 64 48.55 -1.44 -2.58
N GLY C 65 49.81 -1.63 -2.91
CA GLY C 65 50.88 -1.14 -2.00
C GLY C 65 51.37 -2.21 -1.03
N ASP C 66 51.87 -1.80 0.14
CA ASP C 66 52.59 -2.75 1.05
C ASP C 66 51.64 -3.56 1.97
N LEU C 67 50.71 -4.26 1.34
CA LEU C 67 49.65 -4.97 2.04
C LEU C 67 50.03 -6.42 2.30
N ASP C 68 49.24 -7.08 3.16
CA ASP C 68 49.26 -8.53 3.32
C ASP C 68 48.51 -9.13 2.14
N TYR C 69 49.22 -9.88 1.27
CA TYR C 69 48.60 -10.52 0.11
C TYR C 69 48.40 -12.02 0.30
N SER C 70 48.42 -12.47 1.57
CA SER C 70 48.10 -13.87 1.88
C SER C 70 46.66 -14.24 1.59
N LEU C 71 46.43 -15.54 1.50
CA LEU C 71 45.12 -16.11 1.36
C LEU C 71 44.22 -15.67 2.53
N ASP C 72 44.78 -15.67 3.74
CA ASP C 72 44.00 -15.24 4.89
C ASP C 72 43.48 -13.81 4.70
N ALA C 73 44.34 -12.90 4.27
CA ALA C 73 43.92 -11.51 4.06
C ALA C 73 42.84 -11.39 2.98
N MSE C 74 43.04 -12.10 1.86
CA MSE C 74 42.07 -12.07 0.74
C MSE C 74 40.74 -12.68 1.18
O MSE C 74 39.67 -12.22 0.78
CB MSE C 74 42.69 -12.70 -0.54
CG MSE C 74 43.87 -11.83 -1.09
SE MSE C 74 44.71 -12.59 -2.80
CE MSE C 74 45.23 -14.32 -2.00
N ALA C 75 40.80 -13.72 2.02
CA ALA C 75 39.58 -14.33 2.54
C ALA C 75 38.89 -13.38 3.52
N ASP C 76 39.66 -12.64 4.33
CA ASP C 76 39.07 -11.64 5.24
C ASP C 76 38.35 -10.55 4.46
N ASP C 77 38.93 -10.14 3.33
CA ASP C 77 38.30 -9.17 2.44
C ASP C 77 36.91 -9.62 1.99
N LEU C 78 36.81 -10.90 1.59
CA LEU C 78 35.59 -11.46 1.03
C LEU C 78 34.54 -11.62 2.12
N VAL C 79 34.96 -12.07 3.29
CA VAL C 79 34.04 -12.17 4.43
C VAL C 79 33.43 -10.78 4.67
N ALA C 80 34.28 -9.74 4.67
CA ALA C 80 33.83 -8.38 4.91
C ALA C 80 32.83 -7.89 3.86
N LEU C 81 33.03 -8.24 2.59
CA LEU C 81 32.04 -7.88 1.56
C LEU C 81 30.74 -8.62 1.74
N ALA C 82 30.82 -9.91 2.04
CA ALA C 82 29.64 -10.77 2.10
C ALA C 82 28.76 -10.41 3.28
N GLN C 83 29.36 -9.84 4.32
CA GLN C 83 28.63 -9.42 5.53
C GLN C 83 27.59 -8.36 5.20
N ARG C 84 27.78 -7.69 4.07
CA ARG C 84 26.91 -6.59 3.66
C ARG C 84 25.76 -7.07 2.78
N MSE C 85 25.83 -8.32 2.33
CA MSE C 85 24.87 -8.85 1.39
CA MSE C 85 24.87 -8.87 1.37
C MSE C 85 24.04 -9.91 2.08
O MSE C 85 24.37 -10.37 3.17
CB MSE C 85 25.63 -9.38 0.17
CB MSE C 85 25.62 -9.38 0.12
CG MSE C 85 26.22 -8.21 -0.63
CG MSE C 85 25.56 -8.41 -1.07
SE MSE C 85 27.77 -8.75 -1.72
SE MSE C 85 26.90 -8.74 -2.51
CE MSE C 85 27.91 -7.12 -2.82
CE MSE C 85 28.47 -7.98 -1.60
N GLU C 86 22.92 -10.29 1.47
CA GLU C 86 22.07 -11.29 2.10
C GLU C 86 22.01 -12.53 1.22
N GLY C 87 22.51 -13.65 1.75
CA GLY C 87 22.47 -14.95 1.06
C GLY C 87 23.31 -14.98 -0.20
N VAL C 88 24.55 -14.49 -0.10
CA VAL C 88 25.41 -14.35 -1.27
CA VAL C 88 25.39 -14.36 -1.28
C VAL C 88 26.01 -15.68 -1.74
N VAL C 89 26.02 -15.87 -3.05
CA VAL C 89 26.67 -17.01 -3.66
C VAL C 89 28.07 -16.52 -4.05
N VAL C 90 29.10 -17.32 -3.79
CA VAL C 90 30.45 -16.97 -4.23
C VAL C 90 30.89 -17.85 -5.38
N LEU C 91 31.30 -17.21 -6.47
CA LEU C 91 31.88 -17.94 -7.56
C LEU C 91 33.34 -17.53 -7.60
N GLY C 92 34.23 -18.47 -7.30
CA GLY C 92 35.67 -18.19 -7.30
C GLY C 92 36.38 -18.96 -8.40
N HIS C 93 37.22 -18.28 -9.17
CA HIS C 93 38.05 -18.96 -10.17
C HIS C 93 39.47 -19.05 -9.72
N ALA C 94 39.98 -20.28 -9.64
CA ALA C 94 41.41 -20.53 -9.43
C ALA C 94 41.85 -19.97 -8.08
N MSE C 95 42.74 -18.97 -8.04
CA MSE C 95 43.01 -18.29 -6.76
C MSE C 95 41.71 -17.91 -6.07
O MSE C 95 41.59 -18.07 -4.84
CB MSE C 95 43.87 -17.03 -6.99
CG MSE C 95 44.24 -16.33 -5.67
SE MSE C 95 45.09 -14.61 -6.10
CE MSE C 95 43.50 -13.57 -6.61
N GLY C 96 40.75 -17.39 -6.84
CA GLY C 96 39.47 -16.99 -6.28
C GLY C 96 38.71 -18.11 -5.59
N ALA C 97 38.83 -19.32 -6.14
CA ALA C 97 38.24 -20.50 -5.50
C ALA C 97 38.94 -20.81 -4.15
N ARG C 98 40.26 -20.65 -4.07
CA ARG C 98 40.95 -20.85 -2.78
C ARG C 98 40.53 -19.80 -1.77
N ILE C 99 40.36 -18.57 -2.24
CA ILE C 99 39.88 -17.48 -1.38
C ILE C 99 38.50 -17.84 -0.82
N ALA C 100 37.64 -18.36 -1.71
CA ALA C 100 36.27 -18.74 -1.34
C ALA C 100 36.26 -19.84 -0.28
N ILE C 101 37.12 -20.84 -0.44
CA ILE C 101 37.21 -21.96 0.51
C ILE C 101 37.63 -21.44 1.89
N ARG C 102 38.69 -20.64 1.90
CA ARG C 102 39.22 -20.12 3.16
C ARG C 102 38.20 -19.19 3.83
N ALA C 103 37.51 -18.36 3.04
CA ALA C 103 36.51 -17.45 3.58
C ALA C 103 35.34 -18.23 4.21
N ALA C 104 34.92 -19.28 3.54
CA ALA C 104 33.80 -20.09 4.00
C ALA C 104 34.14 -20.82 5.28
N ARG C 105 35.42 -21.20 5.42
CA ARG C 105 35.89 -21.79 6.68
C ARG C 105 35.87 -20.75 7.81
N LYS C 106 36.30 -19.52 7.50
CA LYS C 106 36.35 -18.46 8.50
C LYS C 106 34.97 -18.03 9.00
N ASP C 107 34.01 -17.96 8.09
CA ASP C 107 32.66 -17.56 8.46
C ASP C 107 31.67 -18.13 7.47
N SER C 108 31.15 -19.31 7.77
CA SER C 108 30.27 -19.99 6.81
C SER C 108 28.93 -19.26 6.66
N GLN C 109 28.44 -18.70 7.76
CA GLN C 109 27.09 -18.12 7.83
C GLN C 109 26.79 -17.02 6.81
N VAL C 110 27.80 -16.30 6.35
CA VAL C 110 27.57 -15.19 5.42
C VAL C 110 27.41 -15.62 3.96
N PHE C 111 27.71 -16.88 3.66
CA PHE C 111 27.63 -17.41 2.29
C PHE C 111 26.50 -18.44 2.18
N SER C 112 25.72 -18.35 1.09
CA SER C 112 24.69 -19.37 0.86
C SER C 112 25.30 -20.64 0.28
N ARG C 113 26.25 -20.49 -0.66
CA ARG C 113 26.91 -21.64 -1.29
C ARG C 113 28.12 -21.17 -2.09
N LEU C 114 28.99 -22.11 -2.47
CA LEU C 114 30.20 -21.81 -3.22
C LEU C 114 30.18 -22.47 -4.59
N ILE C 115 30.71 -21.77 -5.58
CA ILE C 115 30.96 -22.35 -6.88
C ILE C 115 32.45 -22.20 -7.11
N LEU C 116 33.14 -23.34 -7.10
CA LEU C 116 34.60 -23.37 -7.14
C LEU C 116 35.04 -23.80 -8.53
N VAL C 117 35.66 -22.89 -9.25
CA VAL C 117 36.10 -23.18 -10.59
C VAL C 117 37.62 -23.38 -10.69
N ASP C 118 37.96 -24.62 -10.99
CA ASP C 118 39.34 -25.06 -11.19
C ASP C 118 40.33 -24.49 -10.15
N PRO C 119 40.05 -24.69 -8.84
CA PRO C 119 41.06 -24.25 -7.85
C PRO C 119 42.37 -25.03 -7.97
N PRO C 120 43.54 -24.37 -7.85
CA PRO C 120 44.76 -25.14 -7.57
C PRO C 120 44.56 -26.05 -6.37
N VAL C 121 45.02 -27.28 -6.48
CA VAL C 121 44.91 -28.23 -5.39
C VAL C 121 46.29 -28.51 -4.79
N SER C 122 47.22 -27.66 -5.14
CA SER C 122 48.54 -27.62 -4.52
C SER C 122 48.47 -27.20 -3.06
N GLY C 123 49.56 -27.44 -2.35
CA GLY C 123 49.67 -27.10 -0.93
C GLY C 123 50.85 -27.86 -0.34
N PRO C 124 51.10 -27.69 0.97
CA PRO C 124 52.21 -28.37 1.64
C PRO C 124 52.13 -29.88 1.42
N GLY C 125 53.19 -30.47 0.87
CA GLY C 125 53.27 -31.91 0.62
C GLY C 125 52.45 -32.43 -0.55
N ARG C 126 51.81 -31.52 -1.29
CA ARG C 126 50.98 -31.90 -2.42
C ARG C 126 51.63 -31.57 -3.75
N ARG C 127 51.05 -32.09 -4.82
CA ARG C 127 51.53 -31.87 -6.19
C ARG C 127 51.54 -30.38 -6.46
N PRO C 128 52.65 -29.84 -6.98
CA PRO C 128 52.69 -28.39 -7.23
C PRO C 128 51.73 -27.96 -8.34
N TYR C 129 51.36 -26.68 -8.33
CA TYR C 129 50.53 -26.11 -9.36
C TYR C 129 51.24 -26.19 -10.72
N PRO C 130 50.59 -26.75 -11.76
CA PRO C 130 51.26 -27.05 -13.03
C PRO C 130 51.33 -25.86 -13.97
N ALA C 131 52.01 -24.80 -13.55
CA ALA C 131 52.19 -23.59 -14.37
C ALA C 131 53.59 -23.03 -14.19
N LYS C 132 54.12 -22.42 -15.25
CA LYS C 132 55.44 -21.77 -15.24
C LYS C 132 55.32 -20.38 -14.65
N TRP C 133 56.00 -20.13 -13.55
CA TRP C 133 56.07 -18.79 -12.97
C TRP C 133 56.48 -17.69 -13.95
N SER C 134 57.42 -17.99 -14.84
CA SER C 134 57.96 -17.01 -15.78
C SER C 134 56.89 -16.41 -16.70
N TRP C 135 55.83 -17.17 -16.99
CA TRP C 135 54.70 -16.66 -17.78
C TRP C 135 54.07 -15.47 -17.12
N TYR C 136 53.88 -15.58 -15.80
CA TYR C 136 53.32 -14.43 -15.04
C TYR C 136 54.31 -13.28 -14.92
N ALA C 137 55.51 -13.61 -14.47
CA ALA C 137 56.52 -12.57 -14.20
C ALA C 137 56.84 -11.75 -15.45
N GLU C 138 57.16 -12.42 -16.57
CA GLU C 138 57.54 -11.73 -17.79
C GLU C 138 56.41 -10.89 -18.39
N SER C 139 55.19 -11.42 -18.39
CA SER C 139 54.06 -10.65 -18.92
C SER C 139 53.68 -9.47 -18.04
N ILE C 140 53.81 -9.60 -16.72
CA ILE C 140 53.54 -8.45 -15.85
C ILE C 140 54.52 -7.32 -16.11
N ARG C 141 55.82 -7.65 -16.20
CA ARG C 141 56.85 -6.62 -16.41
C ARG C 141 56.66 -5.93 -17.77
N LEU C 142 56.30 -6.72 -18.77
CA LEU C 142 55.94 -6.20 -20.09
C LEU C 142 54.76 -5.21 -20.01
N ALA C 143 53.72 -5.61 -19.29
CA ALA C 143 52.52 -4.78 -19.18
C ALA C 143 52.83 -3.47 -18.43
N GLN C 144 53.69 -3.56 -17.41
CA GLN C 144 54.01 -2.40 -16.58
C GLN C 144 54.69 -1.32 -17.41
N ARG C 145 55.52 -1.76 -18.36
CA ARG C 145 56.26 -0.83 -19.21
C ARG C 145 55.26 -0.18 -20.17
N GLY C 146 54.29 -0.96 -20.61
CA GLY C 146 53.27 -0.52 -21.58
C GLY C 146 53.48 -1.28 -22.87
N CYS C 147 52.57 -2.20 -23.16
CA CYS C 147 52.76 -3.09 -24.30
C CYS C 147 51.59 -3.14 -25.25
N THR C 148 51.87 -3.61 -26.47
CA THR C 148 50.86 -3.76 -27.51
C THR C 148 50.09 -5.08 -27.36
N ALA C 149 48.92 -5.16 -27.97
CA ALA C 149 48.24 -6.45 -28.16
C ALA C 149 49.17 -7.48 -28.78
N MSE C 150 50.01 -7.06 -29.72
CA MSE C 150 50.91 -8.01 -30.41
C MSE C 150 51.91 -8.62 -29.45
O MSE C 150 52.22 -9.82 -29.57
CB MSE C 150 51.63 -7.40 -31.60
CG MSE C 150 51.04 -8.00 -32.88
SE MSE C 150 51.91 -9.71 -33.34
CE MSE C 150 53.43 -8.88 -34.25
N GLU C 151 52.39 -7.84 -28.51
CA GLU C 151 53.30 -8.38 -27.48
C GLU C 151 52.55 -9.33 -26.53
N MSE C 152 51.36 -8.94 -26.13
CA MSE C 152 50.57 -9.77 -25.20
C MSE C 152 50.10 -11.05 -25.86
O MSE C 152 49.90 -12.07 -25.21
CB MSE C 152 49.45 -8.93 -24.60
CG MSE C 152 48.65 -9.64 -23.49
SE MSE C 152 49.85 -10.24 -22.07
CE MSE C 152 50.15 -8.44 -21.28
N ARG C 153 49.93 -11.02 -27.18
CA ARG C 153 49.43 -12.19 -27.89
C ARG C 153 50.24 -13.48 -27.63
N SER C 154 51.56 -13.34 -27.52
CA SER C 154 52.47 -14.46 -27.21
C SER C 154 52.05 -15.22 -25.95
N TYR C 155 51.48 -14.51 -24.98
CA TYR C 155 51.08 -15.12 -23.71
C TYR C 155 49.72 -15.77 -23.76
N CYS C 156 48.83 -15.25 -24.59
CA CYS C 156 47.45 -15.76 -24.67
C CYS C 156 47.07 -15.93 -26.13
N PRO C 157 47.77 -16.83 -26.84
CA PRO C 157 47.64 -16.87 -28.30
C PRO C 157 46.28 -17.36 -28.82
N THR C 158 45.47 -18.02 -27.99
CA THR C 158 44.18 -18.54 -28.43
C THR C 158 43.03 -17.61 -28.04
N TRP C 159 43.34 -16.51 -27.38
CA TRP C 159 42.30 -15.56 -26.96
C TRP C 159 41.84 -14.67 -28.10
N THR C 160 40.67 -14.06 -27.96
CA THR C 160 40.19 -13.12 -28.99
C THR C 160 41.00 -11.83 -28.90
N ASP C 161 41.01 -11.01 -29.96
CA ASP C 161 41.75 -9.76 -29.90
C ASP C 161 41.25 -8.85 -28.77
N GLU C 162 39.94 -8.79 -28.57
CA GLU C 162 39.39 -7.96 -27.48
C GLU C 162 39.92 -8.43 -26.13
N GLN C 163 40.01 -9.75 -25.94
CA GLN C 163 40.50 -10.29 -24.66
C GLN C 163 42.00 -9.98 -24.48
N ILE C 164 42.76 -10.09 -25.56
CA ILE C 164 44.19 -9.84 -25.50
C ILE C 164 44.45 -8.35 -25.25
N GLU C 165 43.70 -7.51 -25.95
CA GLU C 165 43.82 -6.06 -25.78
C GLU C 165 43.49 -5.65 -24.33
N LEU C 166 42.45 -6.25 -23.78
CA LEU C 166 42.01 -5.91 -22.42
C LEU C 166 43.10 -6.32 -21.43
N ARG C 167 43.73 -7.46 -21.67
CA ARG C 167 44.81 -7.90 -20.80
C ARG C 167 46.02 -6.99 -20.93
N ALA C 168 46.37 -6.61 -22.17
CA ALA C 168 47.46 -5.66 -22.39
C ALA C 168 47.19 -4.33 -21.69
N GLU C 169 45.93 -3.95 -21.59
CA GLU C 169 45.53 -2.70 -20.95
C GLU C 169 45.58 -2.76 -19.42
N TRP C 170 45.19 -3.89 -18.85
CA TRP C 170 44.93 -3.98 -17.39
C TRP C 170 45.88 -4.84 -16.60
N LEU C 171 46.74 -5.62 -17.24
CA LEU C 171 47.56 -6.56 -16.46
C LEU C 171 48.52 -5.85 -15.50
N HIS C 172 49.00 -4.67 -15.91
CA HIS C 172 49.92 -3.90 -15.06
C HIS C 172 49.32 -3.52 -13.74
N THR C 173 48.00 -3.59 -13.60
CA THR C 173 47.33 -3.26 -12.33
C THR C 173 47.45 -4.41 -11.34
N CYS C 174 47.97 -5.56 -11.79
CA CYS C 174 48.18 -6.70 -10.91
C CYS C 174 49.57 -6.58 -10.35
N GLN C 175 49.66 -6.07 -9.12
CA GLN C 175 50.94 -5.74 -8.52
C GLN C 175 51.86 -6.97 -8.47
N TYR C 176 53.12 -6.82 -8.89
CA TYR C 176 54.00 -7.98 -8.97
C TYR C 176 54.12 -8.71 -7.63
N THR C 177 54.34 -7.96 -6.55
CA THR C 177 54.49 -8.61 -5.24
C THR C 177 53.22 -9.37 -4.81
N ALA C 178 52.05 -8.84 -5.15
CA ALA C 178 50.78 -9.50 -4.83
C ALA C 178 50.67 -10.82 -5.61
N VAL C 179 51.09 -10.80 -6.88
CA VAL C 179 50.97 -11.99 -7.72
C VAL C 179 51.98 -13.06 -7.29
N LYS C 180 53.22 -12.66 -7.03
CA LYS C 180 54.22 -13.60 -6.49
C LYS C 180 53.73 -14.25 -5.19
N THR C 181 53.17 -13.43 -4.30
CA THR C 181 52.70 -13.95 -3.02
C THR C 181 51.56 -14.97 -3.19
N ALA C 182 50.62 -14.68 -4.10
CA ALA C 182 49.55 -15.61 -4.42
C ALA C 182 50.07 -16.93 -4.98
N PHE C 183 51.05 -16.85 -5.88
CA PHE C 183 51.60 -18.05 -6.50
C PHE C 183 52.32 -18.92 -5.45
N ASP C 184 53.09 -18.29 -4.57
CA ASP C 184 53.66 -18.98 -3.42
C ASP C 184 52.56 -19.57 -2.55
N GLY C 185 51.45 -18.86 -2.41
CA GLY C 185 50.35 -19.29 -1.56
C GLY C 185 49.70 -20.58 -2.08
N PHE C 186 49.72 -20.75 -3.40
CA PHE C 186 49.24 -22.02 -3.98
C PHE C 186 50.00 -23.20 -3.37
N HIS C 187 51.22 -22.92 -2.92
CA HIS C 187 52.13 -23.96 -2.46
C HIS C 187 52.27 -24.03 -0.96
N THR C 188 52.01 -22.90 -0.28
CA THR C 188 52.17 -22.85 1.17
C THR C 188 50.86 -22.99 1.96
N ASP C 189 49.73 -22.66 1.35
CA ASP C 189 48.43 -22.74 2.03
C ASP C 189 47.83 -24.10 1.81
N ASP C 190 47.18 -24.60 2.85
CA ASP C 190 46.46 -25.87 2.81
C ASP C 190 44.96 -25.57 2.77
N ILE C 191 44.35 -25.75 1.60
CA ILE C 191 42.90 -25.54 1.47
C ILE C 191 42.12 -26.83 1.71
N HIS C 192 42.81 -27.96 1.79
CA HIS C 192 42.13 -29.25 1.98
C HIS C 192 41.64 -29.42 3.39
N THR C 193 42.43 -28.93 4.34
CA THR C 193 42.05 -28.82 5.75
C THR C 193 40.85 -27.89 5.94
N ASP C 194 40.73 -26.89 5.06
CA ASP C 194 39.59 -25.98 5.08
C ASP C 194 38.33 -26.67 4.57
N LEU C 195 38.46 -27.38 3.45
CA LEU C 195 37.37 -28.11 2.81
C LEU C 195 36.73 -29.10 3.75
N ALA C 196 37.55 -29.79 4.53
CA ALA C 196 37.06 -30.82 5.44
C ALA C 196 36.17 -30.25 6.55
N GLN C 197 36.16 -28.93 6.69
CA GLN C 197 35.31 -28.27 7.69
C GLN C 197 34.04 -27.67 7.11
N LEU C 198 33.89 -27.68 5.78
CA LEU C 198 32.78 -27.02 5.12
C LEU C 198 31.58 -27.94 4.94
N THR C 199 30.41 -27.46 5.36
CA THR C 199 29.15 -28.19 5.20
C THR C 199 28.15 -27.54 4.25
N LEU C 200 28.39 -26.28 3.86
CA LEU C 200 27.50 -25.56 2.95
C LEU C 200 27.60 -26.14 1.53
N PRO C 201 26.62 -25.85 0.66
CA PRO C 201 26.69 -26.44 -0.67
C PRO C 201 27.90 -25.95 -1.44
N ILE C 202 28.51 -26.87 -2.18
CA ILE C 202 29.68 -26.57 -3.00
C ILE C 202 29.49 -27.22 -4.38
N GLN C 203 29.64 -26.42 -5.42
CA GLN C 203 29.78 -26.97 -6.75
C GLN C 203 31.23 -26.83 -7.21
N LEU C 204 31.81 -27.94 -7.64
CA LEU C 204 33.15 -27.93 -8.20
C LEU C 204 33.09 -28.00 -9.73
N VAL C 205 33.56 -26.95 -10.39
CA VAL C 205 33.63 -26.91 -11.85
C VAL C 205 35.08 -27.10 -12.27
N VAL C 206 35.33 -28.15 -13.06
CA VAL C 206 36.68 -28.59 -13.41
C VAL C 206 36.99 -28.33 -14.89
N ALA C 207 38.19 -27.85 -15.17
CA ALA C 207 38.66 -27.73 -16.55
C ALA C 207 39.18 -29.08 -17.02
N GLY C 208 38.35 -29.78 -17.80
CA GLY C 208 38.70 -31.14 -18.26
C GLY C 208 39.98 -31.21 -19.04
N GLY C 209 40.26 -30.19 -19.85
CA GLY C 209 41.47 -30.14 -20.66
C GLY C 209 42.74 -29.64 -20.00
N ALA C 210 42.65 -29.30 -18.71
CA ALA C 210 43.80 -28.79 -17.96
C ALA C 210 44.33 -29.85 -16.99
N GLU C 211 45.56 -29.65 -16.51
CA GLU C 211 46.13 -30.57 -15.52
C GLU C 211 46.03 -30.04 -14.09
N VAL C 212 45.33 -28.93 -13.89
CA VAL C 212 45.19 -28.37 -12.54
C VAL C 212 44.51 -29.35 -11.58
N ILE C 213 43.41 -29.96 -12.02
CA ILE C 213 42.68 -30.91 -11.17
C ILE C 213 42.67 -32.25 -11.92
N GLN C 214 43.18 -33.28 -11.28
CA GLN C 214 43.26 -34.60 -11.90
C GLN C 214 42.15 -35.48 -11.33
N PRO C 215 41.83 -36.60 -12.01
CA PRO C 215 40.71 -37.40 -11.52
C PRO C 215 40.78 -37.77 -10.04
N ASP C 216 41.96 -38.18 -9.56
CA ASP C 216 42.08 -38.51 -8.13
C ASP C 216 41.91 -37.30 -7.21
N ASP C 217 42.09 -36.09 -7.76
CA ASP C 217 41.90 -34.88 -6.97
C ASP C 217 40.43 -34.61 -6.70
N ILE C 218 39.59 -34.91 -7.69
CA ILE C 218 38.14 -34.78 -7.51
C ILE C 218 37.68 -35.71 -6.39
N ALA C 219 38.16 -36.96 -6.43
CA ALA C 219 37.80 -37.95 -5.41
C ALA C 219 38.15 -37.48 -4.00
N GLU C 220 39.35 -36.92 -3.84
CA GLU C 220 39.77 -36.39 -2.54
C GLU C 220 38.86 -35.27 -2.04
N ILE C 221 38.48 -34.36 -2.94
CA ILE C 221 37.63 -33.22 -2.56
C ILE C 221 36.26 -33.70 -2.06
N ILE C 222 35.68 -34.67 -2.77
CA ILE C 222 34.40 -35.25 -2.38
C ILE C 222 34.52 -35.96 -1.04
N SER C 223 35.65 -36.64 -0.81
CA SER C 223 35.91 -37.31 0.46
C SER C 223 35.92 -36.33 1.62
N LEU C 224 36.44 -35.12 1.37
CA LEU C 224 36.52 -34.11 2.41
C LEU C 224 35.21 -33.35 2.58
N ALA C 225 34.52 -33.10 1.46
CA ALA C 225 33.24 -32.39 1.49
C ALA C 225 32.24 -33.19 0.65
N PRO C 226 31.58 -34.18 1.29
CA PRO C 226 30.73 -35.15 0.60
C PRO C 226 29.52 -34.55 -0.11
N GLN C 227 29.12 -33.34 0.29
CA GLN C 227 28.00 -32.65 -0.34
C GLN C 227 28.38 -32.10 -1.71
N THR C 228 29.66 -32.09 -2.02
CA THR C 228 30.16 -31.42 -3.23
C THR C 228 29.59 -32.04 -4.50
N THR C 229 29.02 -31.19 -5.36
CA THR C 229 28.59 -31.63 -6.68
C THR C 229 29.68 -31.23 -7.68
N THR C 230 29.78 -31.98 -8.76
CA THR C 230 30.83 -31.75 -9.75
C THR C 230 30.26 -31.47 -11.14
N TYR C 231 31.01 -30.71 -11.93
CA TYR C 231 30.74 -30.52 -13.34
C TYR C 231 32.07 -30.34 -14.07
N VAL C 232 32.36 -31.24 -15.02
CA VAL C 232 33.59 -31.16 -15.79
C VAL C 232 33.31 -30.56 -17.17
N VAL C 233 33.92 -29.40 -17.45
CA VAL C 233 33.82 -28.79 -18.77
C VAL C 233 34.89 -29.42 -19.65
N GLU C 234 34.48 -30.36 -20.50
CA GLU C 234 35.44 -31.18 -21.24
C GLU C 234 36.30 -30.40 -22.24
N GLU C 235 37.56 -30.79 -22.31
CA GLU C 235 38.56 -30.22 -23.22
C GLU C 235 38.93 -28.75 -22.97
N ALA C 236 38.08 -28.01 -22.24
CA ALA C 236 38.41 -26.63 -21.83
C ALA C 236 39.65 -26.58 -20.94
N GLY C 237 40.49 -25.58 -21.17
CA GLY C 237 41.67 -25.34 -20.35
C GLY C 237 41.33 -24.57 -19.07
N HIS C 238 42.37 -24.24 -18.30
CA HIS C 238 42.22 -23.62 -17.00
C HIS C 238 41.37 -22.35 -17.05
N MSE C 239 41.54 -21.56 -18.09
CA MSE C 239 40.77 -20.31 -18.21
C MSE C 239 39.46 -20.63 -18.86
O MSE C 239 39.25 -20.26 -20.00
CB MSE C 239 41.54 -19.28 -19.04
CG MSE C 239 43.00 -19.10 -18.66
SE MSE C 239 43.11 -18.27 -16.90
CE MSE C 239 42.36 -16.47 -17.22
N ILE C 240 38.60 -21.33 -18.14
CA ILE C 240 37.44 -22.02 -18.77
C ILE C 240 36.61 -21.15 -19.70
N PRO C 241 36.13 -19.97 -19.25
CA PRO C 241 35.22 -19.24 -20.15
C PRO C 241 35.91 -18.59 -21.35
N TRP C 242 37.24 -18.50 -21.32
CA TRP C 242 38.02 -18.05 -22.47
C TRP C 242 38.02 -19.14 -23.52
N ASP C 243 38.02 -20.39 -23.07
CA ASP C 243 38.12 -21.52 -24.01
C ASP C 243 36.76 -22.01 -24.44
N ASN C 244 35.78 -21.94 -23.53
CA ASN C 244 34.45 -22.47 -23.75
C ASN C 244 33.44 -21.75 -22.87
N LEU C 245 33.04 -20.56 -23.31
CA LEU C 245 32.08 -19.76 -22.56
C LEU C 245 30.73 -20.44 -22.35
N GLU C 246 30.21 -21.07 -23.40
CA GLU C 246 28.90 -21.72 -23.31
C GLU C 246 28.95 -22.89 -22.33
N GLY C 247 30.01 -23.71 -22.43
CA GLY C 247 30.23 -24.82 -21.52
C GLY C 247 30.28 -24.33 -20.09
N PHE C 248 30.94 -23.19 -19.88
CA PHE C 248 31.06 -22.61 -18.55
C PHE C 248 29.71 -22.15 -18.00
N ILE C 249 28.98 -21.39 -18.80
CA ILE C 249 27.67 -20.88 -18.38
C ILE C 249 26.72 -22.04 -18.03
N THR C 250 26.75 -23.09 -18.86
CA THR C 250 25.96 -24.31 -18.63
C THR C 250 26.29 -24.91 -17.26
N ALA C 251 27.59 -25.07 -16.99
CA ALA C 251 28.06 -25.63 -15.71
C ALA C 251 27.53 -24.85 -14.51
N VAL C 252 27.70 -23.52 -14.58
CA VAL C 252 27.41 -22.62 -13.47
C VAL C 252 25.92 -22.33 -13.22
N SER C 253 25.10 -22.52 -14.26
CA SER C 253 23.65 -22.30 -14.14
C SER C 253 22.84 -23.60 -14.09
N MSE D 1 12.59 -16.64 -15.45
CA MSE D 1 11.77 -16.39 -16.66
C MSE D 1 10.84 -17.56 -16.88
O MSE D 1 11.29 -18.71 -16.86
CB MSE D 1 12.68 -16.24 -17.87
CG MSE D 1 11.94 -15.58 -19.00
SE MSE D 1 12.56 -16.26 -20.74
CE MSE D 1 11.23 -17.72 -20.78
N LYS D 2 9.55 -17.28 -17.07
CA LYS D 2 8.56 -18.34 -17.18
C LYS D 2 7.40 -17.91 -18.07
N GLY D 3 7.13 -18.70 -19.11
CA GLY D 3 5.98 -18.45 -19.96
C GLY D 3 4.71 -19.08 -19.40
N TYR D 4 3.58 -18.43 -19.62
CA TYR D 4 2.30 -18.93 -19.14
C TYR D 4 1.15 -18.42 -20.00
N ASN D 5 0.05 -19.17 -20.02
CA ASN D 5 -1.11 -18.81 -20.83
C ASN D 5 -2.28 -18.47 -19.96
N VAL D 6 -2.88 -17.31 -20.21
CA VAL D 6 -4.02 -16.82 -19.44
C VAL D 6 -5.29 -16.90 -20.30
N TYR D 7 -6.34 -17.52 -19.77
CA TYR D 7 -7.65 -17.47 -20.41
C TYR D 7 -8.34 -16.17 -20.01
N ALA D 8 -8.30 -15.17 -20.89
CA ALA D 8 -8.83 -13.84 -20.61
C ALA D 8 -9.41 -13.24 -21.88
N ASN D 9 -10.55 -12.56 -21.75
CA ASN D 9 -11.32 -12.04 -22.89
C ASN D 9 -11.68 -13.13 -23.91
N GLY D 10 -11.88 -14.35 -23.42
CA GLY D 10 -12.36 -15.44 -24.25
C GLY D 10 -11.32 -16.08 -25.16
N ILE D 11 -10.06 -15.72 -24.97
CA ILE D 11 -8.99 -16.28 -25.78
C ILE D 11 -7.82 -16.70 -24.91
N ARG D 12 -6.89 -17.46 -25.50
CA ARG D 12 -5.65 -17.81 -24.85
C ARG D 12 -4.62 -16.71 -25.08
N GLN D 13 -4.19 -16.06 -23.99
CA GLN D 13 -3.15 -15.03 -24.06
C GLN D 13 -1.83 -15.52 -23.45
N HIS D 14 -0.82 -15.67 -24.30
CA HIS D 14 0.48 -16.13 -23.86
C HIS D 14 1.29 -14.96 -23.35
N ILE D 15 1.90 -15.14 -22.19
CA ILE D 15 2.64 -14.06 -21.50
C ILE D 15 3.97 -14.64 -21.03
N ILE D 16 5.05 -13.84 -21.07
CA ILE D 16 6.32 -14.27 -20.48
C ILE D 16 6.62 -13.41 -19.26
N HIS D 17 6.76 -14.09 -18.11
CA HIS D 17 7.05 -13.44 -16.83
C HIS D 17 8.53 -13.35 -16.62
N PHE D 18 9.01 -12.12 -16.39
CA PHE D 18 10.38 -11.87 -15.95
C PHE D 18 10.23 -11.27 -14.55
N PRO D 19 10.35 -12.11 -13.51
CA PRO D 19 9.94 -11.66 -12.17
C PRO D 19 10.83 -10.55 -11.63
N GLY D 20 10.20 -9.61 -10.92
CA GLY D 20 10.88 -8.46 -10.33
C GLY D 20 10.16 -8.11 -9.05
N THR D 21 10.79 -7.30 -8.20
CA THR D 21 10.18 -6.94 -6.91
C THR D 21 9.29 -5.69 -6.97
N GLY D 22 9.41 -4.91 -8.04
CA GLY D 22 8.63 -3.67 -8.19
C GLY D 22 7.17 -3.85 -8.59
N SER D 23 6.55 -2.77 -9.06
CA SER D 23 5.15 -2.78 -9.52
C SER D 23 4.98 -3.68 -10.74
N PRO D 24 3.79 -4.31 -10.90
CA PRO D 24 3.56 -5.09 -12.12
C PRO D 24 3.58 -4.20 -13.36
N LEU D 25 4.19 -4.73 -14.43
CA LEU D 25 4.25 -4.05 -15.69
C LEU D 25 3.80 -5.03 -16.77
N LEU D 26 2.83 -4.61 -17.59
CA LEU D 26 2.45 -5.33 -18.80
C LEU D 26 3.13 -4.65 -19.97
N LEU D 27 3.91 -5.42 -20.72
CA LEU D 27 4.64 -4.89 -21.85
C LEU D 27 3.96 -5.36 -23.12
N ILE D 28 3.45 -4.41 -23.88
CA ILE D 28 2.72 -4.70 -25.12
C ILE D 28 3.60 -4.35 -26.31
N PRO D 29 4.09 -5.37 -27.03
CA PRO D 29 4.99 -5.09 -28.15
C PRO D 29 4.31 -4.60 -29.43
N GLY D 30 5.14 -4.33 -30.42
CA GLY D 30 4.70 -3.85 -31.73
C GLY D 30 4.13 -4.91 -32.66
N ILE D 31 3.81 -4.46 -33.87
CA ILE D 31 2.96 -5.20 -34.83
C ILE D 31 3.48 -6.59 -35.19
N THR D 32 4.79 -6.76 -35.25
CA THR D 32 5.39 -8.07 -35.65
C THR D 32 6.41 -8.52 -34.60
N SER D 33 6.09 -8.28 -33.32
CA SER D 33 7.02 -8.54 -32.24
C SER D 33 6.43 -9.49 -31.19
N PRO D 34 6.62 -10.82 -31.39
CA PRO D 34 6.27 -11.76 -30.32
C PRO D 34 6.99 -11.44 -29.02
N ALA D 35 6.36 -11.81 -27.89
CA ALA D 35 6.90 -11.49 -26.57
C ALA D 35 8.38 -11.86 -26.42
N VAL D 36 8.77 -13.02 -26.95
CA VAL D 36 10.14 -13.52 -26.79
C VAL D 36 11.17 -12.51 -27.35
N THR D 37 10.78 -11.72 -28.34
CA THR D 37 11.71 -10.80 -29.00
C THR D 37 12.04 -9.60 -28.13
N TRP D 38 11.25 -9.39 -27.06
CA TRP D 38 11.49 -8.34 -26.06
C TRP D 38 12.20 -8.85 -24.82
N GLY D 39 12.59 -10.13 -24.83
CA GLY D 39 13.26 -10.75 -23.68
C GLY D 39 14.47 -9.98 -23.18
N PHE D 40 15.32 -9.56 -24.11
CA PHE D 40 16.55 -8.82 -23.77
C PHE D 40 16.25 -7.50 -23.04
N VAL D 41 15.10 -6.92 -23.31
CA VAL D 41 14.68 -5.67 -22.68
C VAL D 41 14.05 -5.98 -21.33
N ALA D 42 13.15 -6.97 -21.34
CA ALA D 42 12.41 -7.34 -20.14
C ALA D 42 13.33 -7.79 -19.00
N GLU D 43 14.40 -8.50 -19.34
CA GLU D 43 15.40 -8.94 -18.36
C GLU D 43 15.96 -7.75 -17.57
N ARG D 44 16.26 -6.65 -18.28
CA ARG D 44 16.71 -5.40 -17.66
C ARG D 44 15.59 -4.65 -16.93
N LEU D 45 14.41 -4.61 -17.52
CA LEU D 45 13.29 -3.96 -16.86
C LEU D 45 12.93 -4.61 -15.53
N ALA D 46 13.18 -5.90 -15.40
CA ALA D 46 12.80 -6.65 -14.20
C ALA D 46 13.51 -6.13 -12.94
N LYS D 47 14.56 -5.34 -13.14
CA LYS D 47 15.23 -4.65 -12.03
C LYS D 47 14.30 -3.63 -11.40
N TYR D 48 13.34 -3.13 -12.18
CA TYR D 48 12.50 -2.00 -11.76
C TYR D 48 11.02 -2.35 -11.60
N PHE D 49 10.59 -3.37 -12.33
CA PHE D 49 9.19 -3.79 -12.37
C PHE D 49 9.10 -5.31 -12.28
N ASP D 50 7.90 -5.80 -11.99
CA ASP D 50 7.58 -7.21 -12.16
C ASP D 50 7.00 -7.30 -13.58
N VAL D 51 7.80 -7.81 -14.52
CA VAL D 51 7.53 -7.65 -15.95
C VAL D 51 6.78 -8.86 -16.55
N HIS D 52 5.70 -8.55 -17.26
CA HIS D 52 4.90 -9.56 -17.96
C HIS D 52 4.76 -9.13 -19.38
N VAL D 53 5.46 -9.82 -20.28
CA VAL D 53 5.49 -9.46 -21.71
C VAL D 53 4.41 -10.24 -22.46
N VAL D 54 3.54 -9.53 -23.18
CA VAL D 54 2.35 -10.14 -23.78
C VAL D 54 2.58 -10.50 -25.23
N ASP D 55 2.23 -11.74 -25.62
CA ASP D 55 2.01 -12.06 -27.03
C ASP D 55 0.62 -11.55 -27.38
N VAL D 56 0.55 -10.51 -28.21
CA VAL D 56 -0.75 -9.97 -28.64
C VAL D 56 -1.45 -11.05 -29.49
N ARG D 57 -2.79 -11.08 -29.47
CA ARG D 57 -3.52 -12.04 -30.30
C ARG D 57 -2.97 -12.04 -31.74
N GLY D 58 -2.85 -13.24 -32.31
CA GLY D 58 -2.29 -13.40 -33.65
C GLY D 58 -0.77 -13.35 -33.70
N ARG D 59 -0.10 -13.34 -32.54
CA ARG D 59 1.35 -13.40 -32.51
C ARG D 59 1.84 -14.42 -31.50
N GLY D 60 3.06 -14.92 -31.74
CA GLY D 60 3.68 -15.83 -30.78
C GLY D 60 2.83 -17.06 -30.52
N LEU D 61 2.61 -17.35 -29.24
CA LEU D 61 1.82 -18.51 -28.85
C LEU D 61 0.39 -18.14 -28.44
N SER D 62 0.02 -16.88 -28.59
CA SER D 62 -1.37 -16.50 -28.28
C SER D 62 -2.36 -16.98 -29.32
N GLU D 63 -3.64 -16.92 -28.96
CA GLU D 63 -4.72 -17.35 -29.85
C GLU D 63 -4.57 -16.70 -31.22
N SER D 64 -4.74 -17.51 -32.26
CA SER D 64 -4.71 -17.02 -33.64
C SER D 64 -5.92 -17.52 -34.41
N GLY D 65 -5.83 -17.44 -35.73
CA GLY D 65 -6.91 -17.88 -36.60
C GLY D 65 -7.91 -16.77 -36.93
N ASP D 66 -9.18 -17.09 -37.22
N ASP D 66 -9.16 -17.23 -36.89
CA ASP D 66 -10.12 -16.07 -37.79
CA ASP D 66 -10.35 -16.45 -37.11
C ASP D 66 -10.75 -15.18 -36.72
C ASP D 66 -10.65 -15.61 -35.88
N LEU D 67 -9.92 -14.31 -36.11
N LEU D 67 -10.05 -14.42 -35.86
CA LEU D 67 -10.34 -13.50 -34.97
CA LEU D 67 -10.25 -13.47 -34.78
C LEU D 67 -10.59 -12.07 -35.39
C LEU D 67 -10.44 -12.06 -35.29
N ASP D 68 -11.09 -11.26 -34.46
CA ASP D 68 -11.11 -9.82 -34.60
C ASP D 68 -9.71 -9.31 -34.22
N TYR D 69 -8.97 -8.74 -35.19
CA TYR D 69 -7.64 -8.19 -34.93
C TYR D 69 -7.61 -6.67 -34.83
N SER D 70 -8.78 -6.07 -34.65
CA SER D 70 -8.91 -4.63 -34.51
C SER D 70 -8.29 -4.12 -33.19
N LEU D 71 -7.99 -2.83 -33.19
CA LEU D 71 -7.46 -2.19 -32.00
C LEU D 71 -8.43 -2.36 -30.84
N ASP D 72 -9.72 -2.28 -31.12
CA ASP D 72 -10.74 -2.57 -30.10
C ASP D 72 -10.60 -3.93 -29.38
N ALA D 73 -10.46 -4.99 -30.17
CA ALA D 73 -10.32 -6.34 -29.61
C ALA D 73 -9.02 -6.47 -28.83
N MSE D 74 -7.92 -5.93 -29.37
CA MSE D 74 -6.63 -6.06 -28.71
C MSE D 74 -6.65 -5.27 -27.41
O MSE D 74 -6.07 -5.67 -26.41
CB MSE D 74 -5.48 -5.67 -29.69
CG MSE D 74 -5.29 -6.65 -30.88
SE MSE D 74 -3.77 -6.19 -32.13
CE MSE D 74 -4.36 -4.39 -32.66
N ALA D 75 -7.33 -4.12 -27.41
CA ALA D 75 -7.51 -3.35 -26.18
C ALA D 75 -8.37 -4.09 -25.15
N ASP D 76 -9.43 -4.76 -25.61
CA ASP D 76 -10.25 -5.57 -24.70
C ASP D 76 -9.42 -6.69 -24.07
N ASP D 77 -8.49 -7.27 -24.84
CA ASP D 77 -7.61 -8.32 -24.30
C ASP D 77 -6.80 -7.80 -23.13
N LEU D 78 -6.26 -6.59 -23.30
CA LEU D 78 -5.41 -5.95 -22.31
C LEU D 78 -6.20 -5.56 -21.07
N VAL D 79 -7.39 -4.99 -21.27
CA VAL D 79 -8.24 -4.67 -20.13
C VAL D 79 -8.52 -5.92 -19.31
N ALA D 80 -8.83 -7.03 -19.99
CA ALA D 80 -9.07 -8.30 -19.30
C ALA D 80 -7.86 -8.80 -18.49
N LEU D 81 -6.65 -8.63 -19.04
CA LEU D 81 -5.45 -9.05 -18.30
C LEU D 81 -5.22 -8.19 -17.07
N ALA D 82 -5.39 -6.89 -17.24
CA ALA D 82 -5.12 -5.92 -16.19
C ALA D 82 -6.07 -6.06 -15.00
N GLN D 83 -7.28 -6.57 -15.24
CA GLN D 83 -8.25 -6.82 -14.15
C GLN D 83 -7.62 -7.67 -13.05
N ARG D 84 -6.72 -8.55 -13.45
CA ARG D 84 -6.16 -9.58 -12.57
C ARG D 84 -4.98 -9.03 -11.77
N MSE D 85 -4.52 -7.84 -12.13
CA MSE D 85 -3.35 -7.23 -11.52
C MSE D 85 -3.82 -6.00 -10.79
O MSE D 85 -4.80 -5.36 -11.17
CB MSE D 85 -2.32 -6.96 -12.63
CG MSE D 85 -1.76 -8.28 -13.17
SE MSE D 85 -0.45 -8.12 -14.65
CE MSE D 85 -1.45 -9.35 -15.80
N GLU D 86 -3.14 -5.67 -9.69
CA GLU D 86 -3.43 -4.43 -8.97
C GLU D 86 -2.35 -3.41 -9.26
N GLY D 87 -2.76 -2.25 -9.77
CA GLY D 87 -1.85 -1.11 -9.98
C GLY D 87 -0.88 -1.27 -11.12
N VAL D 88 -1.30 -1.99 -12.17
CA VAL D 88 -0.42 -2.32 -13.28
C VAL D 88 -0.04 -1.10 -14.14
N VAL D 89 1.25 -1.03 -14.46
CA VAL D 89 1.79 -0.06 -15.41
C VAL D 89 1.76 -0.74 -16.77
N VAL D 90 1.41 0.00 -17.81
CA VAL D 90 1.46 -0.55 -19.15
C VAL D 90 2.53 0.16 -19.96
N LEU D 91 3.45 -0.61 -20.53
CA LEU D 91 4.41 -0.03 -21.43
C LEU D 91 4.08 -0.63 -22.78
N GLY D 92 3.63 0.21 -23.70
CA GLY D 92 3.34 -0.24 -25.07
C GLY D 92 4.30 0.34 -26.09
N HIS D 93 4.75 -0.52 -27.00
CA HIS D 93 5.58 -0.05 -28.11
C HIS D 93 4.83 -0.03 -29.40
N ALA D 94 4.79 1.13 -30.04
CA ALA D 94 4.24 1.27 -31.40
C ALA D 94 2.76 0.85 -31.47
N MSE D 95 2.41 -0.23 -32.17
CA MSE D 95 1.06 -0.78 -32.09
C MSE D 95 0.65 -0.95 -30.64
O MSE D 95 -0.48 -0.65 -30.27
CB MSE D 95 0.99 -2.16 -32.76
CG MSE D 95 -0.43 -2.77 -32.69
SE MSE D 95 -0.43 -4.58 -33.52
CE MSE D 95 0.47 -5.46 -32.01
N GLY D 96 1.57 -1.47 -29.82
CA GLY D 96 1.30 -1.70 -28.40
C GLY D 96 0.96 -0.43 -27.66
N ALA D 97 1.54 0.70 -28.07
CA ALA D 97 1.20 1.98 -27.45
C ALA D 97 -0.24 2.38 -27.80
N ARG D 98 -0.65 2.12 -29.05
CA ARG D 98 -2.01 2.39 -29.48
C ARG D 98 -2.99 1.51 -28.71
N ILE D 99 -2.61 0.24 -28.49
CA ILE D 99 -3.43 -0.68 -27.70
C ILE D 99 -3.59 -0.13 -26.29
N ALA D 100 -2.49 0.33 -25.70
CA ALA D 100 -2.52 0.88 -24.33
C ALA D 100 -3.47 2.09 -24.23
N ILE D 101 -3.40 2.97 -25.22
CA ILE D 101 -4.24 4.17 -25.27
C ILE D 101 -5.72 3.77 -25.30
N ARG D 102 -6.05 2.87 -26.21
CA ARG D 102 -7.44 2.44 -26.37
C ARG D 102 -7.91 1.67 -25.13
N ALA D 103 -7.05 0.81 -24.57
CA ALA D 103 -7.41 0.10 -23.33
C ALA D 103 -7.68 1.08 -22.17
N ALA D 104 -6.84 2.10 -22.04
CA ALA D 104 -7.04 3.10 -20.98
C ALA D 104 -8.32 3.89 -21.16
N ARG D 105 -8.70 4.11 -22.42
CA ARG D 105 -9.96 4.78 -22.70
C ARG D 105 -11.14 3.89 -22.26
N LYS D 106 -11.06 2.60 -22.55
CA LYS D 106 -12.13 1.68 -22.21
C LYS D 106 -12.26 1.45 -20.71
N ASP D 107 -11.13 1.48 -19.99
CA ASP D 107 -11.17 1.27 -18.55
C ASP D 107 -10.12 2.13 -17.87
N SER D 108 -10.55 3.27 -17.32
CA SER D 108 -9.63 4.16 -16.63
C SER D 108 -8.99 3.44 -15.42
N GLN D 109 -9.84 2.89 -14.56
CA GLN D 109 -9.47 2.41 -13.21
C GLN D 109 -8.39 1.32 -13.11
N VAL D 110 -8.29 0.45 -14.12
CA VAL D 110 -7.45 -0.73 -13.96
C VAL D 110 -5.95 -0.52 -14.18
N PHE D 111 -5.57 0.60 -14.80
CA PHE D 111 -4.16 0.89 -15.04
C PHE D 111 -3.69 2.02 -14.13
N SER D 112 -2.48 1.89 -13.59
CA SER D 112 -1.91 2.97 -12.78
C SER D 112 -1.41 4.13 -13.66
N ARG D 113 -0.72 3.79 -14.76
CA ARG D 113 -0.16 4.77 -15.70
C ARG D 113 0.31 4.09 -16.99
N LEU D 114 0.61 4.90 -17.99
CA LEU D 114 1.02 4.39 -19.29
C LEU D 114 2.39 4.89 -19.66
N ILE D 115 3.16 4.03 -20.30
CA ILE D 115 4.41 4.42 -20.91
C ILE D 115 4.24 4.10 -22.39
N LEU D 116 4.19 5.14 -23.21
CA LEU D 116 3.85 4.99 -24.63
C LEU D 116 5.09 5.22 -25.47
N VAL D 117 5.58 4.17 -26.12
CA VAL D 117 6.81 4.31 -26.84
C VAL D 117 6.57 4.32 -28.33
N ASP D 118 6.87 5.47 -28.90
CA ASP D 118 6.78 5.71 -30.34
C ASP D 118 5.50 5.16 -31.03
N PRO D 119 4.31 5.47 -30.48
CA PRO D 119 3.10 5.09 -31.20
C PRO D 119 3.02 5.74 -32.58
N PRO D 120 2.56 5.00 -33.61
CA PRO D 120 2.06 5.67 -34.81
C PRO D 120 1.04 6.73 -34.43
N VAL D 121 1.14 7.90 -35.06
CA VAL D 121 0.19 8.98 -34.82
C VAL D 121 -0.71 9.18 -36.06
N SER D 122 -0.69 8.21 -36.94
CA SER D 122 -1.57 8.15 -38.09
C SER D 122 -3.01 7.92 -37.63
N GLY D 123 -3.95 8.12 -38.56
CA GLY D 123 -5.36 7.93 -38.27
C GLY D 123 -6.17 8.60 -39.36
N PRO D 124 -7.51 8.59 -39.23
CA PRO D 124 -8.39 9.21 -40.25
C PRO D 124 -8.02 10.68 -40.52
N GLY D 125 -7.70 11.00 -41.78
CA GLY D 125 -7.36 12.37 -42.17
C GLY D 125 -6.01 12.84 -41.67
N ARG D 126 -5.18 11.90 -41.22
CA ARG D 126 -3.86 12.23 -40.67
C ARG D 126 -2.72 11.72 -41.54
N ARG D 127 -1.52 12.20 -41.24
CA ARG D 127 -0.31 11.77 -41.94
C ARG D 127 -0.18 10.24 -41.82
N PRO D 128 0.01 9.56 -42.95
CA PRO D 128 0.13 8.10 -42.88
C PRO D 128 1.38 7.66 -42.14
N TYR D 129 1.36 6.43 -41.64
CA TYR D 129 2.50 5.86 -40.94
C TYR D 129 3.64 5.67 -41.94
N PRO D 130 4.85 6.19 -41.62
CA PRO D 130 5.96 6.22 -42.59
C PRO D 130 6.78 4.93 -42.62
N ALA D 131 6.12 3.86 -43.03
CA ALA D 131 6.76 2.55 -43.26
C ALA D 131 6.19 1.92 -44.52
N LYS D 132 6.99 1.10 -45.18
CA LYS D 132 6.53 0.40 -46.38
C LYS D 132 5.91 -0.92 -45.98
N TRP D 133 4.66 -1.10 -46.39
CA TRP D 133 3.94 -2.33 -46.13
C TRP D 133 4.68 -3.56 -46.61
N SER D 134 5.34 -3.44 -47.76
CA SER D 134 6.01 -4.60 -48.37
C SER D 134 7.08 -5.22 -47.46
N TRP D 135 7.69 -4.41 -46.59
CA TRP D 135 8.70 -4.89 -45.67
C TRP D 135 8.10 -5.95 -44.77
N TYR D 136 6.89 -5.70 -44.28
CA TYR D 136 6.18 -6.64 -43.42
C TYR D 136 5.71 -7.84 -44.21
N ALA D 137 5.09 -7.58 -45.36
CA ALA D 137 4.47 -8.65 -46.15
C ALA D 137 5.50 -9.65 -46.65
N GLU D 138 6.60 -9.15 -47.21
CA GLU D 138 7.60 -10.04 -47.80
C GLU D 138 8.31 -10.84 -46.71
N SER D 139 8.63 -10.20 -45.59
CA SER D 139 9.36 -10.92 -44.52
C SER D 139 8.48 -11.95 -43.82
N ILE D 140 7.19 -11.65 -43.64
CA ILE D 140 6.28 -12.64 -43.05
C ILE D 140 6.14 -13.85 -43.97
N ARG D 141 6.01 -13.61 -45.28
CA ARG D 141 5.82 -14.75 -46.17
C ARG D 141 7.08 -15.61 -46.22
N LEU D 142 8.25 -14.97 -46.23
CA LEU D 142 9.53 -15.66 -46.15
C LEU D 142 9.63 -16.52 -44.88
N ALA D 143 9.28 -15.93 -43.75
CA ALA D 143 9.33 -16.63 -42.46
C ALA D 143 8.37 -17.83 -42.39
N GLN D 144 7.17 -17.65 -42.96
CA GLN D 144 6.19 -18.73 -43.01
C GLN D 144 6.72 -19.94 -43.73
N ARG D 145 7.46 -19.69 -44.82
CA ARG D 145 8.04 -20.78 -45.60
C ARG D 145 9.09 -21.51 -44.78
N GLY D 146 9.88 -20.75 -44.02
CA GLY D 146 10.98 -21.29 -43.25
C GLY D 146 12.25 -20.68 -43.81
N CYS D 147 12.81 -19.74 -43.09
CA CYS D 147 13.95 -19.00 -43.62
C CYS D 147 15.12 -18.94 -42.65
N THR D 148 16.30 -18.70 -43.21
CA THR D 148 17.52 -18.59 -42.43
C THR D 148 17.67 -17.19 -41.85
N ALA D 149 18.49 -17.09 -40.81
CA ALA D 149 18.91 -15.81 -40.29
C ALA D 149 19.47 -14.94 -41.41
N MSE D 150 20.20 -15.55 -42.33
CA MSE D 150 20.79 -14.81 -43.47
C MSE D 150 19.72 -14.18 -44.34
O MSE D 150 19.85 -13.01 -44.74
CB MSE D 150 21.79 -15.68 -44.23
CG MSE D 150 22.45 -14.93 -45.39
SE MSE D 150 23.59 -13.44 -44.77
CE MSE D 150 24.55 -14.33 -43.33
N GLU D 151 18.63 -14.90 -44.61
CA GLU D 151 17.50 -14.33 -45.35
C GLU D 151 16.84 -13.19 -44.60
N MSE D 152 16.71 -13.35 -43.28
CA MSE D 152 16.11 -12.30 -42.45
C MSE D 152 16.99 -11.10 -42.30
O MSE D 152 16.50 -9.98 -42.11
CB MSE D 152 15.71 -12.92 -41.09
CG MSE D 152 14.88 -12.00 -40.21
SE MSE D 152 13.26 -11.39 -41.17
CE MSE D 152 12.30 -13.11 -41.26
N ARG D 153 18.31 -11.28 -42.41
CA ARG D 153 19.25 -10.16 -42.27
C ARG D 153 18.91 -8.96 -43.16
N SER D 154 18.43 -9.23 -44.37
CA SER D 154 18.05 -8.18 -45.34
C SER D 154 17.04 -7.22 -44.77
N TYR D 155 16.19 -7.73 -43.89
CA TYR D 155 15.10 -6.93 -43.34
C TYR D 155 15.50 -6.18 -42.06
N CYS D 156 16.44 -6.73 -41.30
CA CYS D 156 16.91 -6.10 -40.06
C CYS D 156 18.44 -6.05 -40.01
N PRO D 157 19.07 -5.34 -40.95
CA PRO D 157 20.51 -5.44 -41.11
C PRO D 157 21.34 -4.81 -40.00
N THR D 158 20.75 -3.89 -39.23
CA THR D 158 21.47 -3.24 -38.14
C THR D 158 21.35 -3.99 -36.81
N TRP D 159 20.57 -5.06 -36.76
CA TRP D 159 20.40 -5.83 -35.52
C TRP D 159 21.55 -6.78 -35.26
N THR D 160 21.61 -7.31 -34.03
CA THR D 160 22.64 -8.29 -33.68
C THR D 160 22.34 -9.63 -34.34
N ASP D 161 23.36 -10.49 -34.44
CA ASP D 161 23.17 -11.83 -34.98
C ASP D 161 22.03 -12.57 -34.28
N GLU D 162 22.02 -12.48 -32.95
CA GLU D 162 21.02 -13.18 -32.14
C GLU D 162 19.60 -12.65 -32.38
N GLN D 163 19.48 -11.32 -32.52
CA GLN D 163 18.17 -10.71 -32.70
C GLN D 163 17.61 -11.10 -34.06
N ILE D 164 18.49 -11.18 -35.05
CA ILE D 164 18.09 -11.60 -36.40
C ILE D 164 17.68 -13.07 -36.41
N GLU D 165 18.48 -13.91 -35.75
CA GLU D 165 18.17 -15.32 -35.62
C GLU D 165 16.80 -15.52 -34.96
N LEU D 166 16.54 -14.77 -33.89
CA LEU D 166 15.28 -14.89 -33.17
C LEU D 166 14.10 -14.46 -34.04
N ARG D 167 14.28 -13.40 -34.81
CA ARG D 167 13.21 -12.97 -35.71
C ARG D 167 12.97 -14.01 -36.83
N ALA D 168 14.04 -14.60 -37.37
CA ALA D 168 13.85 -15.65 -38.36
C ALA D 168 13.08 -16.84 -37.78
N GLU D 169 13.30 -17.09 -36.50
CA GLU D 169 12.65 -18.21 -35.82
C GLU D 169 11.17 -17.96 -35.53
N TRP D 170 10.85 -16.74 -35.12
CA TRP D 170 9.50 -16.43 -34.59
C TRP D 170 8.60 -15.58 -35.43
N LEU D 171 9.11 -14.93 -36.49
CA LEU D 171 8.25 -13.99 -37.23
C LEU D 171 7.01 -14.65 -37.84
N HIS D 172 7.14 -15.91 -38.22
CA HIS D 172 6.02 -16.64 -38.84
C HIS D 172 4.84 -16.79 -37.92
N THR D 173 5.06 -16.62 -36.61
CA THR D 173 3.95 -16.72 -35.66
C THR D 173 3.10 -15.47 -35.68
N CYS D 174 3.52 -14.44 -36.42
CA CYS D 174 2.71 -13.21 -36.58
C CYS D 174 1.83 -13.42 -37.81
N GLN D 175 0.58 -13.80 -37.56
CA GLN D 175 -0.35 -14.18 -38.63
C GLN D 175 -0.49 -13.04 -39.62
N TYR D 176 -0.41 -13.34 -40.91
CA TYR D 176 -0.44 -12.28 -41.91
C TYR D 176 -1.69 -11.42 -41.79
N THR D 177 -2.85 -12.05 -41.62
CA THR D 177 -4.11 -11.28 -41.58
C THR D 177 -4.17 -10.35 -40.37
N ALA D 178 -3.52 -10.78 -39.29
CA ALA D 178 -3.46 -10.00 -38.07
C ALA D 178 -2.58 -8.76 -38.30
N VAL D 179 -1.46 -8.98 -38.98
CA VAL D 179 -0.52 -7.88 -39.22
C VAL D 179 -1.11 -6.84 -40.19
N LYS D 180 -1.76 -7.34 -41.25
CA LYS D 180 -2.43 -6.45 -42.21
C LYS D 180 -3.50 -5.61 -41.52
N THR D 181 -4.29 -6.26 -40.66
CA THR D 181 -5.34 -5.55 -39.93
C THR D 181 -4.74 -4.46 -39.05
N ALA D 182 -3.63 -4.76 -38.38
CA ALA D 182 -3.01 -3.77 -37.51
C ALA D 182 -2.49 -2.59 -38.31
N PHE D 183 -1.91 -2.88 -39.47
CA PHE D 183 -1.31 -1.83 -40.29
C PHE D 183 -2.42 -0.92 -40.85
N ASP D 184 -3.53 -1.53 -41.26
CA ASP D 184 -4.70 -0.74 -41.64
C ASP D 184 -5.22 0.08 -40.46
N GLY D 185 -5.16 -0.53 -39.27
CA GLY D 185 -5.65 0.11 -38.05
C GLY D 185 -4.91 1.40 -37.73
N PHE D 186 -3.61 1.43 -38.04
CA PHE D 186 -2.81 2.64 -37.87
C PHE D 186 -3.46 3.80 -38.64
N HIS D 187 -4.20 3.48 -39.69
CA HIS D 187 -4.80 4.48 -40.57
C HIS D 187 -6.27 4.68 -40.36
N THR D 188 -6.94 3.67 -39.83
CA THR D 188 -8.41 3.77 -39.64
C THR D 188 -8.86 4.07 -38.22
N ASP D 189 -8.05 3.73 -37.22
CA ASP D 189 -8.38 4.04 -35.82
C ASP D 189 -7.92 5.44 -35.47
N ASP D 190 -8.74 6.16 -34.71
CA ASP D 190 -8.36 7.48 -34.21
C ASP D 190 -7.96 7.35 -32.75
N ILE D 191 -6.67 7.44 -32.46
CA ILE D 191 -6.21 7.36 -31.07
C ILE D 191 -6.16 8.74 -30.41
N HIS D 192 -6.37 9.79 -31.20
CA HIS D 192 -6.30 11.15 -30.65
C HIS D 192 -7.54 11.49 -29.90
N THR D 193 -8.68 11.07 -30.44
CA THR D 193 -9.91 11.21 -29.68
C THR D 193 -9.89 10.33 -28.42
N ASP D 194 -9.16 9.21 -28.45
CA ASP D 194 -8.94 8.40 -27.24
C ASP D 194 -8.14 9.18 -26.18
N LEU D 195 -7.01 9.76 -26.60
CA LEU D 195 -6.13 10.50 -25.71
C LEU D 195 -6.88 11.61 -24.99
N ALA D 196 -7.81 12.23 -25.71
CA ALA D 196 -8.62 13.33 -25.17
C ALA D 196 -9.43 12.94 -23.94
N GLN D 197 -9.59 11.64 -23.74
CA GLN D 197 -10.37 11.12 -22.62
C GLN D 197 -9.52 10.79 -21.42
N LEU D 198 -8.20 10.72 -21.59
CA LEU D 198 -7.33 10.14 -20.57
C LEU D 198 -6.82 11.16 -19.57
N THR D 199 -6.92 10.82 -18.28
CA THR D 199 -6.44 11.69 -17.21
C THR D 199 -5.33 11.05 -16.38
N LEU D 200 -5.11 9.74 -16.56
CA LEU D 200 -4.08 9.01 -15.81
C LEU D 200 -2.68 9.42 -16.30
N PRO D 201 -1.63 9.16 -15.49
CA PRO D 201 -0.30 9.58 -15.90
C PRO D 201 0.17 8.90 -17.18
N ILE D 202 0.77 9.68 -18.07
CA ILE D 202 1.28 9.19 -19.35
C ILE D 202 2.67 9.72 -19.54
N GLN D 203 3.59 8.81 -19.84
CA GLN D 203 4.91 9.17 -20.33
C GLN D 203 5.03 8.80 -21.81
N LEU D 204 5.30 9.78 -22.66
CA LEU D 204 5.50 9.54 -24.08
C LEU D 204 6.99 9.47 -24.37
N VAL D 205 7.44 8.33 -24.89
CA VAL D 205 8.84 8.10 -25.23
C VAL D 205 8.99 8.10 -26.74
N VAL D 206 9.82 9.00 -27.25
CA VAL D 206 9.87 9.27 -28.68
C VAL D 206 11.20 8.82 -29.26
N ALA D 207 11.16 8.15 -30.41
CA ALA D 207 12.39 7.79 -31.12
C ALA D 207 12.89 9.02 -31.87
N GLY D 208 13.98 9.62 -31.36
CA GLY D 208 14.47 10.89 -31.92
C GLY D 208 14.98 10.77 -33.35
N GLY D 209 15.48 9.60 -33.72
CA GLY D 209 15.98 9.37 -35.08
C GLY D 209 15.00 8.80 -36.09
N ALA D 210 13.73 8.68 -35.69
CA ALA D 210 12.69 8.18 -36.58
C ALA D 210 11.75 9.31 -36.98
N GLU D 211 10.94 9.06 -38.01
CA GLU D 211 9.96 10.03 -38.51
C GLU D 211 8.53 9.71 -38.04
N VAL D 212 8.39 8.75 -37.12
CA VAL D 212 7.06 8.32 -36.67
C VAL D 212 6.34 9.45 -35.94
N ILE D 213 7.07 10.14 -35.06
CA ILE D 213 6.48 11.25 -34.32
C ILE D 213 7.27 12.53 -34.56
N GLN D 214 6.58 13.55 -35.06
CA GLN D 214 7.21 14.83 -35.35
C GLN D 214 6.86 15.82 -34.24
N PRO D 215 7.60 16.93 -34.13
CA PRO D 215 7.37 17.83 -33.00
C PRO D 215 5.92 18.32 -32.85
N ASP D 216 5.27 18.63 -33.96
CA ASP D 216 3.86 19.06 -33.92
C ASP D 216 2.95 17.94 -33.40
N ASP D 217 3.34 16.69 -33.64
CA ASP D 217 2.61 15.55 -33.11
C ASP D 217 2.70 15.44 -31.61
N ILE D 218 3.87 15.74 -31.06
CA ILE D 218 4.07 15.77 -29.62
C ILE D 218 3.20 16.88 -29.00
N ALA D 219 3.20 18.05 -29.64
CA ALA D 219 2.39 19.18 -29.21
C ALA D 219 0.89 18.83 -29.15
N GLU D 220 0.40 18.14 -30.19
CA GLU D 220 -1.01 17.73 -30.21
C GLU D 220 -1.32 16.76 -29.09
N ILE D 221 -0.45 15.77 -28.89
CA ILE D 221 -0.65 14.81 -27.79
C ILE D 221 -0.79 15.54 -26.44
N ILE D 222 0.12 16.48 -26.18
CA ILE D 222 0.11 17.23 -24.93
C ILE D 222 -1.14 18.12 -24.79
N SER D 223 -1.63 18.68 -25.90
CA SER D 223 -2.85 19.47 -25.86
CA SER D 223 -2.85 19.48 -25.89
C SER D 223 -4.06 18.61 -25.50
N LEU D 224 -4.08 17.39 -26.00
CA LEU D 224 -5.18 16.47 -25.73
C LEU D 224 -5.12 15.87 -24.33
N ALA D 225 -3.91 15.56 -23.89
CA ALA D 225 -3.68 14.99 -22.56
C ALA D 225 -2.57 15.78 -21.87
N PRO D 226 -2.94 16.91 -21.23
CA PRO D 226 -1.99 17.87 -20.67
C PRO D 226 -1.06 17.34 -19.59
N GLN D 227 -1.41 16.23 -18.97
CA GLN D 227 -0.54 15.59 -17.98
C GLN D 227 0.67 14.88 -18.59
N THR D 228 0.66 14.66 -19.90
CA THR D 228 1.71 13.86 -20.56
C THR D 228 3.13 14.43 -20.38
N THR D 229 4.03 13.58 -19.90
CA THR D 229 5.46 13.91 -19.88
C THR D 229 6.13 13.30 -21.12
N THR D 230 7.20 13.93 -21.59
CA THR D 230 7.87 13.45 -22.81
C THR D 230 9.35 13.18 -22.56
N TYR D 231 9.86 12.18 -23.28
CA TYR D 231 11.26 11.83 -23.23
C TYR D 231 11.69 11.41 -24.63
N VAL D 232 12.63 12.16 -25.21
CA VAL D 232 13.13 11.83 -26.53
C VAL D 232 14.45 11.06 -26.42
N VAL D 233 14.48 9.85 -26.98
CA VAL D 233 15.72 9.08 -27.05
C VAL D 233 16.44 9.46 -28.35
N GLU D 234 17.48 10.27 -28.22
CA GLU D 234 17.97 11.07 -29.36
C GLU D 234 18.42 10.39 -30.65
N GLU D 235 19.35 9.45 -30.62
CA GLU D 235 19.86 8.93 -31.90
C GLU D 235 18.98 7.81 -32.46
N ALA D 236 18.05 7.34 -31.64
CA ALA D 236 17.38 6.05 -31.84
C ALA D 236 16.29 6.07 -32.91
N GLY D 237 16.23 4.98 -33.69
CA GLY D 237 15.14 4.75 -34.62
C GLY D 237 13.94 4.14 -33.90
N HIS D 238 12.91 3.82 -34.68
CA HIS D 238 11.64 3.36 -34.14
C HIS D 238 11.74 2.18 -33.19
N MSE D 239 12.61 1.23 -33.50
CA MSE D 239 12.79 0.06 -32.63
C MSE D 239 13.78 0.47 -31.59
O MSE D 239 14.93 0.00 -31.61
CB MSE D 239 13.31 -1.13 -33.44
CG MSE D 239 12.57 -1.33 -34.74
SE MSE D 239 10.76 -2.07 -34.41
CE MSE D 239 11.13 -3.82 -33.61
N ILE D 240 13.37 1.33 -30.65
CA ILE D 240 14.31 2.01 -29.75
C ILE D 240 15.32 1.09 -29.04
N PRO D 241 14.86 0.05 -28.31
CA PRO D 241 15.84 -0.78 -27.56
C PRO D 241 16.82 -1.56 -28.44
N TRP D 242 16.51 -1.74 -29.72
CA TRP D 242 17.45 -2.36 -30.65
C TRP D 242 18.54 -1.40 -31.05
N ASP D 243 18.24 -0.10 -31.04
CA ASP D 243 19.23 0.93 -31.40
C ASP D 243 19.99 1.49 -30.21
N ASN D 244 19.29 1.64 -29.09
CA ASN D 244 19.87 2.21 -27.87
C ASN D 244 19.19 1.63 -26.63
N LEU D 245 19.62 0.44 -26.22
CA LEU D 245 19.03 -0.23 -25.06
C LEU D 245 19.13 0.58 -23.75
N GLU D 246 20.32 1.10 -23.46
CA GLU D 246 20.53 1.85 -22.22
CA GLU D 246 20.55 1.87 -22.22
C GLU D 246 19.73 3.17 -22.19
N GLY D 247 19.67 3.85 -23.34
CA GLY D 247 18.85 5.05 -23.49
C GLY D 247 17.38 4.74 -23.23
N PHE D 248 16.92 3.63 -23.81
CA PHE D 248 15.56 3.15 -23.58
C PHE D 248 15.29 2.88 -22.10
N ILE D 249 16.17 2.12 -21.46
CA ILE D 249 15.93 1.74 -20.06
C ILE D 249 15.91 2.99 -19.17
N THR D 250 16.80 3.95 -19.46
CA THR D 250 16.83 5.23 -18.74
C THR D 250 15.50 5.95 -18.92
N ALA D 251 15.02 6.03 -20.17
CA ALA D 251 13.75 6.70 -20.49
C ALA D 251 12.59 6.16 -19.66
N VAL D 252 12.50 4.85 -19.54
CA VAL D 252 11.34 4.24 -18.95
C VAL D 252 11.36 3.86 -17.48
N SER D 253 12.50 4.01 -16.82
CA SER D 253 12.64 3.56 -15.42
C SER D 253 12.71 4.68 -14.40
N MSE E 1 -17.39 -3.01 -11.19
CA MSE E 1 -18.55 -3.64 -11.89
C MSE E 1 -19.09 -2.75 -12.99
O MSE E 1 -18.89 -1.54 -13.00
CB MSE E 1 -19.66 -4.02 -10.93
CG MSE E 1 -20.26 -2.82 -10.24
SE MSE E 1 -21.76 -2.15 -11.32
CE MSE E 1 -23.03 -2.67 -9.90
N LYS E 2 -19.79 -3.37 -13.95
CA LYS E 2 -20.25 -2.65 -15.12
C LYS E 2 -21.55 -3.27 -15.62
N GLY E 3 -22.62 -2.49 -15.55
CA GLY E 3 -23.91 -2.94 -16.06
C GLY E 3 -24.02 -2.72 -17.55
N TYR E 4 -24.76 -3.59 -18.22
CA TYR E 4 -24.97 -3.48 -19.67
C TYR E 4 -26.27 -4.17 -20.04
N ASN E 5 -26.83 -3.82 -21.20
CA ASN E 5 -28.05 -4.44 -21.70
C ASN E 5 -27.77 -5.15 -23.01
N VAL E 6 -28.44 -6.26 -23.22
CA VAL E 6 -28.40 -6.89 -24.49
C VAL E 6 -29.82 -7.19 -24.98
N TYR E 7 -29.98 -7.24 -26.28
CA TYR E 7 -31.24 -7.63 -26.85
C TYR E 7 -31.15 -9.11 -27.20
N ALA E 8 -31.85 -9.94 -26.43
CA ALA E 8 -31.77 -11.41 -26.59
C ALA E 8 -33.10 -12.04 -26.20
N ASN E 9 -33.52 -13.07 -26.95
CA ASN E 9 -34.89 -13.61 -26.85
C ASN E 9 -35.99 -12.55 -27.00
N GLY E 10 -35.67 -11.50 -27.76
CA GLY E 10 -36.66 -10.51 -28.15
C GLY E 10 -36.94 -9.50 -27.07
N ILE E 11 -36.13 -9.52 -26.01
CA ILE E 11 -36.29 -8.55 -24.91
C ILE E 11 -34.97 -7.92 -24.51
N ARG E 12 -35.04 -6.76 -23.86
CA ARG E 12 -33.89 -6.15 -23.23
C ARG E 12 -33.56 -6.89 -21.94
N GLN E 13 -32.39 -7.51 -21.90
CA GLN E 13 -31.91 -8.19 -20.70
C GLN E 13 -30.74 -7.39 -20.11
N HIS E 14 -30.90 -6.95 -18.86
CA HIS E 14 -29.88 -6.17 -18.16
C HIS E 14 -29.01 -7.11 -17.36
N ILE E 15 -27.69 -6.90 -17.45
CA ILE E 15 -26.69 -7.80 -16.83
C ILE E 15 -25.66 -6.95 -16.11
N ILE E 16 -25.14 -7.41 -14.97
CA ILE E 16 -24.07 -6.68 -14.31
C ILE E 16 -22.79 -7.53 -14.33
N HIS E 17 -21.74 -7.00 -14.95
CA HIS E 17 -20.48 -7.72 -15.04
C HIS E 17 -19.58 -7.39 -13.87
N PHE E 18 -19.13 -8.43 -13.16
CA PHE E 18 -18.10 -8.30 -12.13
C PHE E 18 -16.88 -9.02 -12.66
N PRO E 19 -15.93 -8.28 -13.26
CA PRO E 19 -14.78 -8.91 -13.91
C PRO E 19 -14.03 -9.82 -12.96
N GLY E 20 -13.71 -11.02 -13.44
CA GLY E 20 -13.11 -12.02 -12.58
C GLY E 20 -12.19 -12.97 -13.32
N THR E 21 -11.60 -13.89 -12.57
CA THR E 21 -10.57 -14.77 -13.09
C THR E 21 -11.12 -16.17 -13.26
N GLY E 22 -11.30 -16.56 -14.51
CA GLY E 22 -11.73 -17.92 -14.85
C GLY E 22 -12.83 -17.95 -15.89
N SER E 23 -13.63 -19.00 -15.85
CA SER E 23 -14.66 -19.23 -16.84
C SER E 23 -15.81 -18.26 -16.62
N PRO E 24 -16.51 -17.88 -17.70
CA PRO E 24 -17.68 -17.02 -17.52
C PRO E 24 -18.76 -17.73 -16.77
N LEU E 25 -19.44 -16.96 -15.91
CA LEU E 25 -20.52 -17.47 -15.08
C LEU E 25 -21.70 -16.53 -15.25
N LEU E 26 -22.84 -17.12 -15.61
CA LEU E 26 -24.12 -16.41 -15.58
C LEU E 26 -24.80 -16.73 -14.26
N LEU E 27 -25.13 -15.68 -13.50
CA LEU E 27 -25.73 -15.87 -12.18
C LEU E 27 -27.19 -15.48 -12.28
N ILE E 28 -28.07 -16.46 -12.09
CA ILE E 28 -29.52 -16.24 -12.21
C ILE E 28 -30.16 -16.22 -10.82
N PRO E 29 -30.55 -15.03 -10.34
CA PRO E 29 -31.05 -14.91 -8.95
C PRO E 29 -32.46 -15.46 -8.77
N GLY E 30 -32.95 -15.34 -7.52
CA GLY E 30 -34.28 -15.81 -7.16
C GLY E 30 -35.37 -14.83 -7.48
N ILE E 31 -36.58 -15.21 -7.08
CA ILE E 31 -37.85 -14.59 -7.48
C ILE E 31 -37.96 -13.07 -7.30
N THR E 32 -37.40 -12.54 -6.21
CA THR E 32 -37.46 -11.10 -5.94
C THR E 32 -36.07 -10.50 -5.74
N SER E 33 -35.12 -10.93 -6.56
CA SER E 33 -33.72 -10.54 -6.38
C SER E 33 -33.14 -9.91 -7.66
N PRO E 34 -33.29 -8.59 -7.81
CA PRO E 34 -32.60 -7.94 -8.91
C PRO E 34 -31.08 -8.19 -8.82
N ALA E 35 -30.41 -8.19 -9.96
CA ALA E 35 -28.97 -8.48 -10.04
C ALA E 35 -28.14 -7.73 -9.00
N VAL E 36 -28.43 -6.44 -8.79
CA VAL E 36 -27.63 -5.61 -7.88
C VAL E 36 -27.61 -6.18 -6.44
N THR E 37 -28.67 -6.91 -6.06
CA THR E 37 -28.79 -7.48 -4.71
C THR E 37 -27.82 -8.65 -4.50
N TRP E 38 -27.24 -9.17 -5.58
CA TRP E 38 -26.24 -10.24 -5.52
C TRP E 38 -24.83 -9.70 -5.60
N GLY E 39 -24.68 -8.38 -5.64
CA GLY E 39 -23.38 -7.72 -5.77
C GLY E 39 -22.36 -8.17 -4.73
N PHE E 40 -22.78 -8.25 -3.47
CA PHE E 40 -21.85 -8.62 -2.38
C PHE E 40 -21.29 -10.02 -2.57
N VAL E 41 -22.04 -10.88 -3.24
CA VAL E 41 -21.63 -12.24 -3.57
C VAL E 41 -20.77 -12.27 -4.83
N ALA E 42 -21.23 -11.57 -5.88
CA ALA E 42 -20.52 -11.57 -7.15
C ALA E 42 -19.09 -11.04 -7.01
N GLU E 43 -18.91 -10.03 -6.16
CA GLU E 43 -17.58 -9.47 -5.92
C GLU E 43 -16.64 -10.54 -5.37
N ARG E 44 -17.17 -11.41 -4.53
CA ARG E 44 -16.39 -12.52 -3.98
C ARG E 44 -16.23 -13.67 -5.00
N LEU E 45 -17.27 -13.92 -5.79
CA LEU E 45 -17.20 -15.02 -6.77
C LEU E 45 -16.24 -14.70 -7.91
N ALA E 46 -15.93 -13.41 -8.08
CA ALA E 46 -15.05 -12.94 -9.14
C ALA E 46 -13.61 -13.41 -8.93
N LYS E 47 -13.33 -13.95 -7.75
CA LYS E 47 -12.05 -14.61 -7.51
C LYS E 47 -11.94 -15.90 -8.34
N TYR E 48 -13.08 -16.55 -8.59
CA TYR E 48 -13.13 -17.90 -9.16
C TYR E 48 -13.70 -18.00 -10.58
N PHE E 49 -14.46 -16.96 -10.97
CA PHE E 49 -15.18 -16.93 -12.24
C PHE E 49 -15.18 -15.52 -12.79
N ASP E 50 -15.49 -15.38 -14.07
CA ASP E 50 -15.81 -14.07 -14.63
C ASP E 50 -17.35 -13.94 -14.57
N VAL E 51 -17.84 -13.11 -13.65
CA VAL E 51 -19.26 -13.15 -13.23
C VAL E 51 -20.17 -12.16 -13.96
N HIS E 52 -21.30 -12.68 -14.46
CA HIS E 52 -22.32 -11.82 -15.10
C HIS E 52 -23.61 -12.11 -14.40
N VAL E 53 -24.09 -11.15 -13.62
CA VAL E 53 -25.34 -11.34 -12.85
C VAL E 53 -26.54 -10.81 -13.65
N VAL E 54 -27.53 -11.67 -13.87
CA VAL E 54 -28.66 -11.32 -14.74
C VAL E 54 -29.84 -10.75 -13.98
N ASP E 55 -30.38 -9.62 -14.44
CA ASP E 55 -31.75 -9.21 -14.04
C ASP E 55 -32.73 -10.07 -14.85
N VAL E 56 -33.47 -10.94 -14.18
CA VAL E 56 -34.43 -11.79 -14.89
C VAL E 56 -35.53 -10.87 -15.43
N ARG E 57 -36.21 -11.25 -16.52
CA ARG E 57 -37.30 -10.40 -17.02
C ARG E 57 -38.30 -10.04 -15.91
N GLY E 58 -38.75 -8.79 -15.93
CA GLY E 58 -39.66 -8.31 -14.89
C GLY E 58 -38.98 -7.93 -13.60
N ARG E 59 -37.64 -7.89 -13.58
CA ARG E 59 -36.88 -7.44 -12.39
C ARG E 59 -35.80 -6.43 -12.77
N GLY E 60 -35.46 -5.59 -11.81
CA GLY E 60 -34.36 -4.63 -11.98
C GLY E 60 -34.57 -3.76 -13.21
N LEU E 61 -33.57 -3.72 -14.09
CA LEU E 61 -33.65 -2.92 -15.31
C LEU E 61 -33.98 -3.72 -16.57
N SER E 62 -34.26 -5.02 -16.42
CA SER E 62 -34.64 -5.82 -17.59
C SER E 62 -36.04 -5.49 -18.04
N GLU E 63 -36.37 -5.89 -19.26
CA GLU E 63 -37.68 -5.57 -19.81
C GLU E 63 -38.80 -6.06 -18.90
N SER E 64 -39.83 -5.24 -18.76
CA SER E 64 -40.99 -5.61 -17.95
C SER E 64 -42.25 -5.39 -18.78
N GLY E 65 -43.39 -5.24 -18.11
CA GLY E 65 -44.64 -5.06 -18.83
C GLY E 65 -45.38 -6.35 -19.08
N ASP E 66 -46.17 -6.38 -20.15
CA ASP E 66 -47.10 -7.50 -20.40
C ASP E 66 -46.42 -8.71 -21.04
N LEU E 67 -45.40 -9.24 -20.36
CA LEU E 67 -44.61 -10.33 -20.92
C LEU E 67 -45.07 -11.69 -20.45
N ASP E 68 -44.54 -12.73 -21.09
CA ASP E 68 -44.64 -14.10 -20.63
C ASP E 68 -43.62 -14.29 -19.48
N TYR E 69 -44.12 -14.50 -18.27
CA TYR E 69 -43.25 -14.68 -17.09
C TYR E 69 -43.10 -16.12 -16.66
N SER E 70 -43.48 -17.04 -17.55
CA SER E 70 -43.39 -18.47 -17.28
C SER E 70 -41.93 -18.92 -17.22
N LEU E 71 -41.73 -20.12 -16.69
CA LEU E 71 -40.41 -20.72 -16.61
C LEU E 71 -39.85 -20.96 -18.00
N ASP E 72 -40.71 -21.34 -18.94
CA ASP E 72 -40.31 -21.52 -20.34
C ASP E 72 -39.70 -20.25 -20.93
N ALA E 73 -40.34 -19.10 -20.70
CA ALA E 73 -39.83 -17.83 -21.22
C ALA E 73 -38.51 -17.43 -20.57
N MSE E 74 -38.49 -17.58 -19.25
CA MSE E 74 -37.20 -17.27 -18.65
C MSE E 74 -36.13 -18.24 -19.09
O MSE E 74 -35.01 -17.76 -19.03
CB MSE E 74 -37.29 -17.16 -17.14
CG MSE E 74 -38.42 -16.23 -16.87
SE MSE E 74 -38.55 -15.97 -14.96
CE MSE E 74 -39.49 -17.64 -14.36
N ALA E 75 -36.36 -19.42 -19.19
CA ALA E 75 -35.37 -20.39 -19.72
C ALA E 75 -34.92 -20.01 -21.12
N ASP E 76 -35.87 -19.61 -21.97
CA ASP E 76 -35.53 -19.13 -23.31
C ASP E 76 -34.59 -17.92 -23.25
N ASP E 77 -34.85 -17.00 -22.32
CA ASP E 77 -33.96 -15.84 -22.12
C ASP E 77 -32.53 -16.28 -21.84
N LEU E 78 -32.39 -17.26 -20.95
CA LEU E 78 -31.08 -17.75 -20.52
C LEU E 78 -30.37 -18.47 -21.67
N VAL E 79 -31.11 -19.30 -22.40
CA VAL E 79 -30.52 -19.96 -23.58
C VAL E 79 -29.96 -18.90 -24.52
N ALA E 80 -30.72 -17.82 -24.72
CA ALA E 80 -30.34 -16.79 -25.67
C ALA E 80 -29.07 -16.06 -25.22
N LEU E 81 -28.93 -15.83 -23.92
CA LEU E 81 -27.70 -15.23 -23.39
C LEU E 81 -26.52 -16.18 -23.58
N ALA E 82 -26.71 -17.45 -23.24
CA ALA E 82 -25.63 -18.44 -23.31
C ALA E 82 -25.15 -18.70 -24.74
N GLN E 83 -26.03 -18.48 -25.72
CA GLN E 83 -25.68 -18.66 -27.13
C GLN E 83 -24.54 -17.73 -27.54
N ARG E 84 -24.43 -16.61 -26.83
CA ARG E 84 -23.48 -15.54 -27.14
C ARG E 84 -22.16 -15.69 -26.41
N MSE E 85 -22.04 -16.74 -25.59
CA MSE E 85 -20.85 -16.92 -24.77
C MSE E 85 -20.26 -18.26 -25.05
O MSE E 85 -20.86 -19.07 -25.77
CB MSE E 85 -21.19 -16.75 -23.29
CG MSE E 85 -21.32 -15.27 -22.96
SE MSE E 85 -22.47 -15.07 -21.38
CE MSE E 85 -21.08 -14.61 -20.09
N GLU E 86 -19.06 -18.52 -24.54
CA GLU E 86 -18.42 -19.81 -24.76
C GLU E 86 -18.15 -20.48 -23.43
N GLY E 87 -18.67 -21.70 -23.27
CA GLY E 87 -18.41 -22.52 -22.09
C GLY E 87 -18.93 -21.94 -20.79
N VAL E 88 -20.13 -21.41 -20.82
CA VAL E 88 -20.66 -20.74 -19.63
C VAL E 88 -21.13 -21.67 -18.53
N VAL E 89 -20.76 -21.32 -17.31
CA VAL E 89 -21.27 -21.97 -16.11
C VAL E 89 -22.49 -21.17 -15.70
N VAL E 90 -23.58 -21.85 -15.31
CA VAL E 90 -24.77 -21.14 -14.82
C VAL E 90 -24.91 -21.46 -13.35
N LEU E 91 -25.03 -20.41 -12.53
CA LEU E 91 -25.31 -20.55 -11.11
C LEU E 91 -26.71 -19.96 -10.92
N GLY E 92 -27.66 -20.81 -10.56
CA GLY E 92 -29.04 -20.34 -10.35
C GLY E 92 -29.41 -20.50 -8.90
N HIS E 93 -30.01 -19.47 -8.32
CA HIS E 93 -30.54 -19.59 -6.97
C HIS E 93 -32.02 -19.66 -6.99
N ALA E 94 -32.57 -20.72 -6.40
CA ALA E 94 -34.02 -20.84 -6.14
C ALA E 94 -34.80 -20.81 -7.45
N MSE E 95 -35.62 -19.79 -7.70
CA MSE E 95 -36.22 -19.65 -9.03
C MSE E 95 -35.18 -19.79 -10.13
O MSE E 95 -35.43 -20.46 -11.14
CB MSE E 95 -36.91 -18.29 -9.16
CG MSE E 95 -37.55 -18.21 -10.52
SE MSE E 95 -38.20 -16.42 -11.01
CE MSE E 95 -36.56 -15.33 -11.10
N GLY E 96 -34.03 -19.15 -9.93
CA GLY E 96 -32.94 -19.16 -10.90
C GLY E 96 -32.43 -20.57 -11.19
N ALA E 97 -32.43 -21.43 -10.17
CA ALA E 97 -32.06 -22.85 -10.36
C ALA E 97 -33.08 -23.59 -11.23
N ARG E 98 -34.38 -23.31 -11.04
CA ARG E 98 -35.40 -23.88 -11.92
C ARG E 98 -35.22 -23.41 -13.36
N ILE E 99 -34.91 -22.13 -13.53
CA ILE E 99 -34.62 -21.57 -14.85
C ILE E 99 -33.46 -22.32 -15.51
N ALA E 100 -32.38 -22.50 -14.75
CA ALA E 100 -31.18 -23.21 -15.23
C ALA E 100 -31.51 -24.64 -15.67
N ILE E 101 -32.31 -25.36 -14.88
CA ILE E 101 -32.74 -26.73 -15.19
C ILE E 101 -33.51 -26.78 -16.51
N ARG E 102 -34.54 -25.95 -16.62
CA ARG E 102 -35.30 -25.92 -17.85
C ARG E 102 -34.49 -25.47 -19.08
N ALA E 103 -33.64 -24.47 -18.90
CA ALA E 103 -32.79 -24.01 -20.00
C ALA E 103 -31.87 -25.13 -20.50
N ALA E 104 -31.31 -25.90 -19.57
CA ALA E 104 -30.39 -26.97 -19.93
C ALA E 104 -31.13 -28.11 -20.63
N ARG E 105 -32.39 -28.33 -20.26
CA ARG E 105 -33.20 -29.32 -20.97
C ARG E 105 -33.48 -28.84 -22.41
N LYS E 106 -33.76 -27.55 -22.56
CA LYS E 106 -34.03 -26.97 -23.88
C LYS E 106 -32.81 -27.01 -24.82
N ASP E 107 -31.63 -26.68 -24.30
CA ASP E 107 -30.45 -26.53 -25.17
C ASP E 107 -29.16 -26.72 -24.37
N SER E 108 -28.83 -27.97 -24.04
CA SER E 108 -27.70 -28.21 -23.15
C SER E 108 -26.34 -27.81 -23.74
N GLN E 109 -26.23 -27.82 -25.07
CA GLN E 109 -24.96 -27.57 -25.72
C GLN E 109 -24.35 -26.19 -25.41
N VAL E 110 -25.17 -25.24 -25.00
CA VAL E 110 -24.63 -23.89 -24.74
C VAL E 110 -24.18 -23.65 -23.29
N PHE E 111 -24.30 -24.68 -22.46
CA PHE E 111 -23.91 -24.58 -21.04
C PHE E 111 -22.81 -25.58 -20.73
N SER E 112 -21.79 -25.14 -20.02
CA SER E 112 -20.75 -26.05 -19.60
C SER E 112 -21.24 -26.96 -18.48
N ARG E 113 -21.85 -26.35 -17.47
CA ARG E 113 -22.35 -27.05 -16.30
C ARG E 113 -23.26 -26.14 -15.47
N LEU E 114 -23.99 -26.74 -14.53
CA LEU E 114 -24.95 -26.01 -13.72
C LEU E 114 -24.57 -26.09 -12.26
N ILE E 115 -24.76 -24.99 -11.57
CA ILE E 115 -24.65 -24.96 -10.12
C ILE E 115 -26.04 -24.53 -9.67
N LEU E 116 -26.74 -25.43 -9.00
CA LEU E 116 -28.15 -25.21 -8.62
C LEU E 116 -28.22 -25.03 -7.12
N VAL E 117 -28.61 -23.85 -6.68
CA VAL E 117 -28.65 -23.62 -5.26
C VAL E 117 -30.10 -23.51 -4.80
N ASP E 118 -30.47 -24.48 -4.00
CA ASP E 118 -31.77 -24.54 -3.33
C ASP E 118 -32.99 -24.28 -4.26
N PRO E 119 -33.09 -25.00 -5.39
CA PRO E 119 -34.32 -24.85 -6.20
C PRO E 119 -35.55 -25.34 -5.42
N PRO E 120 -36.69 -24.64 -5.54
CA PRO E 120 -37.92 -25.30 -5.09
C PRO E 120 -38.09 -26.62 -5.82
N VAL E 121 -38.57 -27.61 -5.09
CA VAL E 121 -38.76 -28.93 -5.62
C VAL E 121 -40.25 -29.25 -5.73
N SER E 122 -41.03 -28.21 -5.61
CA SER E 122 -42.48 -28.25 -5.81
C SER E 122 -42.82 -28.44 -7.28
N GLY E 123 -44.09 -28.73 -7.56
CA GLY E 123 -44.55 -28.97 -8.91
C GLY E 123 -45.87 -29.73 -8.83
N PRO E 124 -46.44 -30.09 -9.98
CA PRO E 124 -47.73 -30.79 -10.02
C PRO E 124 -47.71 -32.08 -9.20
N GLY E 125 -48.62 -32.18 -8.22
CA GLY E 125 -48.72 -33.36 -7.35
C GLY E 125 -47.64 -33.47 -6.29
N ARG E 126 -46.85 -32.41 -6.12
CA ARG E 126 -45.73 -32.44 -5.18
C ARG E 126 -45.94 -31.53 -3.97
N ARG E 127 -45.16 -31.76 -2.91
CA ARG E 127 -45.16 -30.90 -1.74
C ARG E 127 -45.04 -29.43 -2.18
N PRO E 128 -45.92 -28.55 -1.67
CA PRO E 128 -45.83 -27.13 -2.05
C PRO E 128 -44.56 -26.46 -1.53
N TYR E 129 -44.18 -25.37 -2.19
CA TYR E 129 -43.06 -24.57 -1.74
C TYR E 129 -43.37 -23.95 -0.37
N PRO E 130 -42.51 -24.21 0.65
CA PRO E 130 -42.82 -23.81 2.03
C PRO E 130 -42.56 -22.34 2.32
N ALA E 131 -43.31 -21.46 1.66
CA ALA E 131 -43.21 -20.02 1.89
C ALA E 131 -44.60 -19.41 1.84
N LYS E 132 -44.75 -18.31 2.58
CA LYS E 132 -46.02 -17.56 2.65
C LYS E 132 -46.08 -16.54 1.54
N TRP E 133 -47.08 -16.64 0.67
CA TRP E 133 -47.23 -15.68 -0.42
C TRP E 133 -47.29 -14.23 0.04
N SER E 134 -48.01 -13.99 1.12
CA SER E 134 -48.21 -12.62 1.61
C SER E 134 -46.90 -11.86 1.90
N TRP E 135 -45.83 -12.60 2.22
CA TRP E 135 -44.55 -11.97 2.47
C TRP E 135 -44.06 -11.23 1.24
N TYR E 136 -44.21 -11.86 0.08
CA TYR E 136 -43.81 -11.27 -1.18
C TYR E 136 -44.77 -10.16 -1.57
N ALA E 137 -46.08 -10.44 -1.50
CA ALA E 137 -47.08 -9.50 -1.97
C ALA E 137 -47.06 -8.19 -1.19
N GLU E 138 -47.01 -8.30 0.13
CA GLU E 138 -47.08 -7.10 0.98
C GLU E 138 -45.80 -6.28 0.89
N SER E 139 -44.65 -6.95 0.80
CA SER E 139 -43.40 -6.19 0.74
C SER E 139 -43.24 -5.49 -0.61
N ILE E 140 -43.70 -6.13 -1.67
CA ILE E 140 -43.63 -5.52 -3.00
C ILE E 140 -44.53 -4.29 -3.04
N ARG E 141 -45.75 -4.41 -2.55
CA ARG E 141 -46.66 -3.26 -2.58
C ARG E 141 -46.13 -2.11 -1.70
N LEU E 142 -45.52 -2.45 -0.55
CA LEU E 142 -44.86 -1.46 0.30
C LEU E 142 -43.74 -0.74 -0.45
N ALA E 143 -42.93 -1.53 -1.13
CA ALA E 143 -41.76 -1.01 -1.84
C ALA E 143 -42.16 -0.10 -2.98
N GLN E 144 -43.26 -0.42 -3.65
CA GLN E 144 -43.77 0.38 -4.78
C GLN E 144 -44.16 1.79 -4.34
N ARG E 145 -44.68 1.89 -3.12
CA ARG E 145 -45.06 3.17 -2.57
C ARG E 145 -43.83 4.00 -2.23
N GLY E 146 -42.79 3.34 -1.76
CA GLY E 146 -41.56 3.99 -1.34
C GLY E 146 -41.41 3.81 0.14
N CYS E 147 -40.55 2.87 0.52
CA CYS E 147 -40.44 2.52 1.92
C CYS E 147 -39.03 2.65 2.46
N THR E 148 -38.93 2.87 3.77
CA THR E 148 -37.66 3.10 4.42
C THR E 148 -36.99 1.77 4.73
N ALA E 149 -35.68 1.82 5.00
CA ALA E 149 -34.96 0.65 5.47
C ALA E 149 -35.63 0.00 6.70
N MSE E 150 -36.08 0.83 7.65
CA MSE E 150 -36.74 0.31 8.84
C MSE E 150 -37.99 -0.47 8.53
O MSE E 150 -38.27 -1.49 9.18
CB MSE E 150 -37.08 1.50 9.75
CG MSE E 150 -37.62 1.08 11.11
SE MSE E 150 -36.34 -0.12 12.03
CE MSE E 150 -34.64 0.80 11.77
N GLU E 151 -38.76 -0.02 7.53
CA GLU E 151 -39.96 -0.75 7.15
C GLU E 151 -39.62 -2.10 6.50
N MSE E 152 -38.54 -2.12 5.71
CA MSE E 152 -38.15 -3.36 5.02
C MSE E 152 -37.56 -4.33 6.01
O MSE E 152 -37.68 -5.56 5.86
CB MSE E 152 -37.18 -3.04 3.87
CG MSE E 152 -36.80 -4.26 3.00
SE MSE E 152 -38.28 -5.22 2.12
CE MSE E 152 -38.89 -3.78 0.95
N ARG E 153 -36.94 -3.80 7.06
CA ARG E 153 -36.33 -4.63 8.11
C ARG E 153 -37.29 -5.66 8.68
N SER E 154 -38.56 -5.29 8.80
CA SER E 154 -39.59 -6.23 9.25
C SER E 154 -39.65 -7.51 8.42
N TYR E 155 -39.30 -7.40 7.14
CA TYR E 155 -39.36 -8.51 6.21
C TYR E 155 -38.09 -9.34 6.19
N CYS E 156 -36.96 -8.68 6.46
CA CYS E 156 -35.65 -9.32 6.42
C CYS E 156 -34.85 -8.97 7.67
N PRO E 157 -35.37 -9.34 8.87
CA PRO E 157 -34.75 -8.81 10.09
C PRO E 157 -33.35 -9.37 10.36
N THR E 158 -32.96 -10.49 9.75
CA THR E 158 -31.63 -11.07 10.01
C THR E 158 -30.53 -10.49 9.12
N TRP E 159 -30.91 -9.63 8.19
CA TRP E 159 -29.97 -9.15 7.17
C TRP E 159 -29.16 -7.99 7.66
N THR E 160 -28.07 -7.66 6.95
CA THR E 160 -27.29 -6.48 7.31
C THR E 160 -28.04 -5.19 6.96
N ASP E 161 -27.66 -4.08 7.59
CA ASP E 161 -28.26 -2.80 7.26
C ASP E 161 -28.21 -2.49 5.76
N GLU E 162 -27.04 -2.71 5.15
CA GLU E 162 -26.83 -2.42 3.74
C GLU E 162 -27.73 -3.28 2.84
N GLN E 163 -27.88 -4.56 3.21
CA GLN E 163 -28.73 -5.49 2.45
C GLN E 163 -30.20 -5.08 2.55
N ILE E 164 -30.61 -4.66 3.74
CA ILE E 164 -31.99 -4.21 3.94
C ILE E 164 -32.24 -2.92 3.14
N GLU E 165 -31.28 -2.00 3.19
CA GLU E 165 -31.41 -0.73 2.44
C GLU E 165 -31.52 -1.00 0.95
N LEU E 166 -30.71 -1.92 0.45
CA LEU E 166 -30.71 -2.20 -0.97
C LEU E 166 -32.02 -2.81 -1.41
N ARG E 167 -32.58 -3.69 -0.57
CA ARG E 167 -33.88 -4.29 -0.88
C ARG E 167 -34.99 -3.24 -0.87
N ALA E 168 -34.95 -2.33 0.10
CA ALA E 168 -35.92 -1.22 0.14
C ALA E 168 -35.81 -0.35 -1.12
N GLU E 169 -34.59 -0.22 -1.65
CA GLU E 169 -34.37 0.57 -2.85
C GLU E 169 -34.88 -0.11 -4.14
N TRP E 170 -34.65 -1.41 -4.24
CA TRP E 170 -34.80 -2.14 -5.52
C TRP E 170 -35.96 -3.09 -5.62
N LEU E 171 -36.60 -3.45 -4.51
CA LEU E 171 -37.65 -4.47 -4.58
C LEU E 171 -38.81 -4.08 -5.52
N HIS E 172 -39.14 -2.80 -5.55
CA HIS E 172 -40.28 -2.35 -6.37
C HIS E 172 -40.03 -2.61 -7.85
N THR E 173 -38.78 -2.88 -8.22
CA THR E 173 -38.50 -3.18 -9.63
C THR E 173 -38.90 -4.59 -10.02
N CYS E 174 -39.35 -5.37 -9.04
CA CYS E 174 -39.81 -6.72 -9.31
C CYS E 174 -41.31 -6.66 -9.57
N GLN E 175 -41.68 -6.70 -10.85
CA GLN E 175 -43.09 -6.48 -11.22
C GLN E 175 -43.99 -7.50 -10.50
N TYR E 176 -45.08 -7.02 -9.89
CA TYR E 176 -45.96 -7.90 -9.11
C TYR E 176 -46.43 -9.10 -9.92
N THR E 177 -46.91 -8.86 -11.14
CA THR E 177 -47.42 -9.98 -11.96
C THR E 177 -46.35 -11.01 -12.28
N ALA E 178 -45.12 -10.55 -12.45
CA ALA E 178 -43.98 -11.44 -12.71
C ALA E 178 -43.71 -12.32 -11.49
N VAL E 179 -43.75 -11.72 -10.32
CA VAL E 179 -43.46 -12.44 -9.08
C VAL E 179 -44.56 -13.46 -8.78
N LYS E 180 -45.81 -13.05 -8.95
CA LYS E 180 -46.94 -13.96 -8.73
C LYS E 180 -46.86 -15.14 -9.70
N THR E 181 -46.56 -14.85 -10.96
CA THR E 181 -46.47 -15.91 -11.95
C THR E 181 -45.33 -16.88 -11.63
N ALA E 182 -44.18 -16.36 -11.20
CA ALA E 182 -43.09 -17.24 -10.76
C ALA E 182 -43.52 -18.13 -9.60
N PHE E 183 -44.21 -17.56 -8.62
CA PHE E 183 -44.61 -18.31 -7.44
C PHE E 183 -45.58 -19.43 -7.85
N ASP E 184 -46.54 -19.10 -8.71
CA ASP E 184 -47.42 -20.13 -9.29
C ASP E 184 -46.63 -21.18 -10.04
N GLY E 185 -45.57 -20.75 -10.76
CA GLY E 185 -44.77 -21.68 -11.54
C GLY E 185 -44.06 -22.71 -10.69
N PHE E 186 -43.68 -22.32 -9.47
CA PHE E 186 -43.13 -23.29 -8.52
C PHE E 186 -44.07 -24.47 -8.36
N HIS E 187 -45.37 -24.20 -8.51
CA HIS E 187 -46.42 -25.23 -8.34
C HIS E 187 -46.95 -25.84 -9.61
N THR E 188 -46.82 -25.13 -10.73
CA THR E 188 -47.36 -25.65 -11.99
C THR E 188 -46.31 -26.28 -12.90
N ASP E 189 -45.05 -25.89 -12.74
CA ASP E 189 -43.98 -26.43 -13.60
C ASP E 189 -43.38 -27.69 -12.97
N ASP E 190 -43.09 -28.67 -13.82
CA ASP E 190 -42.44 -29.91 -13.42
C ASP E 190 -40.96 -29.83 -13.83
N ILE E 191 -40.07 -29.63 -12.86
CA ILE E 191 -38.65 -29.60 -13.15
C ILE E 191 -37.97 -30.96 -12.97
N HIS E 192 -38.68 -31.90 -12.36
CA HIS E 192 -38.17 -33.26 -12.20
C HIS E 192 -38.10 -34.00 -13.52
N THR E 193 -39.13 -33.84 -14.36
CA THR E 193 -39.07 -34.39 -15.71
C THR E 193 -37.94 -33.80 -16.56
N ASP E 194 -37.56 -32.55 -16.26
CA ASP E 194 -36.41 -31.92 -16.92
C ASP E 194 -35.10 -32.54 -16.43
N LEU E 195 -34.96 -32.68 -15.11
CA LEU E 195 -33.76 -33.24 -14.50
C LEU E 195 -33.43 -34.61 -15.06
N ALA E 196 -34.48 -35.39 -15.32
CA ALA E 196 -34.32 -36.76 -15.83
C ALA E 196 -33.69 -36.80 -17.22
N GLN E 197 -33.74 -35.67 -17.92
CA GLN E 197 -33.17 -35.52 -19.26
C GLN E 197 -31.75 -34.94 -19.27
N LEU E 198 -31.27 -34.49 -18.11
CA LEU E 198 -29.97 -33.79 -18.06
C LEU E 198 -28.80 -34.74 -17.85
N THR E 199 -27.79 -34.61 -18.70
CA THR E 199 -26.56 -35.38 -18.55
C THR E 199 -25.34 -34.50 -18.26
N LEU E 200 -25.45 -33.18 -18.43
CA LEU E 200 -24.31 -32.27 -18.19
C LEU E 200 -23.99 -32.19 -16.69
N PRO E 201 -22.78 -31.70 -16.31
CA PRO E 201 -22.44 -31.65 -14.89
C PRO E 201 -23.36 -30.74 -14.07
N ILE E 202 -23.73 -31.21 -12.89
CA ILE E 202 -24.67 -30.49 -12.01
C ILE E 202 -24.11 -30.55 -10.60
N GLN E 203 -23.96 -29.38 -10.01
CA GLN E 203 -23.52 -29.21 -8.65
C GLN E 203 -24.73 -28.67 -7.88
N LEU E 204 -25.29 -29.50 -7.01
CA LEU E 204 -26.47 -29.14 -6.21
CA LEU E 204 -26.46 -29.12 -6.21
C LEU E 204 -26.01 -28.62 -4.86
N VAL E 205 -26.47 -27.42 -4.50
CA VAL E 205 -26.12 -26.80 -3.23
C VAL E 205 -27.41 -26.60 -2.46
N VAL E 206 -27.46 -27.16 -1.26
CA VAL E 206 -28.69 -27.19 -0.45
C VAL E 206 -28.54 -26.36 0.83
N ALA E 207 -29.58 -25.60 1.16
CA ALA E 207 -29.66 -24.90 2.43
C ALA E 207 -30.06 -25.88 3.52
N GLY E 208 -29.10 -26.25 4.35
CA GLY E 208 -29.30 -27.33 5.32
C GLY E 208 -30.34 -26.97 6.36
N GLY E 209 -30.38 -25.69 6.69
CA GLY E 209 -31.25 -25.16 7.75
C GLY E 209 -32.65 -24.85 7.25
N ALA E 210 -32.89 -24.97 5.94
CA ALA E 210 -34.21 -24.68 5.39
C ALA E 210 -35.00 -25.95 5.06
N GLU E 211 -36.27 -25.76 4.74
CA GLU E 211 -37.15 -26.88 4.39
C GLU E 211 -37.49 -26.93 2.91
N VAL E 212 -36.81 -26.11 2.11
CA VAL E 212 -37.05 -26.10 0.67
C VAL E 212 -36.69 -27.47 0.06
N ILE E 213 -35.52 -28.00 0.39
CA ILE E 213 -35.13 -29.32 -0.11
C ILE E 213 -34.85 -30.21 1.09
N GLN E 214 -35.64 -31.27 1.23
CA GLN E 214 -35.46 -32.26 2.30
C GLN E 214 -34.51 -33.38 1.84
N PRO E 215 -33.93 -34.16 2.79
CA PRO E 215 -33.01 -35.21 2.33
C PRO E 215 -33.58 -36.17 1.29
N ASP E 216 -34.86 -36.55 1.41
CA ASP E 216 -35.43 -37.42 0.40
C ASP E 216 -35.54 -36.74 -0.96
N ASP E 217 -35.67 -35.43 -0.96
CA ASP E 217 -35.68 -34.66 -2.21
C ASP E 217 -34.33 -34.68 -2.86
N ILE E 218 -33.27 -34.58 -2.03
CA ILE E 218 -31.90 -34.69 -2.55
C ILE E 218 -31.71 -36.06 -3.22
N ALA E 219 -32.14 -37.11 -2.54
CA ALA E 219 -32.07 -38.45 -3.10
C ALA E 219 -32.80 -38.61 -4.44
N GLU E 220 -33.98 -37.98 -4.56
CA GLU E 220 -34.75 -38.03 -5.79
C GLU E 220 -33.98 -37.36 -6.94
N ILE E 221 -33.38 -36.21 -6.64
CA ILE E 221 -32.61 -35.47 -7.63
C ILE E 221 -31.47 -36.34 -8.16
N ILE E 222 -30.73 -36.97 -7.24
CA ILE E 222 -29.63 -37.86 -7.60
C ILE E 222 -30.13 -39.07 -8.40
N SER E 223 -31.28 -39.63 -8.04
CA SER E 223 -31.89 -40.70 -8.84
C SER E 223 -32.13 -40.29 -10.29
N LEU E 224 -32.57 -39.04 -10.49
CA LEU E 224 -32.93 -38.58 -11.83
C LEU E 224 -31.72 -38.15 -12.67
N ALA E 225 -30.71 -37.60 -12.01
CA ALA E 225 -29.50 -37.10 -12.65
C ALA E 225 -28.34 -37.59 -11.79
N PRO E 226 -27.88 -38.84 -12.02
CA PRO E 226 -26.88 -39.48 -11.16
C PRO E 226 -25.50 -38.81 -11.13
N GLN E 227 -25.25 -37.91 -12.07
CA GLN E 227 -23.99 -37.19 -12.11
C GLN E 227 -23.94 -36.09 -11.05
N THR E 228 -25.10 -35.76 -10.48
CA THR E 228 -25.19 -34.61 -9.58
C THR E 228 -24.31 -34.78 -8.35
N THR E 229 -23.55 -33.73 -8.05
CA THR E 229 -22.79 -33.67 -6.81
C THR E 229 -23.61 -32.91 -5.78
N THR E 230 -23.40 -33.20 -4.50
CA THR E 230 -24.23 -32.60 -3.47
C THR E 230 -23.38 -31.92 -2.42
N TYR E 231 -23.72 -30.68 -2.12
CA TYR E 231 -23.08 -29.93 -1.06
C TYR E 231 -24.22 -29.40 -0.22
N VAL E 232 -24.22 -29.70 1.07
CA VAL E 232 -25.22 -29.13 1.98
C VAL E 232 -24.53 -28.10 2.86
N VAL E 233 -25.00 -26.86 2.80
CA VAL E 233 -24.49 -25.80 3.67
C VAL E 233 -25.24 -25.96 5.00
N GLU E 234 -24.61 -26.64 5.95
CA GLU E 234 -25.32 -27.06 7.15
C GLU E 234 -25.84 -25.87 7.93
N GLU E 235 -27.10 -25.96 8.40
CA GLU E 235 -27.70 -24.92 9.25
C GLU E 235 -28.09 -23.62 8.55
N ALA E 236 -27.72 -23.46 7.28
CA ALA E 236 -28.03 -22.21 6.58
C ALA E 236 -29.45 -22.22 6.02
N GLY E 237 -30.08 -21.05 6.06
CA GLY E 237 -31.42 -20.88 5.50
C GLY E 237 -31.40 -20.68 3.99
N HIS E 238 -32.58 -20.53 3.42
CA HIS E 238 -32.75 -20.58 1.98
C HIS E 238 -31.95 -19.49 1.32
N MSE E 239 -31.90 -18.33 1.84
CA MSE E 239 -31.12 -17.20 1.28
C MSE E 239 -29.68 -17.38 1.74
O MSE E 239 -29.17 -16.60 2.56
CB MSE E 239 -31.72 -15.87 1.77
CG MSE E 239 -33.20 -15.70 1.38
SE MSE E 239 -33.52 -15.71 -0.57
CE MSE E 239 -32.97 -13.85 -0.87
N ILE E 240 -29.03 -18.42 1.20
CA ILE E 240 -27.75 -18.89 1.76
C ILE E 240 -26.71 -17.78 1.97
N PRO E 241 -26.41 -16.97 0.93
CA PRO E 241 -25.35 -15.98 1.11
C PRO E 241 -25.67 -14.90 2.16
N TRP E 242 -26.95 -14.69 2.43
CA TRP E 242 -27.35 -13.72 3.45
C TRP E 242 -27.26 -14.29 4.84
N ASP E 243 -27.30 -15.61 4.95
CA ASP E 243 -27.17 -16.27 6.27
C ASP E 243 -25.73 -16.67 6.58
N ASN E 244 -25.02 -17.16 5.56
CA ASN E 244 -23.66 -17.66 5.71
C ASN E 244 -22.90 -17.45 4.41
N LEU E 245 -22.38 -16.24 4.23
CA LEU E 245 -21.69 -15.87 2.99
C LEU E 245 -20.48 -16.76 2.73
N GLU E 246 -19.64 -16.96 3.75
CA GLU E 246 -18.44 -17.81 3.56
C GLU E 246 -18.82 -19.23 3.21
N GLY E 247 -19.84 -19.76 3.89
CA GLY E 247 -20.37 -21.09 3.61
C GLY E 247 -20.87 -21.23 2.19
N PHE E 248 -21.55 -20.19 1.69
CA PHE E 248 -22.04 -20.24 0.33
C PHE E 248 -20.87 -20.21 -0.65
N ILE E 249 -19.89 -19.33 -0.40
CA ILE E 249 -18.71 -19.25 -1.28
CA ILE E 249 -18.70 -19.24 -1.26
C ILE E 249 -17.99 -20.59 -1.34
N THR E 250 -17.82 -21.25 -0.20
CA THR E 250 -17.19 -22.58 -0.20
C THR E 250 -17.98 -23.57 -1.05
N ALA E 251 -19.30 -23.56 -0.88
CA ALA E 251 -20.18 -24.51 -1.55
C ALA E 251 -20.12 -24.39 -3.06
N VAL E 252 -20.06 -23.16 -3.55
CA VAL E 252 -20.06 -22.93 -4.99
C VAL E 252 -18.71 -22.99 -5.68
N SER E 253 -17.66 -22.59 -4.99
CA SER E 253 -16.30 -22.50 -5.57
C SER E 253 -15.43 -23.69 -5.22
N ASN E 254 -15.81 -24.40 -4.15
CA ASN E 254 -14.97 -25.46 -3.55
C ASN E 254 -13.63 -24.88 -3.06
N ARG E 255 -13.57 -23.55 -2.93
CA ARG E 255 -12.34 -22.81 -2.61
C ARG E 255 -11.16 -23.15 -3.54
N LYS F 2 -25.44 5.37 -1.31
CA LYS F 2 -26.65 4.61 -0.99
C LYS F 2 -27.92 5.25 -1.54
N GLY F 3 -28.74 4.44 -2.19
CA GLY F 3 -30.00 4.94 -2.72
C GLY F 3 -31.17 4.62 -1.82
N TYR F 4 -32.23 5.41 -1.95
CA TYR F 4 -33.43 5.19 -1.16
C TYR F 4 -34.64 5.76 -1.88
N ASN F 5 -35.83 5.31 -1.48
CA ASN F 5 -37.07 5.84 -2.05
C ASN F 5 -37.90 6.54 -0.98
N VAL F 6 -38.54 7.64 -1.36
CA VAL F 6 -39.46 8.34 -0.51
C VAL F 6 -40.83 8.46 -1.19
N TYR F 7 -41.91 8.36 -0.41
CA TYR F 7 -43.22 8.70 -0.96
C TYR F 7 -43.46 10.19 -0.66
N ALA F 8 -43.52 10.99 -1.71
CA ALA F 8 -43.61 12.46 -1.59
C ALA F 8 -44.33 13.02 -2.81
N ASN F 9 -45.29 13.92 -2.57
CA ASN F 9 -46.20 14.43 -3.62
C ASN F 9 -46.97 13.29 -4.29
N GLY F 10 -47.25 12.25 -3.51
CA GLY F 10 -48.09 11.16 -3.95
C GLY F 10 -47.44 10.17 -4.92
N ILE F 11 -46.11 10.24 -5.05
CA ILE F 11 -45.38 9.30 -5.92
C ILE F 11 -44.11 8.79 -5.23
N ARG F 12 -43.60 7.65 -5.70
CA ARG F 12 -42.32 7.12 -5.24
C ARG F 12 -41.23 7.93 -5.91
N GLN F 13 -40.40 8.59 -5.09
CA GLN F 13 -39.26 9.32 -5.61
C GLN F 13 -37.98 8.63 -5.19
N HIS F 14 -37.19 8.20 -6.17
CA HIS F 14 -35.92 7.52 -5.91
C HIS F 14 -34.79 8.53 -5.86
N ILE F 15 -33.92 8.40 -4.84
CA ILE F 15 -32.86 9.38 -4.60
C ILE F 15 -31.57 8.59 -4.37
N ILE F 16 -30.46 9.07 -4.95
CA ILE F 16 -29.17 8.46 -4.66
C ILE F 16 -28.41 9.36 -3.73
N HIS F 17 -27.93 8.78 -2.63
CA HIS F 17 -27.32 9.52 -1.55
C HIS F 17 -25.82 9.34 -1.60
N PHE F 18 -25.12 10.46 -1.71
CA PHE F 18 -23.66 10.50 -1.57
C PHE F 18 -23.41 11.29 -0.30
N PRO F 19 -23.27 10.58 0.84
CA PRO F 19 -23.29 11.26 2.12
C PRO F 19 -22.12 12.23 2.31
N GLY F 20 -22.42 13.33 2.96
CA GLY F 20 -21.44 14.35 3.29
C GLY F 20 -21.94 15.02 4.55
N THR F 21 -21.16 15.95 5.09
CA THR F 21 -21.53 16.58 6.37
C THR F 21 -21.93 18.05 6.26
N GLY F 22 -21.66 18.66 5.10
CA GLY F 22 -22.13 20.01 4.81
C GLY F 22 -23.64 20.09 4.63
N SER F 23 -24.11 21.22 4.11
CA SER F 23 -25.53 21.46 3.86
C SER F 23 -26.09 20.41 2.91
N PRO F 24 -27.37 20.04 3.12
CA PRO F 24 -28.02 19.11 2.17
C PRO F 24 -28.14 19.76 0.79
N LEU F 25 -27.86 18.98 -0.25
CA LEU F 25 -27.98 19.45 -1.64
C LEU F 25 -28.92 18.49 -2.35
N LEU F 26 -30.00 19.03 -2.94
CA LEU F 26 -30.86 18.25 -3.83
C LEU F 26 -30.39 18.52 -5.26
N LEU F 27 -29.97 17.47 -5.94
CA LEU F 27 -29.45 17.61 -7.30
C LEU F 27 -30.51 17.12 -8.30
N ILE F 28 -31.01 18.03 -9.13
CA ILE F 28 -32.08 17.73 -10.07
C ILE F 28 -31.50 17.70 -11.48
N PRO F 29 -31.39 16.50 -12.09
CA PRO F 29 -30.76 16.38 -13.39
C PRO F 29 -31.61 16.86 -14.57
N GLY F 30 -31.04 16.74 -15.76
CA GLY F 30 -31.72 17.13 -16.99
C GLY F 30 -32.67 16.09 -17.55
N ILE F 31 -33.21 16.40 -18.72
CA ILE F 31 -34.34 15.68 -19.33
C ILE F 31 -34.18 14.16 -19.49
N THR F 32 -32.97 13.69 -19.84
CA THR F 32 -32.71 12.25 -20.00
C THR F 32 -31.56 11.76 -19.12
N SER F 33 -31.52 12.23 -17.88
CA SER F 33 -30.42 11.95 -16.98
C SER F 33 -30.89 11.36 -15.65
N PRO F 34 -31.03 10.02 -15.60
CA PRO F 34 -31.29 9.38 -14.31
C PRO F 34 -30.22 9.77 -13.28
N ALA F 35 -30.58 9.71 -12.02
CA ALA F 35 -29.69 10.12 -10.93
C ALA F 35 -28.30 9.51 -11.02
N VAL F 36 -28.20 8.25 -11.40
CA VAL F 36 -26.91 7.58 -11.38
C VAL F 36 -25.90 8.26 -12.32
N THR F 37 -26.41 8.90 -13.37
CA THR F 37 -25.55 9.52 -14.37
C THR F 37 -24.79 10.73 -13.83
N TRP F 38 -25.24 11.24 -12.68
CA TRP F 38 -24.56 12.35 -11.97
C TRP F 38 -23.65 11.86 -10.89
N GLY F 39 -23.52 10.54 -10.76
CA GLY F 39 -22.66 9.91 -9.74
C GLY F 39 -21.24 10.49 -9.73
N PHE F 40 -20.64 10.59 -10.91
CA PHE F 40 -19.28 11.10 -11.02
C PHE F 40 -19.11 12.52 -10.49
N VAL F 41 -20.16 13.34 -10.58
CA VAL F 41 -20.14 14.69 -10.08
C VAL F 41 -20.46 14.68 -8.59
N ALA F 42 -21.48 13.90 -8.23
CA ALA F 42 -21.95 13.89 -6.85
C ALA F 42 -20.86 13.41 -5.88
N GLU F 43 -20.04 12.45 -6.30
CA GLU F 43 -18.98 11.95 -5.41
C GLU F 43 -17.92 13.03 -5.16
N ARG F 44 -17.74 13.92 -6.13
CA ARG F 44 -16.86 15.09 -5.96
C ARG F 44 -17.53 16.17 -5.11
N LEU F 45 -18.85 16.33 -5.26
CA LEU F 45 -19.57 17.35 -4.48
C LEU F 45 -19.80 16.96 -3.01
N ALA F 46 -19.67 15.67 -2.69
CA ALA F 46 -19.92 15.16 -1.32
C ALA F 46 -18.87 15.65 -0.33
N LYS F 47 -17.75 16.13 -0.86
CA LYS F 47 -16.73 16.85 -0.10
C LYS F 47 -17.31 18.11 0.53
N TYR F 48 -18.28 18.73 -0.16
CA TYR F 48 -18.84 20.04 0.25
C TYR F 48 -20.27 19.97 0.79
N PHE F 49 -21.05 19.02 0.28
CA PHE F 49 -22.47 18.90 0.59
C PHE F 49 -22.82 17.48 1.00
N ASP F 50 -23.99 17.32 1.60
CA ASP F 50 -24.64 16.03 1.76
C ASP F 50 -25.51 15.90 0.52
N VAL F 51 -25.06 15.11 -0.44
CA VAL F 51 -25.67 15.10 -1.78
C VAL F 51 -26.76 14.06 -1.97
N HIS F 52 -27.92 14.54 -2.40
CA HIS F 52 -29.07 13.69 -2.72
C HIS F 52 -29.45 13.95 -4.15
N VAL F 53 -29.14 13.00 -5.04
CA VAL F 53 -29.40 13.16 -6.48
C VAL F 53 -30.75 12.52 -6.78
N VAL F 54 -31.66 13.29 -7.40
CA VAL F 54 -33.05 12.86 -7.56
C VAL F 54 -33.27 12.23 -8.93
N ASP F 55 -33.92 11.06 -8.96
CA ASP F 55 -34.51 10.54 -10.19
C ASP F 55 -35.83 11.29 -10.37
N VAL F 56 -35.90 12.17 -11.37
CA VAL F 56 -37.14 12.91 -11.63
C VAL F 56 -38.21 11.89 -12.04
N ARG F 57 -39.48 12.20 -11.78
CA ARG F 57 -40.57 11.28 -12.18
C ARG F 57 -40.46 10.89 -13.65
N GLY F 58 -40.70 9.62 -13.95
CA GLY F 58 -40.51 9.14 -15.31
C GLY F 58 -39.07 8.80 -15.70
N ARG F 59 -38.15 8.87 -14.74
CA ARG F 59 -36.74 8.50 -14.97
C ARG F 59 -36.19 7.59 -13.89
N GLY F 60 -35.19 6.79 -14.26
CA GLY F 60 -34.48 5.97 -13.27
C GLY F 60 -35.44 5.01 -12.57
N LEU F 61 -35.40 5.01 -11.23
CA LEU F 61 -36.27 4.12 -10.45
C LEU F 61 -37.46 4.85 -9.85
N SER F 62 -37.61 6.13 -10.18
CA SER F 62 -38.79 6.84 -9.68
C SER F 62 -40.08 6.40 -10.36
N GLU F 63 -41.20 6.80 -9.76
CA GLU F 63 -42.51 6.45 -10.31
C GLU F 63 -42.62 6.90 -11.77
N SER F 64 -43.16 6.02 -12.60
CA SER F 64 -43.40 6.34 -14.00
CA SER F 64 -43.39 6.30 -14.00
C SER F 64 -44.85 5.98 -14.36
N GLY F 65 -45.11 5.71 -15.63
CA GLY F 65 -46.47 5.39 -16.05
C GLY F 65 -47.25 6.63 -16.49
N ASP F 66 -48.58 6.59 -16.34
CA ASP F 66 -49.47 7.62 -16.94
C ASP F 66 -49.63 8.85 -16.04
N LEU F 67 -48.50 9.50 -15.75
CA LEU F 67 -48.43 10.61 -14.81
C LEU F 67 -48.49 11.94 -15.52
N ASP F 68 -48.67 13.00 -14.73
CA ASP F 68 -48.51 14.36 -15.18
C ASP F 68 -47.00 14.64 -15.21
N TYR F 69 -46.47 14.84 -16.42
CA TYR F 69 -45.04 15.15 -16.57
C TYR F 69 -44.72 16.63 -16.83
N SER F 70 -45.68 17.50 -16.53
CA SER F 70 -45.45 18.94 -16.64
C SER F 70 -44.44 19.49 -15.65
N LEU F 71 -43.94 20.69 -15.95
CA LEU F 71 -43.05 21.39 -15.06
C LEU F 71 -43.68 21.61 -13.69
N ASP F 72 -44.97 21.97 -13.68
CA ASP F 72 -45.70 22.14 -12.42
C ASP F 72 -45.65 20.90 -11.53
N ALA F 73 -45.88 19.73 -12.12
CA ALA F 73 -45.83 18.49 -11.34
C ALA F 73 -44.43 18.19 -10.80
N MSE F 74 -43.41 18.38 -11.64
CA MSE F 74 -42.01 18.11 -11.25
C MSE F 74 -41.59 19.10 -10.19
O MSE F 74 -40.87 18.74 -9.25
CB MSE F 74 -41.11 18.03 -12.51
CG MSE F 74 -41.43 16.85 -13.47
SE MSE F 74 -40.19 16.74 -15.10
CE MSE F 74 -40.67 18.45 -15.94
N ALA F 75 -42.06 20.34 -10.28
CA ALA F 75 -41.74 21.34 -9.25
C ALA F 75 -42.44 20.96 -7.95
N ASP F 76 -43.69 20.48 -8.04
CA ASP F 76 -44.42 20.02 -6.85
C ASP F 76 -43.65 18.88 -6.17
N ASP F 77 -43.10 17.96 -6.96
CA ASP F 77 -42.27 16.86 -6.41
C ASP F 77 -41.09 17.40 -5.59
N LEU F 78 -40.43 18.42 -6.14
CA LEU F 78 -39.24 19.00 -5.51
C LEU F 78 -39.59 19.72 -4.20
N VAL F 79 -40.68 20.49 -4.24
CA VAL F 79 -41.17 21.18 -3.04
C VAL F 79 -41.44 20.15 -1.95
N ALA F 80 -42.06 19.03 -2.33
CA ALA F 80 -42.37 17.97 -1.37
C ALA F 80 -41.12 17.34 -0.74
N LEU F 81 -40.07 17.09 -1.54
CA LEU F 81 -38.81 16.60 -1.00
C LEU F 81 -38.16 17.63 -0.10
N ALA F 82 -38.12 18.88 -0.55
CA ALA F 82 -37.38 19.92 0.18
C ALA F 82 -37.97 20.18 1.56
N GLN F 83 -39.28 20.02 1.68
CA GLN F 83 -40.01 20.25 2.95
C GLN F 83 -39.55 19.33 4.07
N ARG F 84 -38.93 18.22 3.70
CA ARG F 84 -38.44 17.23 4.65
C ARG F 84 -37.02 17.58 5.12
N MSE F 85 -36.40 18.57 4.47
CA MSE F 85 -34.99 18.92 4.73
C MSE F 85 -34.89 20.34 5.21
O MSE F 85 -35.77 21.17 4.94
CB MSE F 85 -34.16 18.69 3.45
CG MSE F 85 -34.26 17.25 2.92
SE MSE F 85 -33.23 16.92 1.25
CE MSE F 85 -32.29 15.32 1.91
N GLU F 86 -33.84 20.64 5.96
CA GLU F 86 -33.60 22.00 6.46
C GLU F 86 -32.44 22.67 5.75
N GLY F 87 -32.70 23.84 5.16
CA GLY F 87 -31.67 24.68 4.53
C GLY F 87 -31.09 24.06 3.27
N VAL F 88 -31.93 23.41 2.49
CA VAL F 88 -31.45 22.70 1.33
C VAL F 88 -31.04 23.62 0.20
N VAL F 89 -29.90 23.32 -0.41
CA VAL F 89 -29.43 23.95 -1.65
C VAL F 89 -29.97 23.08 -2.78
N VAL F 90 -30.43 23.70 -3.86
CA VAL F 90 -30.84 22.93 -5.05
C VAL F 90 -29.90 23.20 -6.21
N LEU F 91 -29.36 22.15 -6.79
CA LEU F 91 -28.59 22.29 -7.99
C LEU F 91 -29.38 21.61 -9.08
N GLY F 92 -29.85 22.41 -10.04
CA GLY F 92 -30.61 21.90 -11.18
C GLY F 92 -29.86 22.07 -12.47
N HIS F 93 -29.79 21.00 -13.27
CA HIS F 93 -29.18 21.07 -14.59
C HIS F 93 -30.26 21.07 -15.64
N ALA F 94 -30.27 22.11 -16.47
CA ALA F 94 -31.10 22.11 -17.70
C ALA F 94 -32.59 22.03 -17.33
N MSE F 95 -33.31 20.96 -17.72
CA MSE F 95 -34.68 20.76 -17.22
C MSE F 95 -34.74 20.94 -15.72
O MSE F 95 -35.66 21.57 -15.20
CB MSE F 95 -35.20 19.34 -17.58
CG MSE F 95 -36.63 19.15 -17.09
SE MSE F 95 -37.14 17.29 -17.44
CE MSE F 95 -36.05 16.44 -16.05
N GLY F 96 -33.76 20.37 -15.02
CA GLY F 96 -33.72 20.44 -13.56
C GLY F 96 -33.62 21.86 -13.06
N ALA F 97 -32.93 22.72 -13.82
CA ALA F 97 -32.85 24.14 -13.43
C ALA F 97 -34.23 24.82 -13.60
N ARG F 98 -34.97 24.42 -14.64
CA ARG F 98 -36.32 24.94 -14.82
C ARG F 98 -37.25 24.47 -13.70
N ILE F 99 -37.08 23.21 -13.28
CA ILE F 99 -37.81 22.65 -12.15
C ILE F 99 -37.48 23.45 -10.89
N ALA F 100 -36.20 23.75 -10.69
CA ALA F 100 -35.75 24.49 -9.49
C ALA F 100 -36.37 25.90 -9.44
N ILE F 101 -36.37 26.58 -10.58
CA ILE F 101 -36.94 27.92 -10.70
C ILE F 101 -38.42 27.90 -10.32
N ARG F 102 -39.18 26.98 -10.91
CA ARG F 102 -40.61 26.93 -10.67
C ARG F 102 -40.93 26.54 -9.23
N ALA F 103 -40.16 25.59 -8.70
CA ALA F 103 -40.36 25.14 -7.31
C ALA F 103 -40.08 26.30 -6.34
N ALA F 104 -39.00 27.03 -6.60
CA ALA F 104 -38.63 28.19 -5.77
C ALA F 104 -39.71 29.25 -5.79
N ARG F 105 -40.38 29.40 -6.92
CA ARG F 105 -41.46 30.37 -7.02
C ARG F 105 -42.69 29.89 -6.24
N LYS F 106 -42.96 28.58 -6.31
CA LYS F 106 -44.12 28.01 -5.60
C LYS F 106 -43.95 28.10 -4.09
N ASP F 107 -42.74 27.85 -3.61
CA ASP F 107 -42.45 27.80 -2.17
C ASP F 107 -40.96 28.07 -1.96
N SER F 108 -40.64 29.36 -1.85
CA SER F 108 -39.26 29.82 -1.65
C SER F 108 -38.73 29.45 -0.27
N GLN F 109 -39.60 29.44 0.73
CA GLN F 109 -39.20 29.21 2.13
C GLN F 109 -38.46 27.90 2.37
N VAL F 110 -38.72 26.88 1.54
CA VAL F 110 -38.12 25.58 1.75
C VAL F 110 -36.72 25.41 1.16
N PHE F 111 -36.26 26.40 0.37
CA PHE F 111 -34.91 26.36 -0.21
C PHE F 111 -34.02 27.49 0.30
N SER F 112 -32.74 27.17 0.53
CA SER F 112 -31.76 28.18 0.95
C SER F 112 -31.21 28.96 -0.24
N ARG F 113 -30.81 28.25 -1.30
CA ARG F 113 -30.24 28.88 -2.49
CA ARG F 113 -30.28 28.89 -2.50
C ARG F 113 -30.35 27.94 -3.69
N LEU F 114 -30.20 28.48 -4.89
CA LEU F 114 -30.26 27.70 -6.13
C LEU F 114 -28.95 27.77 -6.88
N ILE F 115 -28.56 26.65 -7.47
CA ILE F 115 -27.46 26.60 -8.42
C ILE F 115 -28.13 26.13 -9.71
N LEU F 116 -28.18 27.02 -10.70
CA LEU F 116 -28.89 26.76 -11.94
C LEU F 116 -27.87 26.54 -13.06
N VAL F 117 -27.81 25.32 -13.56
CA VAL F 117 -26.83 25.05 -14.58
C VAL F 117 -27.50 24.92 -15.95
N ASP F 118 -27.12 25.85 -16.80
CA ASP F 118 -27.56 25.91 -18.21
C ASP F 118 -29.06 25.61 -18.46
N PRO F 119 -29.98 26.31 -17.77
CA PRO F 119 -31.40 26.10 -18.07
C PRO F 119 -31.76 26.54 -19.49
N PRO F 120 -32.59 25.75 -20.20
CA PRO F 120 -33.17 26.29 -21.44
C PRO F 120 -33.86 27.62 -21.12
N VAL F 121 -33.67 28.61 -21.99
CA VAL F 121 -34.31 29.92 -21.78
C VAL F 121 -35.43 30.13 -22.80
N SER F 122 -35.84 29.02 -23.41
CA SER F 122 -37.02 28.97 -24.27
C SER F 122 -38.33 29.15 -23.48
N GLY F 123 -39.40 29.39 -24.20
CA GLY F 123 -40.71 29.65 -23.59
C GLY F 123 -41.56 30.34 -24.62
N PRO F 124 -42.82 30.64 -24.27
CA PRO F 124 -43.73 31.29 -25.22
C PRO F 124 -43.17 32.63 -25.72
N GLY F 125 -43.02 32.76 -27.02
CA GLY F 125 -42.50 33.99 -27.62
C GLY F 125 -40.99 34.16 -27.56
N ARG F 126 -40.28 33.12 -27.12
CA ARG F 126 -38.83 33.18 -26.95
C ARG F 126 -38.08 32.26 -27.91
N ARG F 127 -36.76 32.44 -28.02
CA ARG F 127 -35.92 31.61 -28.86
C ARG F 127 -36.11 30.14 -28.47
N PRO F 128 -36.39 29.26 -29.44
CA PRO F 128 -36.56 27.83 -29.15
C PRO F 128 -35.27 27.21 -28.64
N TYR F 129 -35.41 26.11 -27.89
CA TYR F 129 -34.27 25.38 -27.38
C TYR F 129 -33.48 24.79 -28.56
N PRO F 130 -32.17 25.07 -28.62
CA PRO F 130 -31.37 24.69 -29.80
C PRO F 130 -30.87 23.25 -29.79
N ALA F 131 -31.78 22.30 -29.87
CA ALA F 131 -31.40 20.89 -29.96
C ALA F 131 -32.40 20.16 -30.82
N LYS F 132 -31.93 19.11 -31.48
CA LYS F 132 -32.78 18.33 -32.38
C LYS F 132 -33.50 17.28 -31.56
N TRP F 133 -34.83 17.25 -31.69
CA TRP F 133 -35.64 16.25 -31.01
C TRP F 133 -35.22 14.82 -31.33
N SER F 134 -34.90 14.55 -32.59
CA SER F 134 -34.56 13.20 -33.05
C SER F 134 -33.40 12.58 -32.26
N TRP F 135 -32.49 13.41 -31.75
CA TRP F 135 -31.39 12.96 -30.89
C TRP F 135 -31.93 12.22 -29.69
N TYR F 136 -32.91 12.83 -29.01
CA TYR F 136 -33.55 12.17 -27.86
C TYR F 136 -34.36 10.95 -28.28
N ALA F 137 -35.23 11.13 -29.28
CA ALA F 137 -36.17 10.08 -29.67
C ALA F 137 -35.46 8.81 -30.14
N GLU F 138 -34.48 8.97 -31.01
CA GLU F 138 -33.76 7.83 -31.60
C GLU F 138 -32.95 7.08 -30.56
N SER F 139 -32.26 7.82 -29.69
CA SER F 139 -31.42 7.18 -28.68
C SER F 139 -32.25 6.47 -27.62
N ILE F 140 -33.40 7.04 -27.27
CA ILE F 140 -34.27 6.38 -26.28
C ILE F 140 -34.81 5.06 -26.83
N ARG F 141 -35.27 5.08 -28.09
CA ARG F 141 -35.80 3.84 -28.68
C ARG F 141 -34.72 2.77 -28.80
N LEU F 142 -33.50 3.20 -29.15
CA LEU F 142 -32.32 2.30 -29.19
C LEU F 142 -32.03 1.69 -27.82
N ALA F 143 -32.02 2.54 -26.81
CA ALA F 143 -31.76 2.09 -25.44
C ALA F 143 -32.83 1.12 -24.94
N GLN F 144 -34.10 1.39 -25.26
CA GLN F 144 -35.21 0.53 -24.82
C GLN F 144 -35.07 -0.89 -25.37
N ARG F 145 -34.58 -1.00 -26.60
CA ARG F 145 -34.37 -2.31 -27.21
C ARG F 145 -33.23 -3.05 -26.50
N GLY F 146 -32.18 -2.31 -26.16
CA GLY F 146 -30.99 -2.88 -25.54
C GLY F 146 -29.82 -2.63 -26.47
N CYS F 147 -28.97 -1.70 -26.10
CA CYS F 147 -27.92 -1.26 -27.00
C CYS F 147 -26.54 -1.27 -26.37
N THR F 148 -25.52 -1.32 -27.22
CA THR F 148 -24.16 -1.34 -26.78
C THR F 148 -23.64 0.06 -26.56
N ALA F 149 -22.57 0.16 -25.77
CA ALA F 149 -21.81 1.40 -25.66
C ALA F 149 -21.41 1.96 -27.03
N MSE F 150 -21.02 1.09 -27.97
CA MSE F 150 -20.65 1.57 -29.32
C MSE F 150 -21.80 2.25 -30.01
O MSE F 150 -21.62 3.28 -30.66
CB MSE F 150 -20.04 0.45 -30.18
CG MSE F 150 -19.75 0.91 -31.61
SE MSE F 150 -18.14 2.08 -31.81
CE MSE F 150 -17.11 1.48 -30.25
N GLU F 151 -23.02 1.71 -29.86
CA GLU F 151 -24.20 2.34 -30.47
C GLU F 151 -24.48 3.69 -29.82
N MSE F 152 -24.32 3.76 -28.49
CA MSE F 152 -24.58 5.00 -27.75
C MSE F 152 -23.49 6.03 -28.01
O MSE F 152 -23.74 7.23 -27.93
CB MSE F 152 -24.73 4.69 -26.27
CG MSE F 152 -25.19 5.90 -25.44
SE MSE F 152 -26.87 6.65 -26.17
CE MSE F 152 -28.03 5.17 -25.56
N ARG F 153 -22.29 5.57 -28.36
CA ARG F 153 -21.18 6.49 -28.65
C ARG F 153 -21.55 7.51 -29.74
N SER F 154 -22.33 7.08 -30.74
CA SER F 154 -22.80 7.99 -31.81
C SER F 154 -23.49 9.24 -31.26
N TYR F 155 -24.18 9.10 -30.14
CA TYR F 155 -24.95 10.20 -29.56
C TYR F 155 -24.12 11.07 -28.64
N CYS F 156 -23.13 10.47 -27.98
CA CYS F 156 -22.28 11.20 -27.03
C CYS F 156 -20.81 10.93 -27.33
N PRO F 157 -20.34 11.32 -28.52
CA PRO F 157 -19.03 10.83 -28.98
C PRO F 157 -17.82 11.35 -28.18
N THR F 158 -18.01 12.44 -27.44
CA THR F 158 -16.92 13.03 -26.65
C THR F 158 -16.94 12.65 -25.17
N TRP F 159 -17.88 11.82 -24.76
CA TRP F 159 -17.95 11.37 -23.38
C TRP F 159 -16.92 10.31 -23.07
N THR F 160 -16.64 10.10 -21.80
CA THR F 160 -15.78 8.96 -21.42
C THR F 160 -16.52 7.64 -21.64
N ASP F 161 -15.77 6.54 -21.73
CA ASP F 161 -16.41 5.24 -21.90
C ASP F 161 -17.36 4.89 -20.76
N GLU F 162 -16.98 5.19 -19.53
CA GLU F 162 -17.83 4.89 -18.37
C GLU F 162 -19.16 5.66 -18.50
N GLN F 163 -19.08 6.91 -18.91
CA GLN F 163 -20.29 7.73 -19.08
C GLN F 163 -21.18 7.20 -20.21
N ILE F 164 -20.57 6.85 -21.34
CA ILE F 164 -21.33 6.28 -22.45
C ILE F 164 -21.98 4.94 -22.05
N GLU F 165 -21.21 4.11 -21.35
CA GLU F 165 -21.72 2.82 -20.90
C GLU F 165 -22.92 3.01 -19.98
N LEU F 166 -22.80 3.97 -19.06
CA LEU F 166 -23.86 4.19 -18.08
C LEU F 166 -25.11 4.69 -18.77
N ARG F 167 -24.95 5.55 -19.77
CA ARG F 167 -26.08 6.02 -20.55
C ARG F 167 -26.73 4.86 -21.31
N ALA F 168 -25.93 4.00 -21.94
CA ALA F 168 -26.48 2.81 -22.62
C ALA F 168 -27.25 1.92 -21.66
N GLU F 169 -26.81 1.90 -20.40
CA GLU F 169 -27.42 1.02 -19.41
C GLU F 169 -28.76 1.58 -18.89
N TRP F 170 -28.80 2.90 -18.69
CA TRP F 170 -29.93 3.55 -17.99
C TRP F 170 -30.86 4.42 -18.79
N LEU F 171 -30.49 4.78 -20.02
CA LEU F 171 -31.35 5.72 -20.76
C LEU F 171 -32.79 5.20 -20.93
N HIS F 172 -32.96 3.90 -21.11
CA HIS F 172 -34.27 3.30 -21.31
C HIS F 172 -35.22 3.55 -20.16
N THR F 173 -34.68 3.92 -19.00
CA THR F 173 -35.52 4.24 -17.83
C THR F 173 -36.17 5.61 -17.94
N CYS F 174 -35.78 6.37 -18.96
CA CYS F 174 -36.38 7.69 -19.20
C CYS F 174 -37.57 7.49 -20.12
N GLN F 175 -38.76 7.51 -19.54
CA GLN F 175 -39.97 7.16 -20.27
C GLN F 175 -40.16 8.13 -21.44
N TYR F 176 -40.41 7.59 -22.63
CA TYR F 176 -40.50 8.42 -23.82
C TYR F 176 -41.51 9.56 -23.65
N THR F 177 -42.70 9.23 -23.16
CA THR F 177 -43.74 10.26 -22.98
C THR F 177 -43.34 11.35 -21.98
N ALA F 178 -42.61 11.00 -20.93
CA ALA F 178 -42.08 11.99 -19.99
C ALA F 178 -41.08 12.91 -20.68
N VAL F 179 -40.23 12.34 -21.54
CA VAL F 179 -39.18 13.11 -22.20
C VAL F 179 -39.80 14.06 -23.24
N LYS F 180 -40.71 13.54 -24.06
CA LYS F 180 -41.44 14.40 -25.02
C LYS F 180 -42.16 15.57 -24.34
N THR F 181 -42.83 15.28 -23.21
CA THR F 181 -43.58 16.32 -22.48
C THR F 181 -42.64 17.39 -21.95
N ALA F 182 -41.50 16.98 -21.40
CA ALA F 182 -40.51 17.93 -20.92
C ALA F 182 -39.99 18.80 -22.07
N PHE F 183 -39.73 18.20 -23.22
CA PHE F 183 -39.20 18.94 -24.37
C PHE F 183 -40.23 19.98 -24.83
N ASP F 184 -41.50 19.59 -24.85
CA ASP F 184 -42.56 20.54 -25.15
C ASP F 184 -42.65 21.63 -24.08
N GLY F 185 -42.43 21.25 -22.81
CA GLY F 185 -42.42 22.20 -21.71
C GLY F 185 -41.36 23.27 -21.85
N PHE F 186 -40.22 22.92 -22.47
CA PHE F 186 -39.19 23.95 -22.71
C PHE F 186 -39.77 25.09 -23.53
N HIS F 187 -40.79 24.79 -24.31
CA HIS F 187 -41.36 25.75 -25.24
C HIS F 187 -42.65 26.33 -24.75
N THR F 188 -43.34 25.61 -23.87
CA THR F 188 -44.65 26.10 -23.39
C THR F 188 -44.65 26.78 -22.01
N ASP F 189 -43.66 26.45 -21.18
CA ASP F 189 -43.58 27.01 -19.84
C ASP F 189 -42.78 28.30 -19.89
N ASP F 190 -43.19 29.28 -19.09
CA ASP F 190 -42.47 30.54 -18.96
C ASP F 190 -41.77 30.55 -17.61
N ILE F 191 -40.44 30.39 -17.61
CA ILE F 191 -39.70 30.42 -16.35
C ILE F 191 -39.13 31.82 -16.04
N HIS F 192 -39.23 32.73 -16.99
CA HIS F 192 -38.73 34.09 -16.79
C HIS F 192 -39.62 34.86 -15.88
N THR F 193 -40.92 34.64 -16.00
CA THR F 193 -41.91 35.23 -15.10
C THR F 193 -41.74 34.72 -13.68
N ASP F 194 -41.33 33.45 -13.55
CA ASP F 194 -40.94 32.90 -12.24
C ASP F 194 -39.68 33.58 -11.67
N LEU F 195 -38.65 33.76 -12.51
CA LEU F 195 -37.36 34.31 -12.09
C LEU F 195 -37.51 35.70 -11.48
N ALA F 196 -38.41 36.47 -12.08
CA ALA F 196 -38.74 37.83 -11.64
C ALA F 196 -39.33 37.87 -10.23
N GLN F 197 -39.76 36.72 -9.73
CA GLN F 197 -40.33 36.64 -8.38
C GLN F 197 -39.35 36.09 -7.35
N LEU F 198 -38.15 35.69 -7.79
CA LEU F 198 -37.19 35.04 -6.87
C LEU F 198 -36.19 35.98 -6.19
N THR F 199 -36.08 35.88 -4.87
CA THR F 199 -35.20 36.77 -4.10
C THR F 199 -34.04 36.02 -3.41
N LEU F 200 -34.15 34.70 -3.27
CA LEU F 200 -33.10 33.88 -2.66
C LEU F 200 -31.83 33.87 -3.54
N PRO F 201 -30.66 33.49 -2.96
CA PRO F 201 -29.42 33.49 -3.76
C PRO F 201 -29.48 32.52 -4.94
N ILE F 202 -28.91 32.95 -6.07
CA ILE F 202 -28.90 32.15 -7.29
C ILE F 202 -27.50 32.17 -7.89
N GLN F 203 -26.93 30.99 -8.12
CA GLN F 203 -25.68 30.85 -8.85
C GLN F 203 -26.04 30.25 -10.22
N LEU F 204 -25.70 30.97 -11.27
CA LEU F 204 -26.01 30.55 -12.61
C LEU F 204 -24.72 30.05 -13.24
N VAL F 205 -24.72 28.82 -13.71
CA VAL F 205 -23.53 28.24 -14.31
C VAL F 205 -23.88 28.04 -15.78
N VAL F 206 -23.13 28.72 -16.65
CA VAL F 206 -23.45 28.77 -18.09
C VAL F 206 -22.43 27.98 -18.88
N ALA F 207 -22.90 27.21 -19.87
CA ALA F 207 -22.01 26.53 -20.80
C ALA F 207 -21.54 27.55 -21.83
N GLY F 208 -20.29 28.00 -21.70
CA GLY F 208 -19.75 29.06 -22.57
C GLY F 208 -19.70 28.65 -24.03
N GLY F 209 -19.52 27.37 -24.27
CA GLY F 209 -19.39 26.82 -25.62
C GLY F 209 -20.70 26.41 -26.27
N ALA F 210 -21.78 26.44 -25.50
CA ALA F 210 -23.10 26.09 -26.04
C ALA F 210 -23.90 27.33 -26.42
N GLU F 211 -24.99 27.11 -27.14
CA GLU F 211 -25.91 28.20 -27.54
C GLU F 211 -27.19 28.21 -26.73
N VAL F 212 -27.26 27.38 -25.69
CA VAL F 212 -28.46 27.32 -24.87
C VAL F 212 -28.70 28.66 -24.19
N ILE F 213 -27.66 29.21 -23.57
CA ILE F 213 -27.76 30.53 -22.95
C ILE F 213 -26.70 31.45 -23.58
N GLN F 214 -27.16 32.41 -24.38
CA GLN F 214 -26.25 33.33 -25.05
C GLN F 214 -26.00 34.52 -24.11
N PRO F 215 -24.92 35.29 -24.34
CA PRO F 215 -24.65 36.41 -23.44
C PRO F 215 -25.85 37.31 -23.13
N ASP F 216 -26.70 37.61 -24.11
CA ASP F 216 -27.86 38.46 -23.83
C ASP F 216 -28.87 37.77 -22.90
N ASP F 217 -28.87 36.44 -22.90
CA ASP F 217 -29.77 35.67 -22.04
C ASP F 217 -29.29 35.75 -20.59
N ILE F 218 -27.97 35.78 -20.40
CA ILE F 218 -27.38 35.97 -19.06
C ILE F 218 -27.85 37.32 -18.52
N ALA F 219 -27.72 38.34 -19.36
CA ALA F 219 -28.12 39.70 -18.97
C ALA F 219 -29.59 39.76 -18.56
N GLU F 220 -30.46 39.08 -19.32
CA GLU F 220 -31.87 39.09 -18.98
C GLU F 220 -32.13 38.40 -17.65
N ILE F 221 -31.45 37.27 -17.41
CA ILE F 221 -31.58 36.57 -16.13
C ILE F 221 -31.16 37.50 -14.98
N ILE F 222 -30.06 38.23 -15.15
CA ILE F 222 -29.63 39.17 -14.12
C ILE F 222 -30.67 40.29 -13.93
N SER F 223 -31.27 40.75 -15.02
CA SER F 223 -32.27 41.82 -14.91
C SER F 223 -33.52 41.40 -14.12
N LEU F 224 -33.88 40.12 -14.24
CA LEU F 224 -35.05 39.59 -13.55
C LEU F 224 -34.72 39.24 -12.10
N ALA F 225 -33.51 38.72 -11.89
CA ALA F 225 -33.03 38.31 -10.56
C ALA F 225 -31.64 38.88 -10.32
N PRO F 226 -31.58 40.13 -9.81
CA PRO F 226 -30.34 40.91 -9.78
C PRO F 226 -29.25 40.30 -8.90
N GLN F 227 -29.65 39.46 -7.96
CA GLN F 227 -28.74 38.79 -7.05
C GLN F 227 -27.89 37.73 -7.75
N THR F 228 -28.24 37.37 -8.98
CA THR F 228 -27.60 36.23 -9.66
C THR F 228 -26.09 36.39 -9.83
N THR F 229 -25.33 35.39 -9.35
CA THR F 229 -23.88 35.34 -9.58
C THR F 229 -23.61 34.33 -10.72
N THR F 230 -22.79 34.73 -11.69
CA THR F 230 -22.67 34.00 -12.96
C THR F 230 -21.28 33.41 -13.18
N TYR F 231 -21.25 32.11 -13.42
CA TYR F 231 -20.04 31.40 -13.77
C TYR F 231 -20.16 30.86 -15.16
N VAL F 232 -19.40 31.42 -16.08
CA VAL F 232 -19.36 30.89 -17.43
C VAL F 232 -18.22 29.86 -17.46
N VAL F 233 -18.56 28.62 -17.77
CA VAL F 233 -17.54 27.60 -17.96
C VAL F 233 -17.15 27.64 -19.44
N GLU F 234 -16.07 28.34 -19.74
CA GLU F 234 -15.69 28.59 -21.13
C GLU F 234 -15.25 27.31 -21.82
N ALA F 236 -16.94 24.68 -22.66
CA ALA F 236 -17.87 23.57 -22.37
C ALA F 236 -19.20 23.70 -23.08
N GLY F 237 -19.71 22.57 -23.58
CA GLY F 237 -21.08 22.50 -24.10
C GLY F 237 -22.10 22.33 -22.98
N HIS F 238 -23.35 22.14 -23.37
CA HIS F 238 -24.49 22.09 -22.44
C HIS F 238 -24.33 21.06 -21.33
N MSE F 239 -23.73 19.91 -21.65
CA MSE F 239 -23.53 18.85 -20.65
C MSE F 239 -22.26 19.19 -19.93
O MSE F 239 -21.24 18.51 -20.10
CB MSE F 239 -23.42 17.48 -21.33
CG MSE F 239 -24.51 17.12 -22.33
SE MSE F 239 -26.24 17.11 -21.46
CE MSE F 239 -26.14 15.47 -20.38
N ILE F 240 -22.29 20.25 -19.13
CA ILE F 240 -21.06 20.89 -18.64
C ILE F 240 -20.04 19.93 -17.99
N PRO F 241 -20.42 19.16 -16.96
CA PRO F 241 -19.38 18.33 -16.33
C PRO F 241 -18.90 17.15 -17.17
N TRP F 242 -19.64 16.82 -18.23
CA TRP F 242 -19.18 15.81 -19.19
C TRP F 242 -18.11 16.41 -20.08
N ASP F 243 -18.14 17.71 -20.31
CA ASP F 243 -17.16 18.39 -21.16
C ASP F 243 -15.97 18.91 -20.36
N ASN F 244 -16.27 19.42 -19.17
CA ASN F 244 -15.25 20.05 -18.33
C ASN F 244 -15.56 19.81 -16.86
N LEU F 245 -15.28 18.59 -16.38
CA LEU F 245 -15.59 18.23 -14.98
C LEU F 245 -14.90 19.17 -13.99
N GLU F 246 -13.60 19.41 -14.21
CA GLU F 246 -12.84 20.25 -13.30
C GLU F 246 -13.36 21.68 -13.26
N GLY F 247 -13.60 22.27 -14.43
CA GLY F 247 -14.23 23.59 -14.54
C GLY F 247 -15.57 23.63 -13.83
N PHE F 248 -16.35 22.56 -13.98
CA PHE F 248 -17.67 22.52 -13.34
C PHE F 248 -17.57 22.48 -11.81
N ILE F 249 -16.74 21.56 -11.28
CA ILE F 249 -16.62 21.38 -9.84
C ILE F 249 -16.03 22.65 -9.23
N THR F 250 -15.08 23.25 -9.93
CA THR F 250 -14.46 24.48 -9.46
C THR F 250 -15.50 25.60 -9.33
N ALA F 251 -16.38 25.73 -10.32
CA ALA F 251 -17.44 26.74 -10.26
C ALA F 251 -18.40 26.50 -9.10
N VAL F 252 -18.87 25.26 -8.99
CA VAL F 252 -19.89 24.92 -7.99
C VAL F 252 -19.34 25.02 -6.57
N SER F 253 -18.05 24.73 -6.37
CA SER F 253 -17.46 24.76 -5.04
C SER F 253 -16.82 26.10 -4.69
N ASN F 254 -16.92 27.08 -5.58
CA ASN F 254 -16.32 28.40 -5.33
C ASN F 254 -17.18 29.17 -4.35
N LYS G 2 -13.98 25.44 13.72
CA LYS G 2 -13.26 26.54 14.30
C LYS G 2 -12.13 26.06 15.22
N GLY G 3 -10.92 26.51 14.93
CA GLY G 3 -9.79 26.19 15.80
C GLY G 3 -9.61 27.23 16.86
N TYR G 4 -9.08 26.82 18.00
CA TYR G 4 -8.82 27.74 19.11
C TYR G 4 -7.67 27.23 19.96
N ASN G 5 -7.03 28.14 20.66
CA ASN G 5 -5.86 27.80 21.48
C ASN G 5 -6.14 28.01 22.95
N VAL G 6 -5.90 26.97 23.75
CA VAL G 6 -6.15 27.02 25.18
C VAL G 6 -4.81 27.08 25.91
N TYR G 7 -4.68 28.05 26.80
CA TYR G 7 -3.55 28.11 27.69
C TYR G 7 -3.84 27.19 28.88
N ALA G 8 -3.24 26.01 28.89
CA ALA G 8 -3.54 25.01 29.93
C ALA G 8 -2.31 24.15 30.16
N ASN G 9 -2.03 23.85 31.43
CA ASN G 9 -0.81 23.14 31.82
C ASN G 9 0.46 23.87 31.37
N GLY G 10 0.35 25.18 31.31
CA GLY G 10 1.52 26.01 31.06
C GLY G 10 1.97 26.05 29.60
N ILE G 11 1.14 25.49 28.72
CA ILE G 11 1.46 25.50 27.28
C ILE G 11 0.26 25.92 26.46
N ARG G 12 0.51 26.23 25.19
CA ARG G 12 -0.53 26.54 24.23
C ARG G 12 -1.02 25.22 23.62
N GLN G 13 -2.29 24.90 23.86
CA GLN G 13 -2.92 23.70 23.30
C GLN G 13 -3.94 24.09 22.22
N HIS G 14 -3.64 23.76 20.96
CA HIS G 14 -4.54 24.04 19.85
C HIS G 14 -5.55 22.94 19.71
N ILE G 15 -6.82 23.34 19.58
CA ILE G 15 -7.95 22.42 19.53
C ILE G 15 -8.83 22.79 18.34
N ILE G 16 -9.44 21.81 17.67
CA ILE G 16 -10.41 22.12 16.60
C ILE G 16 -11.79 21.67 17.07
N HIS G 17 -12.73 22.61 17.06
CA HIS G 17 -14.11 22.36 17.48
C HIS G 17 -14.98 21.98 16.31
N PHE G 18 -15.63 20.83 16.42
CA PHE G 18 -16.64 20.40 15.44
C PHE G 18 -17.94 20.36 16.25
N PRO G 19 -18.73 21.44 16.22
CA PRO G 19 -19.85 21.55 17.16
C PRO G 19 -20.94 20.50 16.96
N GLY G 20 -21.44 19.99 18.08
CA GLY G 20 -22.57 19.07 18.15
C GLY G 20 -23.40 19.40 19.39
N THR G 21 -24.62 18.86 19.46
CA THR G 21 -25.51 19.18 20.58
C THR G 21 -25.31 18.30 21.83
N GLY G 22 -24.58 17.19 21.67
CA GLY G 22 -24.38 16.23 22.77
C GLY G 22 -23.32 16.60 23.80
N SER G 23 -22.86 15.59 24.52
CA SER G 23 -21.83 15.76 25.54
C SER G 23 -20.48 16.07 24.90
N PRO G 24 -19.64 16.80 25.63
CA PRO G 24 -18.33 17.08 25.07
C PRO G 24 -17.48 15.82 24.93
N LEU G 25 -16.73 15.78 23.84
CA LEU G 25 -15.78 14.74 23.57
C LEU G 25 -14.43 15.35 23.22
N LEU G 26 -13.38 14.92 23.92
CA LEU G 26 -11.99 15.28 23.58
C LEU G 26 -11.42 14.13 22.80
N LEU G 27 -10.97 14.43 21.59
CA LEU G 27 -10.41 13.41 20.71
C LEU G 27 -8.91 13.57 20.69
N ILE G 28 -8.20 12.55 21.18
CA ILE G 28 -6.74 12.58 21.27
C ILE G 28 -6.15 11.67 20.21
N PRO G 29 -5.56 12.25 19.13
CA PRO G 29 -5.05 11.42 18.04
C PRO G 29 -3.77 10.64 18.33
N GLY G 30 -3.31 9.93 17.31
CA GLY G 30 -2.09 9.16 17.41
C GLY G 30 -0.82 9.97 17.20
N ILE G 31 0.29 9.24 17.22
CA ILE G 31 1.66 9.80 17.32
C ILE G 31 2.03 10.85 16.26
N THR G 32 1.54 10.66 15.03
CA THR G 32 1.88 11.60 13.93
C THR G 32 0.59 12.14 13.27
N SER G 33 -0.40 12.43 14.11
CA SER G 33 -1.72 12.81 13.63
C SER G 33 -2.21 14.16 14.21
N PRO G 34 -1.86 15.27 13.53
CA PRO G 34 -2.40 16.55 13.97
C PRO G 34 -3.91 16.52 13.93
N ALA G 35 -4.54 17.35 14.74
CA ALA G 35 -6.02 17.39 14.87
C ALA G 35 -6.74 17.45 13.52
N VAL G 36 -6.22 18.26 12.60
CA VAL G 36 -6.84 18.43 11.28
C VAL G 36 -7.04 17.10 10.53
N THR G 37 -6.15 16.14 10.77
CA THR G 37 -6.19 14.86 10.05
C THR G 37 -7.35 13.97 10.51
N TRP G 38 -7.95 14.32 11.65
CA TRP G 38 -9.13 13.63 12.16
C TRP G 38 -10.43 14.33 11.82
N GLY G 39 -10.34 15.41 11.05
CA GLY G 39 -11.52 16.18 10.64
C GLY G 39 -12.63 15.33 10.02
N PHE G 40 -12.26 14.42 9.12
CA PHE G 40 -13.23 13.59 8.43
C PHE G 40 -13.99 12.66 9.38
N VAL G 41 -13.33 12.25 10.47
CA VAL G 41 -13.99 11.50 11.54
C VAL G 41 -14.80 12.40 12.46
N ALA G 42 -14.20 13.51 12.90
CA ALA G 42 -14.85 14.44 13.83
C ALA G 42 -16.17 14.99 13.28
N GLU G 43 -16.22 15.27 11.97
CA GLU G 43 -17.45 15.80 11.36
C GLU G 43 -18.59 14.79 11.49
N ARG G 44 -18.27 13.50 11.43
CA ARG G 44 -19.24 12.42 11.62
C ARG G 44 -19.59 12.22 13.09
N LEU G 45 -18.60 12.30 13.98
CA LEU G 45 -18.85 12.13 15.41
C LEU G 45 -19.68 13.27 16.00
N ALA G 46 -19.64 14.44 15.34
CA ALA G 46 -20.39 15.60 15.78
C ALA G 46 -21.91 15.37 15.81
N LYS G 47 -22.36 14.32 15.13
CA LYS G 47 -23.77 13.91 15.17
C LYS G 47 -24.13 13.39 16.56
N TYR G 48 -23.11 12.89 17.28
CA TYR G 48 -23.28 12.21 18.57
C TYR G 48 -22.71 12.96 19.76
N PHE G 49 -21.66 13.75 19.52
CA PHE G 49 -21.01 14.49 20.61
C PHE G 49 -20.70 15.93 20.16
N ASP G 50 -20.37 16.79 21.14
CA ASP G 50 -19.74 18.09 20.85
C ASP G 50 -18.24 17.83 20.83
N VAL G 51 -17.64 17.87 19.64
CA VAL G 51 -16.31 17.27 19.44
C VAL G 51 -15.20 18.33 19.48
N HIS G 52 -14.18 18.07 20.28
CA HIS G 52 -12.99 18.93 20.33
C HIS G 52 -11.78 18.08 20.09
N VAL G 53 -11.13 18.28 18.93
CA VAL G 53 -9.97 17.46 18.53
C VAL G 53 -8.68 18.17 18.91
N VAL G 54 -7.81 17.48 19.64
CA VAL G 54 -6.64 18.11 20.22
C VAL G 54 -5.38 17.89 19.40
N ASP G 55 -4.64 18.97 19.16
CA ASP G 55 -3.25 18.84 18.69
C ASP G 55 -2.44 18.56 19.96
N VAL G 56 -1.89 17.35 20.07
CA VAL G 56 -1.04 17.02 21.22
C VAL G 56 0.22 17.89 21.12
N ARG G 57 0.83 18.18 22.27
CA ARG G 57 2.08 18.98 22.29
C ARG G 57 3.08 18.37 21.31
N GLY G 58 3.77 19.26 20.58
CA GLY G 58 4.70 18.81 19.53
C GLY G 58 4.05 18.41 18.21
N ARG G 59 2.75 18.67 18.05
CA ARG G 59 2.05 18.38 16.78
C ARG G 59 1.19 19.57 16.37
N GLY G 60 0.95 19.72 15.07
CA GLY G 60 0.00 20.73 14.57
C GLY G 60 0.40 22.12 15.01
N LEU G 61 -0.54 22.85 15.62
CA LEU G 61 -0.28 24.22 16.08
C LEU G 61 -0.04 24.33 17.58
N SER G 62 0.03 23.20 18.27
CA SER G 62 0.29 23.26 19.71
C SER G 62 1.75 23.54 20.03
N GLU G 63 1.99 23.93 21.28
CA GLU G 63 3.33 24.20 21.82
C GLU G 63 4.30 23.15 21.33
N SER G 64 5.45 23.58 20.85
CA SER G 64 6.52 22.68 20.45
C SER G 64 7.86 23.13 21.04
N GLY G 65 8.96 22.63 20.48
CA GLY G 65 10.30 22.98 20.98
C GLY G 65 10.80 22.03 22.06
N ASP G 66 11.58 22.54 23.03
CA ASP G 66 12.34 21.65 23.98
C ASP G 66 11.52 21.25 25.22
N LEU G 67 10.42 20.54 24.95
CA LEU G 67 9.44 20.21 25.99
C LEU G 67 9.62 18.80 26.47
N ASP G 68 8.93 18.52 27.57
CA ASP G 68 8.77 17.16 28.05
C ASP G 68 7.71 16.49 27.16
N TYR G 69 8.11 15.49 26.39
CA TYR G 69 7.17 14.77 25.51
C TYR G 69 6.78 13.40 26.04
N SER G 70 6.99 13.20 27.34
CA SER G 70 6.60 11.94 27.99
C SER G 70 5.08 11.79 28.08
N LEU G 71 4.65 10.55 28.27
CA LEU G 71 3.25 10.25 28.50
C LEU G 71 2.72 11.02 29.69
N ASP G 72 3.55 11.18 30.72
CA ASP G 72 3.12 11.95 31.89
C ASP G 72 2.76 13.39 31.56
N ALA G 73 3.60 14.04 30.76
CA ALA G 73 3.37 15.43 30.35
C ALA G 73 2.11 15.53 29.49
N MSE G 74 1.95 14.60 28.54
CA MSE G 74 0.83 14.66 27.62
C MSE G 74 -0.45 14.37 28.39
O MSE G 74 -1.49 14.93 28.09
CB MSE G 74 1.05 13.73 26.39
CG MSE G 74 2.28 14.16 25.53
SE MSE G 74 2.58 13.04 23.84
CE MSE G 74 2.99 11.36 24.79
N ALA G 75 -0.38 13.48 29.39
CA ALA G 75 -1.54 13.21 30.28
C ALA G 75 -1.90 14.43 31.14
N ASP G 76 -0.89 15.11 31.67
CA ASP G 76 -1.14 16.35 32.42
C ASP G 76 -1.84 17.39 31.55
N ASP G 77 -1.44 17.49 30.29
CA ASP G 77 -2.07 18.43 29.36
C ASP G 77 -3.57 18.15 29.28
N LEU G 78 -3.89 16.86 29.14
CA LEU G 78 -5.26 16.43 28.96
C LEU G 78 -6.07 16.67 30.21
N VAL G 79 -5.49 16.35 31.36
CA VAL G 79 -6.17 16.59 32.63
C VAL G 79 -6.53 18.06 32.76
N ALA G 80 -5.57 18.93 32.42
CA ALA G 80 -5.76 20.39 32.49
C ALA G 80 -6.86 20.86 31.53
N LEU G 81 -6.94 20.28 30.33
CA LEU G 81 -8.03 20.63 29.40
C LEU G 81 -9.38 20.26 29.96
N ALA G 82 -9.47 19.04 30.49
CA ALA G 82 -10.74 18.44 30.90
C ALA G 82 -11.34 19.14 32.12
N GLN G 83 -10.50 19.84 32.90
CA GLN G 83 -10.98 20.57 34.08
C GLN G 83 -12.04 21.59 33.71
N ARG G 84 -11.97 22.06 32.47
CA ARG G 84 -12.80 23.13 31.96
C ARG G 84 -14.11 22.60 31.33
N MSE G 85 -14.27 21.28 31.32
CA MSE G 85 -15.41 20.61 30.66
C MSE G 85 -16.17 19.76 31.65
O MSE G 85 -15.59 19.21 32.59
CB MSE G 85 -14.92 19.77 29.46
CG MSE G 85 -13.89 20.48 28.58
SE MSE G 85 -13.79 19.79 26.72
CE MSE G 85 -14.16 21.47 25.78
N GLU G 86 -17.48 19.63 31.46
CA GLU G 86 -18.31 18.79 32.35
C GLU G 86 -18.76 17.49 31.70
N GLY G 87 -18.41 16.37 32.34
CA GLY G 87 -18.78 15.04 31.87
C GLY G 87 -18.13 14.68 30.54
N VAL G 88 -16.86 15.05 30.38
CA VAL G 88 -16.18 14.86 29.09
C VAL G 88 -15.83 13.39 28.80
N VAL G 89 -16.14 12.97 27.57
CA VAL G 89 -15.76 11.68 27.05
C VAL G 89 -14.40 11.87 26.41
N VAL G 90 -13.48 10.92 26.62
CA VAL G 90 -12.19 10.98 25.91
C VAL G 90 -12.10 9.83 24.93
N LEU G 91 -11.82 10.16 23.68
CA LEU G 91 -11.59 9.14 22.65
C LEU G 91 -10.15 9.34 22.25
N GLY G 92 -9.32 8.35 22.54
CA GLY G 92 -7.89 8.37 22.20
C GLY G 92 -7.58 7.27 21.21
N HIS G 93 -6.84 7.61 20.16
CA HIS G 93 -6.36 6.61 19.21
C HIS G 93 -4.91 6.37 19.42
N ALA G 94 -4.55 5.10 19.69
CA ALA G 94 -3.16 4.65 19.70
C ALA G 94 -2.35 5.36 20.80
N MSE G 95 -1.38 6.20 20.46
CA MSE G 95 -0.73 7.03 21.50
C MSE G 95 -1.77 7.77 22.32
O MSE G 95 -1.64 7.87 23.56
CB MSE G 95 0.22 8.02 20.82
CG MSE G 95 0.86 8.97 21.85
SE MSE G 95 1.91 10.43 20.98
CE MSE G 95 0.32 11.50 20.56
N GLY G 96 -2.79 8.30 21.64
CA GLY G 96 -3.88 9.02 22.30
C GLY G 96 -4.62 8.19 23.34
N ALA G 97 -4.75 6.90 23.08
CA ALA G 97 -5.39 5.99 24.03
C ALA G 97 -4.53 5.80 25.27
N ARG G 98 -3.21 5.72 25.06
CA ARG G 98 -2.28 5.62 26.18
C ARG G 98 -2.30 6.90 27.02
N ILE G 99 -2.40 8.06 26.35
CA ILE G 99 -2.56 9.35 27.04
C ILE G 99 -3.82 9.35 27.90
N ALA G 100 -4.93 8.88 27.31
CA ALA G 100 -6.22 8.83 28.00
C ALA G 100 -6.14 7.94 29.24
N ILE G 101 -5.48 6.79 29.13
CA ILE G 101 -5.31 5.86 30.26
C ILE G 101 -4.55 6.54 31.38
N ARG G 102 -3.42 7.14 31.03
CA ARG G 102 -2.61 7.79 32.06
C ARG G 102 -3.30 9.01 32.70
N ALA G 103 -4.00 9.81 31.88
CA ALA G 103 -4.74 10.95 32.39
C ALA G 103 -5.83 10.49 33.37
N ALA G 104 -6.52 9.41 33.01
CA ALA G 104 -7.60 8.87 33.87
C ALA G 104 -7.06 8.38 35.20
N ARG G 105 -5.87 7.79 35.17
CA ARG G 105 -5.20 7.35 36.40
C ARG G 105 -4.86 8.55 37.30
N LYS G 106 -4.37 9.63 36.68
CA LYS G 106 -3.96 10.83 37.40
C LYS G 106 -5.12 11.60 37.99
N ASP G 107 -6.27 11.59 37.33
CA ASP G 107 -7.43 12.35 37.83
C ASP G 107 -8.69 11.55 37.61
N SER G 108 -9.16 10.94 38.70
CA SER G 108 -10.26 9.99 38.64
C SER G 108 -11.65 10.64 38.49
N GLN G 109 -11.70 11.96 38.55
CA GLN G 109 -12.98 12.69 38.60
C GLN G 109 -13.32 13.43 37.31
N VAL G 110 -12.33 13.88 36.56
CA VAL G 110 -12.61 14.85 35.50
C VAL G 110 -13.19 14.26 34.22
N PHE G 111 -13.01 12.95 34.03
CA PHE G 111 -13.51 12.29 32.81
C PHE G 111 -14.75 11.47 33.12
N SER G 112 -15.71 11.48 32.18
CA SER G 112 -16.89 10.62 32.30
C SER G 112 -16.55 9.18 31.94
N ARG G 113 -15.85 8.99 30.82
CA ARG G 113 -15.52 7.65 30.32
C ARG G 113 -14.44 7.72 29.23
N LEU G 114 -13.88 6.59 28.88
CA LEU G 114 -12.86 6.56 27.86
C LEU G 114 -13.28 5.65 26.74
N ILE G 115 -12.90 6.04 25.55
CA ILE G 115 -12.96 5.19 24.35
C ILE G 115 -11.54 5.03 23.86
N LEU G 116 -11.01 3.82 23.96
CA LEU G 116 -9.60 3.55 23.68
C LEU G 116 -9.49 2.80 22.39
N VAL G 117 -8.98 3.47 21.36
CA VAL G 117 -8.90 2.81 20.07
C VAL G 117 -7.50 2.33 19.76
N ASP G 118 -7.37 1.01 19.68
CA ASP G 118 -6.12 0.31 19.39
C ASP G 118 -4.87 0.89 20.08
N PRO G 119 -4.89 1.03 21.41
CA PRO G 119 -3.64 1.44 22.05
C PRO G 119 -2.53 0.39 21.88
N PRO G 120 -1.26 0.84 21.65
CA PRO G 120 -0.14 -0.07 21.85
C PRO G 120 -0.21 -0.68 23.24
N VAL G 121 0.03 -1.99 23.32
CA VAL G 121 0.04 -2.66 24.60
C VAL G 121 1.45 -3.09 24.98
N SER G 122 2.39 -2.47 24.30
CA SER G 122 3.80 -2.56 24.68
C SER G 122 4.09 -1.90 26.03
N GLY G 123 5.26 -2.19 26.58
CA GLY G 123 5.67 -1.61 27.85
C GLY G 123 6.85 -2.42 28.37
N PRO G 124 7.33 -2.08 29.57
CA PRO G 124 8.47 -2.82 30.14
C PRO G 124 8.21 -4.33 30.21
N GLY G 125 9.12 -5.11 29.65
CA GLY G 125 9.01 -6.55 29.67
C GLY G 125 7.91 -7.11 28.78
N ARG G 126 7.30 -6.25 27.96
CA ARG G 126 6.17 -6.68 27.11
C ARG G 126 6.52 -6.75 25.63
N ARG G 127 5.64 -7.38 24.85
CA ARG G 127 5.79 -7.48 23.41
C ARG G 127 5.97 -6.10 22.81
N PRO G 128 7.01 -5.90 21.98
CA PRO G 128 7.18 -4.55 21.42
C PRO G 128 6.08 -4.17 20.43
N TYR G 129 5.95 -2.87 20.19
CA TYR G 129 4.94 -2.36 19.27
C TYR G 129 5.36 -2.73 17.85
N PRO G 130 4.47 -3.36 17.07
CA PRO G 130 4.85 -3.96 15.78
C PRO G 130 4.74 -2.99 14.62
N ALA G 131 5.49 -1.91 14.69
CA ALA G 131 5.54 -0.95 13.59
C ALA G 131 7.00 -0.63 13.34
N LYS G 132 7.35 -0.33 12.10
CA LYS G 132 8.73 -0.03 11.76
C LYS G 132 9.01 1.45 12.01
N TRP G 133 10.00 1.73 12.83
CA TRP G 133 10.36 3.10 13.14
C TRP G 133 10.72 3.91 11.91
N SER G 134 11.40 3.26 10.96
CA SER G 134 11.84 3.96 9.75
C SER G 134 10.69 4.66 9.00
N TRP G 135 9.49 4.10 9.07
CA TRP G 135 8.32 4.64 8.39
C TRP G 135 8.07 6.04 8.89
N TYR G 136 8.14 6.21 10.20
CA TYR G 136 7.95 7.53 10.80
C TYR G 136 9.11 8.46 10.51
N ALA G 137 10.33 7.98 10.74
CA ALA G 137 11.52 8.82 10.61
C ALA G 137 11.66 9.39 9.19
N GLU G 138 11.58 8.50 8.20
CA GLU G 138 11.79 8.89 6.80
C GLU G 138 10.68 9.82 6.31
N SER G 139 9.45 9.50 6.67
CA SER G 139 8.31 10.32 6.21
C SER G 139 8.34 11.71 6.85
N ILE G 140 8.78 11.81 8.11
CA ILE G 140 8.80 13.11 8.77
C ILE G 140 9.89 13.97 8.15
N ARG G 141 11.05 13.37 7.91
CA ARG G 141 12.13 14.16 7.32
C ARG G 141 11.75 14.63 5.91
N LEU G 142 11.08 13.76 5.14
CA LEU G 142 10.55 14.12 3.83
C LEU G 142 9.58 15.30 3.92
N ALA G 143 8.62 15.21 4.84
CA ALA G 143 7.65 16.27 5.03
C ALA G 143 8.27 17.59 5.48
N GLN G 144 9.28 17.53 6.36
CA GLN G 144 9.97 18.74 6.83
C GLN G 144 10.62 19.48 5.67
N ARG G 145 11.15 18.74 4.71
CA ARG G 145 11.78 19.35 3.55
C ARG G 145 10.74 20.07 2.70
N GLY G 146 9.57 19.45 2.55
CA GLY G 146 8.50 19.93 1.69
C GLY G 146 8.32 18.89 0.62
N CYS G 147 7.18 18.21 0.66
CA CYS G 147 6.94 17.09 -0.24
C CYS G 147 5.54 17.11 -0.84
N THR G 148 5.40 16.41 -1.95
CA THR G 148 4.14 16.32 -2.66
C THR G 148 3.26 15.18 -2.14
N ALA G 149 1.97 15.25 -2.50
CA ALA G 149 1.05 14.13 -2.25
C ALA G 149 1.61 12.85 -2.83
N MSE G 150 2.22 12.94 -4.02
CA MSE G 150 2.75 11.75 -4.68
C MSE G 150 3.85 11.12 -3.87
O MSE G 150 3.90 9.89 -3.75
CB MSE G 150 3.15 12.05 -6.13
CG MSE G 150 3.59 10.80 -6.90
SE MSE G 150 2.17 9.45 -7.16
CE MSE G 150 0.57 10.57 -7.40
N GLU G 151 4.72 11.94 -3.28
CA GLU G 151 5.80 11.42 -2.45
C GLU G 151 5.26 10.79 -1.17
N MSE G 152 4.20 11.39 -0.60
CA MSE G 152 3.61 10.88 0.65
C MSE G 152 2.83 9.62 0.39
O MSE G 152 2.72 8.75 1.26
CB MSE G 152 2.75 11.97 1.31
CG MSE G 152 2.17 11.57 2.67
SE MSE G 152 3.63 11.05 3.89
CE MSE G 152 4.53 12.78 4.12
N ARG G 153 2.29 9.49 -0.83
CA ARG G 153 1.53 8.30 -1.22
C ARG G 153 2.27 7.00 -0.93
N SER G 154 3.59 6.99 -1.03
CA SER G 154 4.41 5.78 -0.79
C SER G 154 4.27 5.26 0.64
N TYR G 155 3.99 6.16 1.57
CA TYR G 155 3.84 5.81 2.99
C TYR G 155 2.41 5.45 3.34
N CYS G 156 1.45 5.98 2.60
CA CYS G 156 0.04 5.74 2.87
C CYS G 156 -0.71 5.39 1.59
N PRO G 157 -0.30 4.30 0.91
CA PRO G 157 -0.86 4.04 -0.42
C PRO G 157 -2.35 3.65 -0.46
N THR G 158 -2.91 3.18 0.66
CA THR G 158 -4.32 2.80 0.71
C THR G 158 -5.30 3.95 1.03
N TRP G 159 -4.75 5.13 1.35
CA TRP G 159 -5.56 6.27 1.76
C TRP G 159 -6.21 6.99 0.59
N THR G 160 -7.19 7.84 0.87
CA THR G 160 -7.82 8.65 -0.18
C THR G 160 -6.88 9.75 -0.60
N ASP G 161 -7.11 10.33 -1.78
CA ASP G 161 -6.29 11.44 -2.26
C ASP G 161 -6.23 12.59 -1.25
N GLU G 162 -7.39 12.97 -0.69
CA GLU G 162 -7.49 14.06 0.27
C GLU G 162 -6.70 13.76 1.55
N GLN G 163 -6.79 12.52 2.04
CA GLN G 163 -6.06 12.14 3.27
C GLN G 163 -4.55 12.18 3.06
N ILE G 164 -4.09 11.74 1.89
CA ILE G 164 -2.67 11.76 1.55
C ILE G 164 -2.18 13.20 1.41
N GLU G 165 -2.98 14.02 0.72
CA GLU G 165 -2.63 15.43 0.53
C GLU G 165 -2.51 16.14 1.88
N LEU G 166 -3.44 15.85 2.79
CA LEU G 166 -3.45 16.48 4.10
C LEU G 166 -2.23 16.06 4.92
N ARG G 167 -1.84 14.78 4.82
CA ARG G 167 -0.64 14.32 5.52
C ARG G 167 0.63 14.97 4.95
N ALA G 168 0.68 15.12 3.63
CA ALA G 168 1.82 15.79 3.00
C ALA G 168 1.91 17.22 3.49
N GLU G 169 0.76 17.82 3.74
CA GLU G 169 0.70 19.22 4.17
C GLU G 169 1.09 19.40 5.63
N TRP G 170 0.65 18.47 6.47
CA TRP G 170 0.69 18.66 7.93
C TRP G 170 1.69 17.83 8.71
N LEU G 171 2.23 16.76 8.11
CA LEU G 171 3.09 15.86 8.88
C LEU G 171 4.32 16.56 9.49
N HIS G 172 4.87 17.56 8.79
CA HIS G 172 6.05 18.25 9.28
C HIS G 172 5.83 18.96 10.60
N THR G 173 4.58 19.14 10.99
CA THR G 173 4.30 19.83 12.24
C THR G 173 4.45 18.87 13.43
N CYS G 174 4.68 17.59 13.15
CA CYS G 174 4.93 16.60 14.20
C CYS G 174 6.44 16.59 14.44
N GLN G 175 6.85 17.30 15.50
CA GLN G 175 8.29 17.48 15.77
C GLN G 175 8.97 16.12 15.92
N TYR G 176 10.10 15.94 15.23
CA TYR G 176 10.77 14.63 15.26
C TYR G 176 11.05 14.14 16.71
N THR G 177 11.58 15.03 17.55
CA THR G 177 11.98 14.61 18.90
C THR G 177 10.75 14.18 19.69
N ALA G 178 9.61 14.81 19.41
CA ALA G 178 8.36 14.46 20.08
C ALA G 178 7.86 13.09 19.64
N VAL G 179 7.99 12.79 18.36
CA VAL G 179 7.56 11.51 17.81
C VAL G 179 8.47 10.38 18.32
N LYS G 180 9.78 10.63 18.31
CA LYS G 180 10.73 9.64 18.82
C LYS G 180 10.44 9.33 20.30
N THR G 181 10.21 10.38 21.09
CA THR G 181 9.93 10.19 22.50
C THR G 181 8.67 9.36 22.71
N ALA G 182 7.64 9.64 21.90
CA ALA G 182 6.40 8.88 22.03
C ALA G 182 6.60 7.42 21.68
N PHE G 183 7.38 7.15 20.65
CA PHE G 183 7.60 5.78 20.22
C PHE G 183 8.37 5.02 21.30
N ASP G 184 9.34 5.69 21.90
CA ASP G 184 10.05 5.10 23.05
C ASP G 184 9.12 4.88 24.21
N GLY G 185 8.17 5.80 24.39
CA GLY G 185 7.19 5.74 25.46
C GLY G 185 6.33 4.50 25.35
N PHE G 186 6.04 4.07 24.12
CA PHE G 186 5.29 2.83 23.91
C PHE G 186 5.99 1.67 24.61
N HIS G 187 7.30 1.76 24.74
CA HIS G 187 8.11 0.65 25.27
C HIS G 187 8.54 0.88 26.68
N THR G 188 8.59 2.14 27.12
CA THR G 188 9.06 2.46 28.48
C THR G 188 7.96 2.72 29.51
N ASP G 189 6.78 3.13 29.06
CA ASP G 189 5.67 3.38 29.96
C ASP G 189 4.87 2.10 30.14
N ASP G 190 4.41 1.87 31.37
CA ASP G 190 3.54 0.75 31.68
C ASP G 190 2.13 1.29 31.85
N ILE G 191 1.26 1.03 30.87
CA ILE G 191 -0.13 1.46 30.97
C ILE G 191 -0.99 0.40 31.63
N HIS G 192 -0.41 -0.77 31.89
CA HIS G 192 -1.21 -1.86 32.47
C HIS G 192 -1.38 -1.64 33.94
N THR G 193 -0.33 -1.20 34.61
CA THR G 193 -0.45 -0.79 36.00
C THR G 193 -1.40 0.41 36.13
N ASP G 194 -1.48 1.25 35.09
CA ASP G 194 -2.45 2.36 35.06
C ASP G 194 -3.89 1.80 35.01
N LEU G 195 -4.12 0.87 34.08
CA LEU G 195 -5.44 0.27 33.89
C LEU G 195 -5.98 -0.36 35.17
N ALA G 196 -5.07 -0.95 35.94
CA ALA G 196 -5.41 -1.62 37.20
C ALA G 196 -6.06 -0.66 38.21
N GLN G 197 -5.87 0.64 38.02
CA GLN G 197 -6.43 1.65 38.92
C GLN G 197 -7.77 2.17 38.47
N LEU G 198 -8.12 1.92 37.21
CA LEU G 198 -9.26 2.64 36.62
C LEU G 198 -10.58 1.95 36.89
N THR G 199 -11.55 2.74 37.33
CA THR G 199 -12.91 2.22 37.58
C THR G 199 -13.99 2.84 36.69
N LEU G 200 -13.66 3.94 35.99
CA LEU G 200 -14.63 4.59 35.08
C LEU G 200 -14.92 3.72 33.85
N PRO G 201 -16.04 4.00 33.14
CA PRO G 201 -16.35 3.15 31.99
C PRO G 201 -15.26 3.23 30.91
N ILE G 202 -14.98 2.10 30.27
CA ILE G 202 -13.95 2.03 29.25
C ILE G 202 -14.48 1.18 28.10
N GLN G 203 -14.45 1.74 26.89
CA GLN G 203 -14.66 0.94 25.70
C GLN G 203 -13.34 0.78 24.97
N LEU G 204 -12.96 -0.45 24.69
CA LEU G 204 -11.77 -0.72 23.94
C LEU G 204 -12.17 -1.10 22.53
N VAL G 205 -11.72 -0.31 21.58
CA VAL G 205 -11.98 -0.58 20.16
C VAL G 205 -10.71 -1.15 19.50
N VAL G 206 -10.82 -2.36 18.96
CA VAL G 206 -9.64 -3.08 18.49
C VAL G 206 -9.63 -3.16 16.97
N ALA G 207 -8.48 -2.90 16.36
CA ALA G 207 -8.32 -3.16 14.92
C ALA G 207 -8.14 -4.67 14.68
N GLY G 208 -9.20 -5.31 14.20
CA GLY G 208 -9.18 -6.76 13.95
C GLY G 208 -8.09 -7.23 13.01
N GLY G 209 -7.80 -6.40 11.99
CA GLY G 209 -6.80 -6.74 10.99
C GLY G 209 -5.37 -6.34 11.31
N ALA G 210 -5.14 -5.74 12.48
CA ALA G 210 -3.80 -5.36 12.89
C ALA G 210 -3.26 -6.32 13.96
N GLU G 211 -1.97 -6.23 14.23
CA GLU G 211 -1.34 -7.07 15.23
C GLU G 211 -1.02 -6.30 16.51
N VAL G 212 -1.55 -5.08 16.62
CA VAL G 212 -1.28 -4.23 17.78
C VAL G 212 -1.86 -4.85 19.05
N ILE G 213 -3.10 -5.31 18.98
CA ILE G 213 -3.76 -5.97 20.10
C ILE G 213 -4.19 -7.40 19.74
N GLN G 214 -3.61 -8.37 20.43
CA GLN G 214 -3.94 -9.77 20.19
C GLN G 214 -4.98 -10.24 21.21
N PRO G 215 -5.66 -11.38 20.96
CA PRO G 215 -6.71 -11.78 21.89
C PRO G 215 -6.27 -11.91 23.35
N ASP G 216 -5.08 -12.43 23.60
CA ASP G 216 -4.56 -12.51 24.98
C ASP G 216 -4.39 -11.12 25.60
N ASP G 217 -4.09 -10.12 24.78
CA ASP G 217 -3.96 -8.75 25.27
C ASP G 217 -5.29 -8.16 25.68
N ILE G 218 -6.35 -8.50 24.94
CA ILE G 218 -7.72 -8.11 25.32
C ILE G 218 -8.06 -8.74 26.67
N ALA G 219 -7.79 -10.05 26.80
CA ALA G 219 -8.03 -10.74 28.07
C ALA G 219 -7.32 -10.07 29.25
N GLU G 220 -6.06 -9.67 29.05
CA GLU G 220 -5.31 -9.00 30.13
C GLU G 220 -5.94 -7.68 30.51
N ILE G 221 -6.33 -6.88 29.51
CA ILE G 221 -6.95 -5.60 29.80
C ILE G 221 -8.24 -5.78 30.62
N ILE G 222 -9.06 -6.76 30.25
CA ILE G 222 -10.32 -6.99 30.96
C ILE G 222 -10.05 -7.48 32.39
N SER G 223 -9.00 -8.27 32.57
CA SER G 223 -8.65 -8.72 33.92
C SER G 223 -8.26 -7.54 34.83
N LEU G 224 -7.59 -6.54 34.25
CA LEU G 224 -7.17 -5.35 34.97
C LEU G 224 -8.28 -4.34 35.24
N ALA G 225 -9.16 -4.17 34.26
CA ALA G 225 -10.28 -3.23 34.33
C ALA G 225 -11.54 -3.99 33.87
N PRO G 226 -12.17 -4.73 34.79
CA PRO G 226 -13.24 -5.68 34.43
C PRO G 226 -14.48 -5.04 33.83
N GLN G 227 -14.62 -3.73 34.00
CA GLN G 227 -15.74 -2.99 33.44
C GLN G 227 -15.60 -2.79 31.93
N THR G 228 -14.40 -3.01 31.40
CA THR G 228 -14.14 -2.73 29.98
C THR G 228 -15.04 -3.50 29.00
N THR G 229 -15.65 -2.75 28.07
CA THR G 229 -16.39 -3.36 26.95
C THR G 229 -15.48 -3.40 25.73
N THR G 230 -15.64 -4.41 24.87
CA THR G 230 -14.75 -4.53 23.72
C THR G 230 -15.53 -4.51 22.42
N TYR G 231 -14.94 -3.89 21.40
CA TYR G 231 -15.51 -3.92 20.07
C TYR G 231 -14.38 -4.10 19.05
N VAL G 232 -14.39 -5.25 18.36
CA VAL G 232 -13.39 -5.53 17.33
C VAL G 232 -13.93 -5.07 15.99
N VAL G 233 -13.26 -4.12 15.37
CA VAL G 233 -13.61 -3.72 14.01
C VAL G 233 -12.88 -4.72 13.10
N GLU G 234 -13.65 -5.64 12.52
CA GLU G 234 -13.08 -6.75 11.79
C GLU G 234 -12.37 -6.29 10.52
N GLU G 235 -11.20 -6.87 10.26
CA GLU G 235 -10.45 -6.63 9.01
C GLU G 235 -9.82 -5.24 8.85
N ALA G 236 -10.17 -4.30 9.73
CA ALA G 236 -9.55 -2.96 9.71
C ALA G 236 -8.16 -3.01 10.29
N GLY G 237 -7.26 -2.21 9.72
CA GLY G 237 -5.91 -2.09 10.25
C GLY G 237 -5.88 -1.04 11.34
N HIS G 238 -4.68 -0.77 11.84
CA HIS G 238 -4.49 0.12 12.98
C HIS G 238 -5.12 1.49 12.83
N MSE G 239 -5.05 2.04 11.61
CA MSE G 239 -5.64 3.36 11.36
C MSE G 239 -7.08 3.11 11.03
O MSE G 239 -7.48 3.24 9.87
CB MSE G 239 -4.91 4.04 10.21
CG MSE G 239 -3.40 3.97 10.32
SE MSE G 239 -2.73 5.19 11.73
CE MSE G 239 -3.50 6.90 11.18
N ILE G 240 -7.87 2.75 12.04
CA ILE G 240 -9.19 2.15 11.81
C ILE G 240 -10.09 2.99 10.89
N PRO G 241 -10.27 4.31 11.17
CA PRO G 241 -11.22 5.06 10.32
C PRO G 241 -10.72 5.33 8.90
N TRP G 242 -9.43 5.16 8.68
CA TRP G 242 -8.87 5.21 7.33
C TRP G 242 -9.17 3.95 6.56
N ASP G 243 -9.35 2.83 7.26
CA ASP G 243 -9.64 1.54 6.58
C ASP G 243 -11.14 1.24 6.52
N ASN G 244 -11.86 1.67 7.55
CA ASN G 244 -13.27 1.38 7.66
C ASN G 244 -13.95 2.44 8.49
N LEU G 245 -14.28 3.56 7.87
CA LEU G 245 -14.89 4.68 8.56
C LEU G 245 -16.25 4.31 9.16
N GLU G 246 -17.08 3.63 8.38
CA GLU G 246 -18.43 3.28 8.83
C GLU G 246 -18.37 2.33 10.03
N GLY G 247 -17.51 1.33 9.94
CA GLY G 247 -17.30 0.38 11.02
C GLY G 247 -16.81 1.08 12.28
N PHE G 248 -15.89 2.03 12.08
CA PHE G 248 -15.41 2.84 13.19
C PHE G 248 -16.52 3.65 13.88
N ILE G 249 -17.29 4.42 13.10
CA ILE G 249 -18.37 5.23 13.67
C ILE G 249 -19.41 4.37 14.40
N THR G 250 -19.72 3.22 13.82
CA THR G 250 -20.67 2.27 14.41
C THR G 250 -20.16 1.80 15.78
N ALA G 251 -18.87 1.49 15.85
CA ALA G 251 -18.23 1.06 17.08
C ALA G 251 -18.36 2.09 18.20
N VAL G 252 -17.99 3.32 17.92
CA VAL G 252 -17.90 4.32 18.98
C VAL G 252 -19.20 5.00 19.39
N SER G 253 -20.25 4.82 18.60
CA SER G 253 -21.56 5.37 18.94
C SER G 253 -22.53 4.31 19.46
N LYS H 2 42.50 22.88 22.57
CA LYS H 2 41.99 23.59 21.40
C LYS H 2 40.68 22.97 20.98
N GLY H 3 39.62 23.76 21.08
CA GLY H 3 38.33 23.33 20.58
C GLY H 3 38.18 23.60 19.09
N TYR H 4 37.46 22.72 18.42
CA TYR H 4 37.22 22.87 16.99
C TYR H 4 35.94 22.15 16.61
N ASN H 5 35.37 22.55 15.48
CA ASN H 5 34.15 21.93 14.97
C ASN H 5 34.44 21.26 13.64
N VAL H 6 33.82 20.10 13.44
CA VAL H 6 33.89 19.35 12.19
CA VAL H 6 33.86 19.45 12.15
C VAL H 6 32.45 19.13 11.69
N TYR H 7 32.28 19.03 10.38
CA TYR H 7 31.01 18.65 9.81
C TYR H 7 31.09 17.17 9.45
N ALA H 8 30.38 16.33 10.20
CA ALA H 8 30.48 14.87 10.03
C ALA H 8 29.14 14.25 10.39
N ASN H 9 28.72 13.25 9.63
CA ASN H 9 27.38 12.66 9.73
C ASN H 9 26.28 13.72 9.58
N GLY H 10 26.59 14.74 8.80
CA GLY H 10 25.60 15.76 8.44
C GLY H 10 25.30 16.78 9.52
N ILE H 11 26.11 16.78 10.59
CA ILE H 11 25.97 17.75 11.70
C ILE H 11 27.29 18.39 12.10
N ARG H 12 27.21 19.53 12.78
CA ARG H 12 28.39 20.14 13.37
C ARG H 12 28.71 19.41 14.67
N GLN H 13 29.89 18.81 14.73
CA GLN H 13 30.34 18.15 15.97
C GLN H 13 31.50 18.95 16.56
N HIS H 14 31.35 19.39 17.81
CA HIS H 14 32.36 20.15 18.50
C HIS H 14 33.24 19.22 19.28
N ILE H 15 34.56 19.43 19.21
CA ILE H 15 35.54 18.49 19.81
C ILE H 15 36.61 19.33 20.49
N ILE H 16 37.14 18.83 21.59
CA ILE H 16 38.20 19.58 22.29
C ILE H 16 39.44 18.68 22.26
N HIS H 17 40.50 19.20 21.63
CA HIS H 17 41.76 18.48 21.54
C HIS H 17 42.65 18.81 22.71
N PHE H 18 43.13 17.77 23.40
CA PHE H 18 44.14 17.92 24.44
C PHE H 18 45.36 17.19 23.93
N PRO H 19 46.31 17.93 23.32
CA PRO H 19 47.43 17.25 22.67
C PRO H 19 48.19 16.32 23.61
N GLY H 20 48.49 15.13 23.12
CA GLY H 20 49.15 14.15 23.97
C GLY H 20 50.01 13.18 23.21
N THR H 21 50.61 12.25 23.96
CA THR H 21 51.59 11.31 23.43
C THR H 21 50.95 9.95 23.28
N GLY H 22 50.94 9.45 22.05
CA GLY H 22 50.39 8.14 21.77
C GLY H 22 49.33 8.17 20.70
N SER H 23 48.51 7.12 20.70
CA SER H 23 47.48 6.92 19.71
C SER H 23 46.34 7.93 19.91
N PRO H 24 45.64 8.29 18.83
CA PRO H 24 44.48 9.19 18.99
C PRO H 24 43.41 8.48 19.78
N LEU H 25 42.76 9.24 20.64
CA LEU H 25 41.70 8.74 21.48
C LEU H 25 40.50 9.66 21.32
N LEU H 26 39.35 9.08 21.02
CA LEU H 26 38.08 9.82 21.00
C LEU H 26 37.40 9.49 22.32
N LEU H 27 37.12 10.53 23.11
CA LEU H 27 36.49 10.36 24.42
C LEU H 27 35.02 10.79 24.30
N ILE H 28 34.12 9.83 24.51
CA ILE H 28 32.67 10.03 24.40
C ILE H 28 32.05 10.05 25.80
N PRO H 29 31.65 11.25 26.29
CA PRO H 29 31.15 11.40 27.66
C PRO H 29 29.74 10.84 27.86
N GLY H 30 29.25 10.91 29.09
CA GLY H 30 27.90 10.47 29.42
C GLY H 30 26.80 11.47 29.13
N ILE H 31 25.60 11.07 29.52
CA ILE H 31 24.33 11.68 29.11
C ILE H 31 24.24 13.21 29.29
N THR H 32 24.79 13.75 30.38
CA THR H 32 24.71 15.19 30.63
C THR H 32 26.10 15.79 30.84
N SER H 33 27.06 15.35 30.03
CA SER H 33 28.47 15.73 30.22
C SER H 33 29.07 16.34 28.96
N PRO H 34 28.90 17.65 28.78
CA PRO H 34 29.62 18.29 27.69
C PRO H 34 31.14 18.05 27.83
N ALA H 35 31.82 18.11 26.70
CA ALA H 35 33.24 17.75 26.62
C ALA H 35 34.09 18.50 27.64
N VAL H 36 33.79 19.79 27.82
CA VAL H 36 34.54 20.64 28.74
C VAL H 36 34.58 20.05 30.17
N THR H 37 33.53 19.34 30.55
CA THR H 37 33.42 18.79 31.91
C THR H 37 34.40 17.64 32.15
N TRP H 38 34.95 17.10 31.05
CA TRP H 38 35.96 16.03 31.11
C TRP H 38 37.36 16.59 30.97
N GLY H 39 37.51 17.91 30.92
CA GLY H 39 38.84 18.51 30.73
C GLY H 39 39.88 18.06 31.74
N PHE H 40 39.47 17.97 33.01
CA PHE H 40 40.39 17.61 34.09
C PHE H 40 40.91 16.19 33.93
N VAL H 41 40.13 15.34 33.29
CA VAL H 41 40.52 13.98 33.01
C VAL H 41 41.39 13.96 31.76
N ALA H 42 40.94 14.66 30.72
CA ALA H 42 41.62 14.64 29.44
C ALA H 42 43.06 15.15 29.57
N GLU H 43 43.26 16.17 30.41
CA GLU H 43 44.61 16.71 30.62
C GLU H 43 45.56 15.64 31.15
N ARG H 44 45.03 14.76 32.00
CA ARG H 44 45.80 13.65 32.57
C ARG H 44 45.95 12.50 31.57
N LEU H 45 44.89 12.23 30.82
CA LEU H 45 44.96 11.17 29.82
C LEU H 45 45.89 11.48 28.66
N ALA H 46 46.23 12.75 28.49
CA ALA H 46 47.14 13.18 27.42
C ALA H 46 48.59 12.71 27.64
N LYS H 47 48.89 12.23 28.84
CA LYS H 47 50.16 11.55 29.07
C LYS H 47 50.27 10.28 28.23
N TYR H 48 49.13 9.63 27.97
CA TYR H 48 49.05 8.28 27.40
C TYR H 48 48.46 8.21 25.99
N PHE H 49 47.71 9.24 25.61
CA PHE H 49 46.99 9.26 24.33
C PHE H 49 47.00 10.70 23.82
N ASP H 50 46.70 10.85 22.53
CA ASP H 50 46.39 12.16 21.96
C ASP H 50 44.86 12.29 21.99
N VAL H 51 44.36 13.12 22.91
CA VAL H 51 42.94 13.06 23.33
C VAL H 51 42.03 14.06 22.62
N HIS H 52 40.89 13.57 22.12
CA HIS H 52 39.88 14.42 21.49
C HIS H 52 38.60 14.13 22.20
N VAL H 53 38.13 15.12 22.97
CA VAL H 53 36.89 14.95 23.75
C VAL H 53 35.69 15.47 22.93
N VAL H 54 34.67 14.64 22.78
CA VAL H 54 33.54 14.95 21.88
C VAL H 54 32.34 15.53 22.66
N ASP H 55 31.82 16.66 22.21
CA ASP H 55 30.47 17.09 22.58
C ASP H 55 29.51 16.24 21.76
N VAL H 56 28.76 15.34 22.40
CA VAL H 56 27.80 14.50 21.70
C VAL H 56 26.66 15.44 21.20
N ARG H 57 26.00 15.06 20.10
CA ARG H 57 24.90 15.88 19.58
C ARG H 57 23.93 16.23 20.69
N GLY H 58 23.48 17.49 20.69
CA GLY H 58 22.57 17.94 21.72
C GLY H 58 23.22 18.35 23.02
N ARG H 59 24.56 18.38 23.06
CA ARG H 59 25.31 18.81 24.27
C ARG H 59 26.38 19.82 23.89
N GLY H 60 26.72 20.70 24.82
CA GLY H 60 27.84 21.63 24.61
C GLY H 60 27.67 22.53 23.42
N LEU H 61 28.68 22.56 22.55
CA LEU H 61 28.60 23.35 21.32
C LEU H 61 28.26 22.54 20.07
N SER H 62 27.98 21.25 20.21
CA SER H 62 27.55 20.46 19.04
C SER H 62 26.15 20.81 18.57
N GLU H 63 25.83 20.39 17.35
CA GLU H 63 24.52 20.70 16.79
C GLU H 63 23.41 20.18 17.69
N SER H 64 22.37 21.00 17.82
CA SER H 64 21.22 20.61 18.61
CA SER H 64 21.21 20.67 18.63
C SER H 64 19.95 20.90 17.80
N GLY H 65 18.81 21.02 18.49
CA GLY H 65 17.54 21.20 17.78
C GLY H 65 16.82 19.89 17.54
N ASP H 66 16.05 19.83 16.46
CA ASP H 66 15.12 18.69 16.21
C ASP H 66 15.82 17.52 15.53
N LEU H 67 16.87 17.00 16.17
CA LEU H 67 17.67 15.94 15.63
C LEU H 67 17.20 14.58 16.12
N ASP H 68 17.71 13.56 15.46
CA ASP H 68 17.61 12.18 15.92
C ASP H 68 18.61 12.02 17.07
N TYR H 69 18.12 11.80 18.29
CA TYR H 69 18.99 11.61 19.46
C TYR H 69 19.11 10.14 19.89
N SER H 70 18.76 9.22 19.00
CA SER H 70 18.87 7.79 19.26
C SER H 70 20.32 7.32 19.33
N LEU H 71 20.52 6.16 19.94
CA LEU H 71 21.84 5.56 20.00
C LEU H 71 22.38 5.33 18.59
N ASP H 72 21.52 4.93 17.66
CA ASP H 72 21.94 4.74 16.28
C ASP H 72 22.57 6.00 15.68
N ALA H 73 21.93 7.15 15.90
CA ALA H 73 22.44 8.41 15.35
C ALA H 73 23.77 8.82 15.99
N MSE H 74 23.85 8.73 17.32
CA MSE H 74 25.08 9.10 18.03
C MSE H 74 26.18 8.15 17.62
O MSE H 74 27.31 8.57 17.50
CB MSE H 74 24.90 9.08 19.54
CG MSE H 74 23.88 10.17 19.77
SE MSE H 74 23.63 10.29 21.64
CE MSE H 74 22.67 8.68 22.11
N ALA H 75 25.86 6.88 17.40
CA ALA H 75 26.85 5.92 16.88
C ALA H 75 27.29 6.29 15.48
N ASP H 76 26.35 6.66 14.61
CA ASP H 76 26.73 7.15 13.27
C ASP H 76 27.65 8.35 13.35
N ASP H 77 27.41 9.24 14.31
CA ASP H 77 28.28 10.40 14.49
C ASP H 77 29.70 9.98 14.77
N LEU H 78 29.84 8.98 15.64
CA LEU H 78 31.15 8.53 16.11
C LEU H 78 31.89 7.81 14.98
N VAL H 79 31.17 6.97 14.25
CA VAL H 79 31.74 6.31 13.07
C VAL H 79 32.27 7.37 12.11
N ALA H 80 31.51 8.44 11.92
CA ALA H 80 31.90 9.50 10.99
C ALA H 80 33.20 10.19 11.42
N LEU H 81 33.36 10.43 12.73
CA LEU H 81 34.60 11.03 13.24
C LEU H 81 35.75 10.04 13.07
N ALA H 82 35.49 8.76 13.37
CA ALA H 82 36.57 7.75 13.31
C ALA H 82 37.09 7.52 11.89
N GLN H 83 36.24 7.74 10.90
CA GLN H 83 36.66 7.56 9.51
C GLN H 83 37.73 8.57 9.12
N ARG H 84 37.81 9.66 9.86
CA ARG H 84 38.75 10.75 9.58
C ARG H 84 40.07 10.58 10.31
N MSE H 85 40.19 9.50 11.09
CA MSE H 85 41.39 9.26 11.88
C MSE H 85 41.88 7.88 11.56
O MSE H 85 41.21 7.10 10.87
CB MSE H 85 41.02 9.43 13.34
CG MSE H 85 41.03 10.91 13.71
SE MSE H 85 40.23 11.17 15.48
CE MSE H 85 38.63 12.12 14.87
N GLU H 86 43.09 7.57 12.02
CA GLU H 86 43.65 6.24 11.83
C GLU H 86 43.96 5.63 13.17
N GLY H 87 43.53 4.38 13.36
CA GLY H 87 43.84 3.61 14.57
C GLY H 87 43.33 4.23 15.86
N VAL H 88 42.13 4.79 15.80
CA VAL H 88 41.59 5.48 16.95
C VAL H 88 41.05 4.56 18.05
N VAL H 89 41.39 4.93 19.27
CA VAL H 89 40.91 4.23 20.44
C VAL H 89 39.71 5.02 20.88
N VAL H 90 38.62 4.34 21.23
CA VAL H 90 37.45 5.05 21.75
C VAL H 90 37.31 4.76 23.22
N LEU H 91 37.21 5.82 24.03
CA LEU H 91 36.89 5.68 25.45
C LEU H 91 35.49 6.25 25.67
N GLY H 92 34.55 5.42 26.07
CA GLY H 92 33.19 5.90 26.28
C GLY H 92 32.82 5.77 27.74
N HIS H 93 32.22 6.82 28.31
CA HIS H 93 31.70 6.73 29.66
C HIS H 93 30.20 6.64 29.66
N ALA H 94 29.66 5.58 30.27
CA ALA H 94 28.19 5.45 30.47
C ALA H 94 27.42 5.47 29.14
N MSE H 95 26.59 6.49 28.90
CA MSE H 95 25.98 6.63 27.57
C MSE H 95 27.02 6.49 26.48
O MSE H 95 26.79 5.82 25.47
CB MSE H 95 25.27 7.96 27.39
CG MSE H 95 24.65 8.04 25.99
SE MSE H 95 24.04 9.88 25.58
CE MSE H 95 25.70 10.91 25.59
N GLY H 96 28.17 7.13 26.68
CA GLY H 96 29.23 7.09 25.69
C GLY H 96 29.76 5.70 25.43
N ALA H 97 29.79 4.86 26.47
CA ALA H 97 30.19 3.46 26.28
C ALA H 97 29.15 2.72 25.41
N ARG H 98 27.86 3.03 25.61
CA ARG H 98 26.83 2.42 24.75
C ARG H 98 26.98 2.90 23.30
N ILE H 99 27.31 4.18 23.14
CA ILE H 99 27.54 4.71 21.79
C ILE H 99 28.70 3.94 21.13
N ALA H 100 29.78 3.75 21.89
CA ALA H 100 30.97 3.05 21.37
C ALA H 100 30.65 1.62 20.94
N ILE H 101 29.87 0.91 21.74
CA ILE H 101 29.44 -0.44 21.44
C ILE H 101 28.68 -0.47 20.11
N ARG H 102 27.67 0.41 20.01
CA ARG H 102 26.83 0.42 18.82
C ARG H 102 27.66 0.84 17.58
N ALA H 103 28.55 1.80 17.74
CA ALA H 103 29.41 2.23 16.64
C ALA H 103 30.32 1.11 16.15
N ALA H 104 30.87 0.34 17.08
CA ALA H 104 31.79 -0.73 16.71
C ALA H 104 31.04 -1.86 16.01
N ARG H 105 29.78 -2.07 16.37
CA ARG H 105 28.97 -3.07 15.70
C ARG H 105 28.69 -2.63 14.25
N LYS H 106 28.41 -1.34 14.09
CA LYS H 106 28.12 -0.77 12.76
C LYS H 106 29.34 -0.80 11.82
N ASP H 107 30.52 -0.49 12.35
CA ASP H 107 31.70 -0.34 11.49
C ASP H 107 33.01 -0.54 12.27
N SER H 108 33.31 -1.79 12.63
CA SER H 108 34.44 -2.03 13.51
C SER H 108 35.78 -1.68 12.90
N GLN H 109 35.88 -1.74 11.57
CA GLN H 109 37.16 -1.50 10.89
C GLN H 109 37.77 -0.11 11.18
N VAL H 110 36.94 0.87 11.57
CA VAL H 110 37.49 2.22 11.81
C VAL H 110 37.98 2.47 13.24
N PHE H 111 37.83 1.45 14.09
CA PHE H 111 38.24 1.56 15.50
C PHE H 111 39.35 0.57 15.82
N SER H 112 40.38 1.01 16.52
CA SER H 112 41.40 0.06 16.93
CA SER H 112 41.43 0.09 16.98
C SER H 112 40.91 -0.83 18.09
N ARG H 113 40.30 -0.21 19.09
CA ARG H 113 39.79 -0.89 20.27
C ARG H 113 38.88 0.04 21.08
N LEU H 114 38.16 -0.52 22.04
CA LEU H 114 37.24 0.24 22.90
C LEU H 114 37.64 0.16 24.35
N ILE H 115 37.45 1.27 25.05
CA ILE H 115 37.57 1.30 26.50
C ILE H 115 36.18 1.73 26.96
N LEU H 116 35.47 0.83 27.64
CA LEU H 116 34.07 1.06 28.03
C LEU H 116 34.01 1.25 29.52
N VAL H 117 33.59 2.42 29.98
CA VAL H 117 33.56 2.68 31.40
C VAL H 117 32.09 2.80 31.85
N ASP H 118 31.70 1.83 32.64
CA ASP H 118 30.37 1.78 33.30
C ASP H 118 29.16 2.06 32.35
N PRO H 119 29.09 1.36 31.20
CA PRO H 119 27.86 1.48 30.38
C PRO H 119 26.63 0.99 31.16
N PRO H 120 25.50 1.71 31.07
CA PRO H 120 24.26 1.10 31.54
C PRO H 120 24.08 -0.25 30.84
N VAL H 121 23.59 -1.25 31.59
CA VAL H 121 23.37 -2.57 31.06
C VAL H 121 21.88 -2.88 30.95
N SER H 122 21.10 -1.83 31.12
CA SER H 122 19.66 -1.86 30.87
C SER H 122 19.38 -2.11 29.40
N GLY H 123 18.12 -2.41 29.11
CA GLY H 123 17.69 -2.69 27.74
C GLY H 123 16.37 -3.45 27.81
N PRO H 124 15.83 -3.86 26.65
CA PRO H 124 14.53 -4.54 26.63
C PRO H 124 14.54 -5.79 27.50
N GLY H 125 13.62 -5.86 28.46
CA GLY H 125 13.52 -7.06 29.31
C GLY H 125 14.56 -7.12 30.42
N ARG H 126 15.34 -6.06 30.57
CA ARG H 126 16.45 -6.07 31.52
C ARG H 126 16.21 -5.14 32.69
N ARG H 127 17.06 -5.27 33.70
CA ARG H 127 17.00 -4.44 34.90
C ARG H 127 17.10 -2.99 34.49
N PRO H 128 16.22 -2.12 35.02
CA PRO H 128 16.28 -0.72 34.62
C PRO H 128 17.55 -0.04 35.12
N TYR H 129 17.95 1.02 34.44
CA TYR H 129 19.09 1.83 34.86
C TYR H 129 18.78 2.39 36.25
N PRO H 130 19.68 2.18 37.22
CA PRO H 130 19.34 2.56 38.60
C PRO H 130 19.61 4.03 38.90
N ALA H 131 18.84 4.91 38.27
CA ALA H 131 18.94 6.35 38.48
C ALA H 131 17.55 6.96 38.42
N LYS H 132 17.35 8.05 39.16
CA LYS H 132 16.09 8.75 39.19
C LYS H 132 16.05 9.76 38.06
N TRP H 133 15.07 9.61 37.16
CA TRP H 133 14.89 10.58 36.08
C TRP H 133 14.80 12.01 36.59
N SER H 134 14.06 12.22 37.67
CA SER H 134 13.85 13.56 38.19
C SER H 134 15.13 14.36 38.44
N TRP H 135 16.22 13.67 38.78
CA TRP H 135 17.50 14.31 39.06
C TRP H 135 18.00 15.04 37.82
N TYR H 136 17.88 14.37 36.67
CA TYR H 136 18.26 14.97 35.39
C TYR H 136 17.31 16.09 34.99
N ALA H 137 16.01 15.81 35.06
CA ALA H 137 15.01 16.76 34.56
C ALA H 137 15.03 18.05 35.38
N GLU H 138 15.09 17.92 36.70
CA GLU H 138 15.02 19.12 37.55
C GLU H 138 16.29 19.96 37.47
N SER H 139 17.45 19.29 37.43
CA SER H 139 18.69 20.05 37.36
C SER H 139 18.83 20.75 35.99
N ILE H 140 18.37 20.10 34.93
CA ILE H 140 18.43 20.72 33.59
C ILE H 140 17.52 21.95 33.52
N ARG H 141 16.29 21.82 33.98
CA ARG H 141 15.38 22.98 33.95
C ARG H 141 15.92 24.14 34.80
N LEU H 142 16.52 23.82 35.94
CA LEU H 142 17.16 24.82 36.78
C LEU H 142 18.31 25.49 36.05
N ALA H 143 19.14 24.69 35.40
CA ALA H 143 20.28 25.22 34.68
C ALA H 143 19.88 26.13 33.52
N GLN H 144 18.79 25.77 32.84
CA GLN H 144 18.28 26.57 31.71
C GLN H 144 17.91 27.98 32.17
N ARG H 145 17.41 28.10 33.39
CA ARG H 145 17.03 29.40 33.95
C ARG H 145 18.28 30.22 34.26
N GLY H 146 19.29 29.55 34.80
CA GLY H 146 20.52 30.19 35.22
C GLY H 146 20.64 29.95 36.70
N CYS H 147 21.50 29.03 37.07
CA CYS H 147 21.59 28.68 38.45
C CYS H 147 22.99 28.82 39.00
N THR H 148 23.05 29.03 40.32
CA THR H 148 24.31 29.27 40.99
C THR H 148 25.03 27.98 41.29
N ALA H 149 26.33 28.08 41.55
CA ALA H 149 27.08 26.92 42.02
C ALA H 149 26.42 26.27 43.25
N MSE H 150 25.94 27.10 44.18
CA MSE H 150 25.28 26.59 45.39
C MSE H 150 24.04 25.78 45.07
O MSE H 150 23.79 24.73 45.69
CB MSE H 150 25.02 27.78 46.32
CG MSE H 150 24.40 27.34 47.65
SE MSE H 150 25.61 26.13 48.62
CE MSE H 150 27.35 27.01 48.41
N GLU H 151 23.25 26.24 44.10
CA GLU H 151 22.07 25.51 43.67
C GLU H 151 22.46 24.16 43.06
N MSE H 152 23.54 24.15 42.27
CA MSE H 152 23.98 22.91 41.61
C MSE H 152 24.60 21.95 42.61
O MSE H 152 24.53 20.73 42.43
CB MSE H 152 24.91 23.19 40.42
CG MSE H 152 25.35 21.96 39.60
SE MSE H 152 23.87 21.02 38.68
CE MSE H 152 23.26 22.48 37.50
N ARG H 153 25.16 22.49 43.70
CA ARG H 153 25.76 21.66 44.73
C ARG H 153 24.76 20.63 45.30
N SER H 154 23.49 20.99 45.37
CA SER H 154 22.45 20.07 45.82
C SER H 154 22.40 18.77 44.99
N TYR H 155 22.75 18.87 43.70
CA TYR H 155 22.71 17.74 42.79
C TYR H 155 24.00 16.92 42.80
N CYS H 156 25.12 17.59 43.01
CA CYS H 156 26.44 16.94 43.01
C CYS H 156 27.24 17.32 44.26
N PRO H 157 26.73 16.97 45.46
CA PRO H 157 27.32 17.46 46.70
C PRO H 157 28.72 16.93 47.00
N THR H 158 29.13 15.84 46.35
CA THR H 158 30.46 15.27 46.60
C THR H 158 31.55 15.81 45.68
N TRP H 159 31.20 16.67 44.74
CA TRP H 159 32.14 17.13 43.73
C TRP H 159 32.93 18.29 44.25
N THR H 160 34.03 18.63 43.57
CA THR H 160 34.78 19.83 43.95
C THR H 160 34.03 21.11 43.60
N ASP H 161 34.44 22.21 44.24
CA ASP H 161 33.85 23.52 43.96
C ASP H 161 33.87 23.82 42.47
N GLU H 162 35.02 23.60 41.83
CA GLU H 162 35.18 23.89 40.41
C GLU H 162 34.32 23.00 39.51
N GLN H 163 34.21 21.71 39.85
CA GLN H 163 33.35 20.79 39.07
C GLN H 163 31.88 21.19 39.16
N ILE H 164 31.47 21.63 40.34
CA ILE H 164 30.10 22.08 40.54
C ILE H 164 29.85 23.37 39.77
N GLU H 165 30.82 24.29 39.83
CA GLU H 165 30.70 25.56 39.10
C GLU H 165 30.59 25.29 37.62
N LEU H 166 31.42 24.36 37.12
CA LEU H 166 31.43 24.10 35.70
C LEU H 166 30.12 23.46 35.24
N ARG H 167 29.54 22.61 36.08
CA ARG H 167 28.25 22.00 35.75
C ARG H 167 27.15 23.06 35.74
N ALA H 168 27.16 23.97 36.72
CA ALA H 168 26.19 25.06 36.75
C ALA H 168 26.32 25.90 35.50
N GLU H 169 27.54 26.04 34.97
CA GLU H 169 27.75 26.85 33.76
C GLU H 169 27.25 26.16 32.47
N TRP H 170 27.46 24.84 32.37
CA TRP H 170 27.32 24.13 31.10
C TRP H 170 26.16 23.16 30.99
N LEU H 171 25.51 22.79 32.10
CA LEU H 171 24.46 21.77 32.02
C LEU H 171 23.30 22.14 31.08
N HIS H 172 22.95 23.43 31.04
CA HIS H 172 21.84 23.90 30.19
C HIS H 172 22.11 23.63 28.73
N THR H 173 23.36 23.34 28.38
CA THR H 173 23.66 23.08 26.96
C THR H 173 23.28 21.65 26.57
N CYS H 174 22.85 20.86 27.55
CA CYS H 174 22.39 19.49 27.28
C CYS H 174 20.90 19.59 27.04
N GLN H 175 20.51 19.59 25.77
CA GLN H 175 19.11 19.79 25.38
C GLN H 175 18.18 18.77 26.08
N TYR H 176 17.08 19.25 26.69
CA TYR H 176 16.21 18.35 27.45
C TYR H 176 15.73 17.14 26.63
N THR H 177 15.24 17.41 25.42
CA THR H 177 14.73 16.30 24.60
C THR H 177 15.84 15.30 24.29
N ALA H 178 17.09 15.76 24.16
CA ALA H 178 18.19 14.84 23.88
C ALA H 178 18.51 13.96 25.08
N VAL H 179 18.46 14.55 26.27
CA VAL H 179 18.73 13.82 27.50
C VAL H 179 17.61 12.80 27.76
N LYS H 180 16.36 13.23 27.61
CA LYS H 180 15.23 12.31 27.81
C LYS H 180 15.35 11.13 26.84
N THR H 181 15.67 11.43 25.58
CA THR H 181 15.78 10.36 24.59
C THR H 181 16.91 9.38 24.94
N ALA H 182 18.04 9.89 25.44
CA ALA H 182 19.14 9.00 25.85
C ALA H 182 18.71 8.13 27.00
N PHE H 183 17.98 8.71 27.94
CA PHE H 183 17.56 7.97 29.14
C PHE H 183 16.62 6.85 28.72
N ASP H 184 15.70 7.17 27.82
CA ASP H 184 14.81 6.16 27.26
C ASP H 184 15.61 5.11 26.50
N GLY H 185 16.63 5.55 25.77
CA GLY H 185 17.48 4.61 25.04
C GLY H 185 18.17 3.59 25.91
N PHE H 186 18.54 3.97 27.14
CA PHE H 186 19.11 3.01 28.10
C PHE H 186 18.18 1.81 28.27
N HIS H 187 16.87 2.05 28.10
CA HIS H 187 15.83 1.03 28.27
C HIS H 187 15.34 0.41 26.98
N THR H 188 15.43 1.14 25.87
CA THR H 188 14.90 0.63 24.60
C THR H 188 15.93 0.01 23.69
N ASP H 189 17.19 0.42 23.81
CA ASP H 189 18.25 -0.16 22.99
C ASP H 189 18.81 -1.39 23.66
N ASP H 190 19.14 -2.39 22.84
CA ASP H 190 19.80 -3.60 23.29
C ASP H 190 21.26 -3.56 22.87
N ILE H 191 22.16 -3.36 23.83
CA ILE H 191 23.59 -3.34 23.52
C ILE H 191 24.21 -4.71 23.69
N HIS H 192 23.48 -5.64 24.32
CA HIS H 192 24.00 -7.00 24.50
C HIS H 192 24.05 -7.75 23.20
N THR H 193 23.02 -7.59 22.34
CA THR H 193 23.07 -8.17 20.99
CA THR H 193 23.09 -8.19 21.00
C THR H 193 24.20 -7.56 20.15
N ASP H 194 24.57 -6.30 20.43
CA ASP H 194 25.75 -5.67 19.77
C ASP H 194 27.07 -6.29 20.27
N LEU H 195 27.20 -6.42 21.59
CA LEU H 195 28.42 -7.02 22.17
C LEU H 195 28.69 -8.40 21.60
N ALA H 196 27.63 -9.17 21.36
CA ALA H 196 27.75 -10.53 20.80
C ALA H 196 28.42 -10.54 19.43
N GLN H 197 28.44 -9.39 18.75
CA GLN H 197 29.01 -9.28 17.41
C GLN H 197 30.44 -8.70 17.38
N LEU H 198 30.93 -8.25 18.53
CA LEU H 198 32.20 -7.54 18.59
C LEU H 198 33.38 -8.49 18.82
N THR H 199 34.38 -8.40 17.97
CA THR H 199 35.58 -9.21 18.17
C THR H 199 36.82 -8.35 18.38
N LEU H 200 36.69 -7.02 18.22
CA LEU H 200 37.82 -6.12 18.44
C LEU H 200 38.14 -6.05 19.96
N PRO H 201 39.34 -5.55 20.34
CA PRO H 201 39.66 -5.52 21.77
C PRO H 201 38.75 -4.59 22.57
N ILE H 202 38.37 -5.02 23.77
CA ILE H 202 37.47 -4.25 24.65
C ILE H 202 38.02 -4.27 26.08
N GLN H 203 38.18 -3.08 26.63
CA GLN H 203 38.69 -2.89 27.98
C GLN H 203 37.51 -2.35 28.80
N LEU H 204 36.91 -3.20 29.62
CA LEU H 204 35.76 -2.82 30.45
C LEU H 204 36.24 -2.31 31.81
N VAL H 205 35.75 -1.14 32.20
CA VAL H 205 36.07 -0.52 33.48
C VAL H 205 34.75 -0.32 34.21
N VAL H 206 34.67 -0.87 35.43
CA VAL H 206 33.42 -0.89 36.22
C VAL H 206 33.61 -0.10 37.52
N ALA H 207 32.61 0.70 37.87
CA ALA H 207 32.54 1.39 39.14
C ALA H 207 32.08 0.37 40.19
N GLY H 208 33.01 -0.01 41.04
CA GLY H 208 32.74 -1.06 42.03
C GLY H 208 31.74 -0.64 43.09
N GLY H 209 31.74 0.66 43.42
CA GLY H 209 30.82 1.18 44.43
C GLY H 209 29.41 1.45 43.94
N ALA H 210 29.20 1.42 42.63
CA ALA H 210 27.91 1.73 42.04
C ALA H 210 27.14 0.47 41.69
N GLU H 211 25.87 0.63 41.36
CA GLU H 211 25.01 -0.50 41.00
C GLU H 211 24.66 -0.53 39.52
N VAL H 212 25.39 0.26 38.73
CA VAL H 212 25.15 0.31 37.28
C VAL H 212 25.53 -1.02 36.66
N ILE H 213 26.74 -1.51 37.00
CA ILE H 213 27.15 -2.83 36.57
C ILE H 213 27.51 -3.67 37.77
N GLN H 214 26.68 -4.67 38.04
CA GLN H 214 26.89 -5.62 39.13
C GLN H 214 27.78 -6.78 38.65
N PRO H 215 28.43 -7.49 39.58
CA PRO H 215 29.29 -8.61 39.20
C PRO H 215 28.64 -9.56 38.20
N ASP H 216 27.38 -9.94 38.41
CA ASP H 216 26.70 -10.81 37.46
C ASP H 216 26.49 -10.17 36.09
N ASP H 217 26.42 -8.83 36.01
CA ASP H 217 26.35 -8.17 34.72
C ASP H 217 27.68 -8.30 33.97
N ILE H 218 28.78 -8.25 34.72
CA ILE H 218 30.11 -8.50 34.10
C ILE H 218 30.19 -9.90 33.49
N ALA H 219 29.64 -10.89 34.22
CA ALA H 219 29.59 -12.25 33.70
C ALA H 219 28.93 -12.34 32.31
N GLU H 220 27.79 -11.66 32.13
CA GLU H 220 27.10 -11.74 30.84
C GLU H 220 27.93 -11.08 29.75
N ILE H 221 28.56 -9.95 30.08
CA ILE H 221 29.38 -9.24 29.09
C ILE H 221 30.54 -10.14 28.62
N ILE H 222 31.21 -10.80 29.56
CA ILE H 222 32.29 -11.72 29.17
C ILE H 222 31.79 -12.83 28.27
N SER H 223 30.62 -13.41 28.59
CA SER H 223 30.10 -14.50 27.77
C SER H 223 29.82 -14.04 26.34
N LEU H 224 29.44 -12.77 26.18
CA LEU H 224 29.11 -12.22 24.85
C LEU H 224 30.35 -11.86 24.05
N ALA H 225 31.37 -11.35 24.74
CA ALA H 225 32.61 -10.88 24.13
C ALA H 225 33.78 -11.28 25.03
N PRO H 226 34.21 -12.54 24.94
CA PRO H 226 35.11 -13.08 25.96
C PRO H 226 36.51 -12.48 25.94
N GLN H 227 36.88 -11.82 24.85
CA GLN H 227 38.15 -11.06 24.81
C GLN H 227 38.16 -9.87 25.75
N THR H 228 36.98 -9.46 26.23
CA THR H 228 36.88 -8.28 27.08
C THR H 228 37.75 -8.44 28.32
N THR H 229 38.59 -7.44 28.57
CA THR H 229 39.34 -7.38 29.84
C THR H 229 38.49 -6.64 30.87
N THR H 230 38.67 -6.98 32.13
CA THR H 230 37.83 -6.37 33.16
C THR H 230 38.65 -5.73 34.26
N TYR H 231 38.30 -4.50 34.60
CA TYR H 231 38.95 -3.77 35.67
C TYR H 231 37.81 -3.17 36.50
N VAL H 232 37.79 -3.47 37.79
CA VAL H 232 36.85 -2.84 38.72
C VAL H 232 37.60 -1.83 39.57
N VAL H 233 37.17 -0.57 39.51
CA VAL H 233 37.69 0.45 40.40
C VAL H 233 36.93 0.30 41.71
N GLU H 234 37.55 -0.39 42.67
CA GLU H 234 36.80 -0.75 43.88
C GLU H 234 36.32 0.48 44.64
N GLU H 235 35.08 0.41 45.11
CA GLU H 235 34.44 1.44 45.94
C GLU H 235 34.07 2.75 45.22
N ALA H 236 34.46 2.90 43.95
CA ALA H 236 34.17 4.12 43.22
C ALA H 236 32.74 4.16 42.70
N GLY H 237 32.12 5.34 42.74
CA GLY H 237 30.79 5.50 42.16
C GLY H 237 30.82 5.65 40.63
N HIS H 238 29.64 5.77 40.05
CA HIS H 238 29.46 5.74 38.60
C HIS H 238 30.26 6.82 37.89
N MSE H 239 30.32 8.01 38.48
CA MSE H 239 31.13 9.10 37.90
C MSE H 239 32.54 8.89 38.37
O MSE H 239 33.05 9.66 39.20
CB MSE H 239 30.56 10.46 38.34
CG MSE H 239 29.06 10.62 37.99
SE MSE H 239 28.73 10.63 36.03
CE MSE H 239 29.46 12.41 35.60
N ILE H 240 33.21 7.88 37.83
CA ILE H 240 34.48 7.41 38.43
C ILE H 240 35.53 8.50 38.62
N PRO H 241 35.83 9.30 37.58
CA PRO H 241 36.89 10.31 37.80
C PRO H 241 36.57 11.41 38.81
N TRP H 242 35.27 11.62 39.09
CA TRP H 242 34.85 12.57 40.12
C TRP H 242 34.98 11.98 41.49
N ASP H 243 34.92 10.67 41.59
CA ASP H 243 35.03 10.00 42.90
C ASP H 243 36.47 9.57 43.20
N ASN H 244 37.17 9.07 42.18
CA ASN H 244 38.53 8.56 42.33
C ASN H 244 39.30 8.78 41.03
N LEU H 245 39.87 9.98 40.87
CA LEU H 245 40.52 10.34 39.61
C LEU H 245 41.72 9.44 39.35
N GLU H 246 42.56 9.23 40.35
CA GLU H 246 43.74 8.37 40.14
C GLU H 246 43.36 6.95 39.81
N GLY H 247 42.35 6.42 40.51
CA GLY H 247 41.85 5.08 40.21
C GLY H 247 41.33 4.95 38.81
N PHE H 248 40.62 5.99 38.34
CA PHE H 248 40.16 6.02 36.96
C PHE H 248 41.33 5.97 35.98
N ILE H 249 42.32 6.81 36.21
CA ILE H 249 43.45 6.90 35.29
CA ILE H 249 43.47 6.91 35.31
C ILE H 249 44.19 5.56 35.23
N THR H 250 44.37 4.92 36.38
CA THR H 250 44.98 3.57 36.39
C THR H 250 44.16 2.56 35.57
N ALA H 251 42.84 2.59 35.73
CA ALA H 251 41.96 1.62 35.04
C ALA H 251 41.98 1.76 33.53
N VAL H 252 42.10 2.97 33.02
CA VAL H 252 42.03 3.23 31.58
CA VAL H 252 42.03 3.12 31.58
C VAL H 252 43.40 3.16 30.90
N SER H 253 44.44 3.56 31.64
CA SER H 253 45.80 3.61 31.05
C SER H 253 46.67 2.42 31.38
N ASN H 254 46.28 1.67 32.42
CA ASN H 254 47.13 0.65 33.07
C ASN H 254 48.48 1.20 33.51
N ARG H 255 48.55 2.53 33.64
CA ARG H 255 49.77 3.29 33.93
C ARG H 255 50.92 2.91 33.00
C ACY I . -0.70 42.28 8.63
O ACY I . -0.43 41.10 8.96
OXT ACY I . -0.85 42.61 7.42
CH3 ACY I . -0.89 43.30 9.72
C ACY J . 10.84 24.27 10.35
O ACY J . 11.83 24.58 11.07
OXT ACY J . 9.90 25.08 10.16
CH3 ACY J . 10.75 22.90 9.73
C ACY K . -9.93 -38.77 18.83
O ACY K . -9.68 -39.96 19.08
OXT ACY K . -10.05 -37.87 19.74
CH3 ACY K . -10.11 -38.45 17.38
C ACY L . 44.68 -15.68 -14.28
O ACY L . 45.65 -16.30 -14.84
OXT ACY L . 44.69 -14.45 -14.08
CH3 ACY L . 43.49 -16.42 -13.79
C ACY M . 7.61 -4.38 -34.94
O ACY M . 7.65 -3.59 -33.96
OXT ACY M . 7.28 -5.59 -34.80
CH3 ACY M . 7.98 -3.90 -36.31
C ACY N . -35.64 -14.07 -3.37
O ACY N . -34.76 -14.95 -3.63
OXT ACY N . -35.75 -13.08 -4.08
CH3 ACY N . -36.56 -14.21 -2.18
C ACY O . -29.82 15.45 -20.57
O ACY O . -30.31 14.40 -20.11
OXT ACY O . -29.46 16.40 -19.82
CH3 ACY O . -29.67 15.58 -22.04
C ACY P . -0.50 7.97 13.48
O ACY P . -1.51 7.59 14.14
OXT ACY P . -0.16 9.17 13.42
CH3 ACY P . 0.34 6.97 12.76
C ACY Q . -21.91 9.58 26.52
O ACY Q . -22.12 8.64 25.72
OXT ACY Q . -20.96 9.57 27.32
CH3 ACY Q . -22.83 10.76 26.50
C ACY R . 26.58 12.18 33.22
O ACY R . 27.47 11.32 32.98
OXT ACY R . 26.48 13.21 32.53
CH3 ACY R . 25.61 12.02 34.37
C1 PEG S . 22.23 10.78 41.48
O1 PEG S . 23.62 11.09 41.30
C2 PEG S . 21.62 10.19 40.21
O2 PEG S . 20.25 9.84 40.46
C3 PEG S . 20.11 8.48 40.90
C4 PEG S . 19.37 8.36 42.23
O4 PEG S . 18.82 7.04 42.36
#